data_9BF5
#
_entry.id   9BF5
#
_cell.length_a   1.00
_cell.length_b   1.00
_cell.length_c   1.00
_cell.angle_alpha   90.00
_cell.angle_beta   90.00
_cell.angle_gamma   90.00
#
_symmetry.space_group_name_H-M   'P 1'
#
loop_
_entity.id
_entity.type
_entity.pdbx_description
1 polymer ssDNA1
2 polymer ssDNA2
3 polymer 'Helicase/UvrB N-terminal domain-containing protein'
#
loop_
_entity_poly.entity_id
_entity_poly.type
_entity_poly.pdbx_seq_one_letter_code
_entity_poly.pdbx_strand_id
1 'polydeoxyribonucleotide' (DG)(DT)(DG)(DA)(DG)(DG)(DA)(DG)(DT)(DC)(DC)(DA)(DT)(DG) A
2 'polydeoxyribonucleotide' (DG)(DT)(DG)(DA)(DG)(DG)(DA)(DG)(DT)(DC)(DC)(DA)(DT) B
3 'polypeptide(L)'
;MNVSIEEFTHFDFQLVPEPSPLDLVITEPLKNHIEVNGVKSGALLPLPFQTGIGKTYTALNFLLQQMLEQVRSELKEENT
GKKSKRLLYYVTDSVDNVVSAKADLLKLIEKQTVKGEPRFTLEQQEYLKAQIVHLPNQSEQLLQCSDAVLNDVLIGFNLN
AERDVQAEWSAISGLRRHASNPEVKISLNRQAGYFYRNLIDRLQKKQKGADRVLLSGSLLASVETLLPGEKIRNGSAHVA
FLTTSKFLKGFHNTRSRYSPLRDLSGAVLIIDEIDKQNQVILSELCKQQAQDLIWAIRTLRANFRDHQLESSPRYDKIED
LFEPLRERLEEFGTNWNLAFAFNTEGANLNERPVRLFSDRSFTHVSSATHKLSLKSDFLRRKNLIFSDEKVEGSLIEKHG
LLTRFVNEADVIYQWFLGTMRKAVFQYWENVRGLEIEVRENRSLEGTFQEAVQSLLTHFNLQEFESAVYESFDTRGLRQS
AGGKANKLSSSKSYHHTGLKLVEVAHNQGTRDTVNCKASFLNTSPSGVLADMVDAGAVILGISATARADTVIHNFDFKYL
NERLGNKLLSLSREQKQRVNNYYHSRRNYKDNGVVLTVKYLNSRDAFLDALLEEYKPEARSSHFILNHYLGIAESEQAFV
RSWLSKLLASIKAFISSPDNRYMLSLLNRTLDTTRQNINDFIQFCCDKWAKEFNVKTKTFFGVNADWMRLVGYDEISKHL
NTELGKVVVFSTYASMGAGKNPDYAVNLALEGESLISVADVTYSTQLRSDIDSIYLEKPTQLLLSDDYSHTANQLCQFHQ
ILSLQENGELSPKSAENWCRQQLMGMSRERSLQQYHQTSDYQSAVRKYIEQAVGRAGRTSLKRKQILLFVDSGLKEILAE
ESRDPSLFSHEYVALVNKAKSAGKSIVEDRAVRRLFNLAQRNNKDGMLSIKALVHRLHNQPASKSDIQEWQDIRTQLLRY
PTVAFQPERFNRLYLQSMTKGYYRYQGNLDGDPNSFEFFDRVPYGDMVSEEDCSLATLVQNQYVRPWFERKGFACSWQKE
ANVMTPIMFTNIYKGALGEQAVEAVLTAFDFTFEEVPNSIYERFDNRVIFAGIEQPIWLDSKYWKHEGNESSEGYSSKIA
LVEEEFGPSKFIYVNALGDTSKPIRYLNSCFVETSPQLAKVIEIPALIDDSNADTNRTAVQELIKWLHHS
;
C,D
#
# COMPACT_ATOMS: atom_id res chain seq x y z
N MET C 1 -10.08 -46.00 9.02
CA MET C 1 -11.54 -45.93 8.90
C MET C 1 -12.10 -44.80 9.75
N ASN C 2 -13.06 -45.13 10.62
CA ASN C 2 -13.72 -44.14 11.45
C ASN C 2 -13.66 -44.54 12.93
N VAL C 3 -12.47 -44.90 13.41
CA VAL C 3 -12.32 -45.28 14.80
C VAL C 3 -12.73 -44.14 15.71
N SER C 4 -13.54 -44.45 16.72
CA SER C 4 -14.11 -43.46 17.62
C SER C 4 -13.63 -43.69 19.04
N ILE C 5 -14.02 -42.76 19.93
CA ILE C 5 -13.63 -42.84 21.33
C ILE C 5 -14.29 -43.99 22.08
N GLU C 6 -15.35 -44.59 21.51
CA GLU C 6 -16.05 -45.68 22.15
C GLU C 6 -15.32 -47.01 22.05
N GLU C 7 -14.04 -47.00 21.66
CA GLU C 7 -13.26 -48.22 21.52
C GLU C 7 -12.28 -48.44 22.66
N PHE C 8 -12.08 -47.45 23.53
CA PHE C 8 -11.15 -47.56 24.64
C PHE C 8 -11.84 -47.93 25.95
N THR C 9 -13.00 -48.58 25.89
CA THR C 9 -13.71 -48.94 27.11
C THR C 9 -13.05 -50.09 27.85
N HIS C 10 -12.58 -51.10 27.11
CA HIS C 10 -11.98 -52.29 27.72
C HIS C 10 -10.46 -52.13 27.70
N PHE C 11 -9.95 -51.34 28.66
CA PHE C 11 -8.52 -51.14 28.80
C PHE C 11 -8.25 -50.61 30.20
N ASP C 12 -7.43 -51.31 30.96
CA ASP C 12 -7.13 -50.92 32.33
C ASP C 12 -6.20 -49.71 32.33
N PHE C 13 -6.68 -48.58 32.85
CA PHE C 13 -5.89 -47.36 32.89
C PHE C 13 -5.12 -47.23 34.20
N GLN C 14 -4.37 -48.26 34.56
CA GLN C 14 -3.62 -48.23 35.82
C GLN C 14 -2.23 -48.83 35.76
N LEU C 15 -1.88 -49.60 34.73
CA LEU C 15 -0.59 -50.28 34.67
C LEU C 15 0.36 -49.51 33.77
N VAL C 16 1.58 -49.33 34.25
CA VAL C 16 2.61 -48.56 33.54
C VAL C 16 3.94 -49.28 33.67
N PRO C 17 4.88 -49.03 32.75
CA PRO C 17 6.22 -49.63 32.87
C PRO C 17 6.98 -49.14 34.10
N GLU C 18 8.16 -49.69 34.31
CA GLU C 18 8.95 -49.35 35.50
C GLU C 18 9.37 -47.90 35.44
N PRO C 19 8.95 -47.06 36.40
CA PRO C 19 9.34 -45.64 36.36
C PRO C 19 10.81 -45.46 36.70
N SER C 20 11.57 -44.95 35.74
CA SER C 20 12.99 -44.67 35.94
C SER C 20 13.15 -43.53 36.95
N PRO C 21 14.31 -43.43 37.60
CA PRO C 21 14.51 -42.33 38.56
C PRO C 21 14.44 -40.96 37.93
N LEU C 22 14.68 -40.84 36.62
CA LEU C 22 14.56 -39.58 35.91
C LEU C 22 13.13 -39.22 35.56
N ASP C 23 12.14 -39.90 36.13
CA ASP C 23 10.74 -39.65 35.85
C ASP C 23 9.99 -39.03 37.02
N LEU C 24 10.24 -39.49 38.25
CA LEU C 24 9.58 -38.92 39.42
C LEU C 24 9.97 -37.47 39.65
N VAL C 25 11.14 -37.06 39.14
CA VAL C 25 11.59 -35.68 39.30
C VAL C 25 10.66 -34.69 38.60
N ILE C 26 9.79 -35.19 37.71
CA ILE C 26 8.80 -34.33 37.07
C ILE C 26 7.47 -34.40 37.79
N THR C 27 7.08 -35.59 38.26
CA THR C 27 5.74 -35.79 38.81
C THR C 27 5.62 -35.35 40.28
N GLU C 28 6.71 -35.39 41.05
CA GLU C 28 6.60 -35.02 42.46
C GLU C 28 6.47 -33.51 42.64
N PRO C 29 7.38 -32.69 42.09
CA PRO C 29 7.22 -31.24 42.26
C PRO C 29 5.94 -30.70 41.63
N LEU C 30 5.47 -31.31 40.53
CA LEU C 30 4.22 -30.86 39.94
C LEU C 30 3.04 -31.12 40.89
N LYS C 31 3.00 -32.29 41.52
CA LYS C 31 1.93 -32.57 42.47
C LYS C 31 2.02 -31.67 43.69
N ASN C 32 3.25 -31.38 44.15
CA ASN C 32 3.40 -30.43 45.25
C ASN C 32 2.91 -29.03 44.87
N HIS C 33 3.24 -28.58 43.67
CA HIS C 33 2.80 -27.27 43.21
C HIS C 33 1.29 -27.21 43.05
N ILE C 34 0.66 -28.34 42.69
CA ILE C 34 -0.79 -28.36 42.53
C ILE C 34 -1.47 -28.05 43.86
N GLU C 35 -1.01 -28.67 44.95
CA GLU C 35 -1.62 -28.40 46.26
C GLU C 35 -1.16 -27.08 46.87
N VAL C 36 0.08 -26.65 46.61
CA VAL C 36 0.54 -25.38 47.16
C VAL C 36 -0.20 -24.21 46.51
N ASN C 37 -0.05 -24.05 45.20
CA ASN C 37 -0.78 -23.04 44.45
C ASN C 37 -2.18 -23.56 44.15
N GLY C 38 -2.91 -22.85 43.28
CA GLY C 38 -4.21 -23.30 42.87
C GLY C 38 -4.16 -24.36 41.80
N VAL C 39 -5.36 -24.80 41.38
CA VAL C 39 -5.48 -25.78 40.31
C VAL C 39 -5.12 -25.20 38.95
N LYS C 40 -5.43 -23.93 38.71
CA LYS C 40 -5.19 -23.26 37.43
C LYS C 40 -4.06 -22.26 37.61
N SER C 41 -2.82 -22.72 37.40
CA SER C 41 -1.66 -21.85 37.50
C SER C 41 -0.51 -22.47 36.72
N GLY C 42 0.44 -21.61 36.31
CA GLY C 42 1.57 -22.05 35.54
C GLY C 42 2.78 -22.41 36.38
N ALA C 43 3.81 -22.93 35.71
CA ALA C 43 5.02 -23.35 36.38
C ALA C 43 6.19 -23.31 35.39
N LEU C 44 7.40 -23.27 35.94
CA LEU C 44 8.63 -23.30 35.17
C LEU C 44 9.56 -24.34 35.80
N LEU C 45 10.02 -25.30 34.99
CA LEU C 45 10.84 -26.41 35.47
C LEU C 45 12.05 -26.61 34.58
N PRO C 46 13.14 -25.89 34.84
CA PRO C 46 14.40 -26.16 34.12
C PRO C 46 15.00 -27.49 34.57
N LEU C 47 15.12 -28.43 33.64
CA LEU C 47 15.64 -29.76 33.95
C LEU C 47 17.02 -29.95 33.34
N PRO C 48 18.08 -29.95 34.13
CA PRO C 48 19.45 -30.11 33.59
C PRO C 48 19.92 -31.55 33.42
N PHE C 49 19.45 -32.18 32.34
CA PHE C 49 19.89 -33.53 31.99
C PHE C 49 21.20 -33.46 31.22
N GLN C 50 21.63 -34.59 30.66
CA GLN C 50 22.86 -34.65 29.90
C GLN C 50 22.63 -35.49 28.65
N THR C 51 23.43 -35.22 27.62
CA THR C 51 23.33 -35.94 26.36
C THR C 51 23.95 -37.33 26.49
N GLY C 52 23.38 -38.30 25.80
CA GLY C 52 23.87 -39.66 25.82
C GLY C 52 23.36 -40.52 26.95
N ILE C 53 22.45 -40.00 27.78
CA ILE C 53 21.88 -40.77 28.89
C ILE C 53 20.40 -41.04 28.71
N GLY C 54 19.72 -40.36 27.79
CA GLY C 54 18.30 -40.56 27.58
C GLY C 54 17.46 -39.41 28.10
N LYS C 55 17.01 -38.54 27.19
CA LYS C 55 16.23 -37.38 27.56
C LYS C 55 14.97 -37.28 26.72
N THR C 56 15.04 -37.73 25.47
CA THR C 56 13.87 -37.72 24.61
C THR C 56 12.77 -38.63 25.15
N TYR C 57 13.16 -39.81 25.65
CA TYR C 57 12.18 -40.78 26.13
C TYR C 57 11.34 -40.21 27.26
N THR C 58 11.95 -39.41 28.14
CA THR C 58 11.21 -38.84 29.26
C THR C 58 10.12 -37.88 28.78
N ALA C 59 10.47 -36.98 27.86
CA ALA C 59 9.47 -36.04 27.34
C ALA C 59 8.38 -36.77 26.56
N LEU C 60 8.77 -37.77 25.77
CA LEU C 60 7.76 -38.53 25.02
C LEU C 60 6.81 -39.26 25.98
N ASN C 61 7.35 -39.83 27.05
CA ASN C 61 6.49 -40.49 28.04
C ASN C 61 5.57 -39.50 28.72
N PHE C 62 6.07 -38.30 29.06
CA PHE C 62 5.22 -37.26 29.63
C PHE C 62 4.05 -36.96 28.69
N LEU C 63 4.36 -36.74 27.41
CA LEU C 63 3.32 -36.46 26.43
C LEU C 63 2.31 -37.60 26.36
N LEU C 64 2.81 -38.85 26.34
CA LEU C 64 1.95 -40.01 26.19
C LEU C 64 1.01 -40.17 27.38
N GLN C 65 1.53 -40.02 28.60
CA GLN C 65 0.66 -40.09 29.77
C GLN C 65 -0.37 -38.97 29.75
N GLN C 66 0.01 -37.78 29.27
CA GLN C 66 -0.98 -36.71 29.19
C GLN C 66 -2.10 -37.03 28.21
N MET C 67 -1.77 -37.56 27.02
CA MET C 67 -2.83 -37.89 26.08
C MET C 67 -3.71 -39.01 26.62
N LEU C 68 -3.10 -40.00 27.28
CA LEU C 68 -3.89 -41.07 27.86
C LEU C 68 -4.82 -40.56 28.95
N GLU C 69 -4.35 -39.61 29.76
CA GLU C 69 -5.20 -39.03 30.79
C GLU C 69 -6.38 -38.29 30.16
N GLN C 70 -6.14 -37.53 29.10
CA GLN C 70 -7.23 -36.83 28.43
C GLN C 70 -8.23 -37.82 27.83
N VAL C 71 -7.74 -38.90 27.22
CA VAL C 71 -8.63 -39.90 26.65
C VAL C 71 -9.49 -40.55 27.73
N ARG C 72 -8.88 -40.88 28.87
CA ARG C 72 -9.65 -41.44 29.98
C ARG C 72 -10.72 -40.47 30.47
N SER C 73 -10.35 -39.19 30.61
CA SER C 73 -11.29 -38.21 31.11
C SER C 73 -12.42 -37.91 30.14
N GLU C 74 -12.20 -38.12 28.83
CA GLU C 74 -13.25 -37.87 27.87
C GLU C 74 -14.44 -38.81 28.06
N LEU C 75 -14.18 -40.08 28.38
CA LEU C 75 -15.23 -41.10 28.42
C LEU C 75 -16.15 -40.95 29.61
N LYS C 76 -15.72 -40.28 30.68
CA LYS C 76 -16.51 -40.26 31.92
C LYS C 76 -17.70 -39.30 31.80
N GLU C 77 -17.44 -38.02 31.57
CA GLU C 77 -18.52 -37.04 31.53
C GLU C 77 -19.39 -37.24 30.29
N GLU C 78 -18.81 -37.08 29.11
CA GLU C 78 -19.51 -37.26 27.83
C GLU C 78 -20.77 -36.42 27.74
N ASN C 79 -21.93 -37.04 28.01
CA ASN C 79 -23.20 -36.35 27.85
C ASN C 79 -23.36 -35.22 28.87
N THR C 80 -22.99 -35.46 30.12
CA THR C 80 -23.17 -34.47 31.18
C THR C 80 -22.01 -33.49 31.24
N GLY C 81 -21.73 -32.83 30.12
CA GLY C 81 -20.69 -31.84 30.05
C GLY C 81 -19.84 -31.94 28.80
N LYS C 82 -19.71 -30.83 28.07
CA LYS C 82 -18.93 -30.78 26.85
C LYS C 82 -18.02 -29.57 26.90
N LYS C 83 -16.75 -29.76 26.53
CA LYS C 83 -15.77 -28.68 26.54
C LYS C 83 -14.78 -28.92 25.40
N SER C 84 -13.69 -28.16 25.40
CA SER C 84 -12.66 -28.30 24.39
C SER C 84 -11.60 -29.30 24.86
N LYS C 85 -10.50 -29.40 24.13
CA LYS C 85 -9.42 -30.31 24.46
C LYS C 85 -8.16 -29.52 24.79
N ARG C 86 -7.37 -30.06 25.72
CA ARG C 86 -6.10 -29.44 26.07
C ARG C 86 -5.12 -29.54 24.91
N LEU C 87 -4.20 -28.59 24.84
CA LEU C 87 -3.24 -28.49 23.74
C LEU C 87 -1.84 -28.79 24.27
N LEU C 88 -1.10 -29.60 23.52
CA LEU C 88 0.25 -30.01 23.89
C LEU C 88 1.19 -29.68 22.73
N TYR C 89 2.31 -29.04 23.04
CA TYR C 89 3.22 -28.54 22.03
C TYR C 89 4.61 -29.15 22.18
N TYR C 90 5.43 -28.95 21.16
CA TYR C 90 6.83 -29.36 21.19
C TYR C 90 7.60 -28.45 20.24
N VAL C 91 8.40 -27.55 20.79
CA VAL C 91 9.10 -26.54 20.00
C VAL C 91 10.61 -26.74 20.14
N THR C 92 11.33 -26.40 19.07
CA THR C 92 12.78 -26.41 19.05
C THR C 92 13.25 -25.35 18.07
N ASP C 93 14.51 -25.43 17.65
CA ASP C 93 15.11 -24.42 16.79
C ASP C 93 15.42 -24.90 15.38
N SER C 94 15.35 -26.20 15.11
CA SER C 94 15.68 -26.74 13.81
C SER C 94 14.60 -27.70 13.33
N VAL C 95 14.47 -27.81 12.00
CA VAL C 95 13.45 -28.66 11.42
C VAL C 95 13.78 -30.13 11.60
N ASP C 96 15.06 -30.49 11.44
CA ASP C 96 15.45 -31.89 11.56
C ASP C 96 15.12 -32.45 12.94
N ASN C 97 15.27 -31.62 13.98
CA ASN C 97 14.89 -32.06 15.32
C ASN C 97 13.40 -32.37 15.39
N VAL C 98 12.56 -31.53 14.78
CA VAL C 98 11.13 -31.77 14.76
C VAL C 98 10.81 -33.09 14.06
N VAL C 99 11.43 -33.31 12.90
CA VAL C 99 11.15 -34.51 12.12
C VAL C 99 11.59 -35.76 12.90
N SER C 100 12.79 -35.72 13.49
CA SER C 100 13.29 -36.87 14.23
C SER C 100 12.45 -37.14 15.48
N ALA C 101 12.02 -36.08 16.17
CA ALA C 101 11.18 -36.26 17.34
C ALA C 101 9.84 -36.90 16.97
N LYS C 102 9.22 -36.43 15.88
CA LYS C 102 7.96 -37.02 15.45
C LYS C 102 8.13 -38.48 15.07
N ALA C 103 9.21 -38.80 14.33
CA ALA C 103 9.46 -40.18 13.95
C ALA C 103 9.68 -41.06 15.17
N ASP C 104 10.44 -40.58 16.15
CA ASP C 104 10.70 -41.36 17.36
C ASP C 104 9.42 -41.57 18.16
N LEU C 105 8.56 -40.53 18.25
CA LEU C 105 7.30 -40.70 18.96
C LEU C 105 6.42 -41.74 18.28
N LEU C 106 6.34 -41.70 16.94
CA LEU C 106 5.53 -42.69 16.23
C LEU C 106 6.09 -44.09 16.42
N LYS C 107 7.41 -44.24 16.35
CA LYS C 107 8.01 -45.57 16.55
C LYS C 107 7.77 -46.07 17.96
N LEU C 108 7.88 -45.19 18.96
CA LEU C 108 7.63 -45.59 20.35
C LEU C 108 6.18 -46.03 20.55
N ILE C 109 5.24 -45.32 19.94
CA ILE C 109 3.84 -45.74 20.01
C ILE C 109 3.65 -47.08 19.31
N GLU C 110 4.37 -47.30 18.21
CA GLU C 110 4.26 -48.56 17.48
C GLU C 110 4.72 -49.75 18.32
N LYS C 111 5.84 -49.60 19.03
CA LYS C 111 6.46 -50.70 19.75
C LYS C 111 6.54 -50.36 21.23
N GLN C 112 5.82 -51.11 22.06
CA GLN C 112 5.84 -50.94 23.51
C GLN C 112 5.24 -52.15 24.20
N THR C 113 5.94 -52.69 25.20
CA THR C 113 5.51 -53.88 25.90
C THR C 113 5.49 -53.65 27.40
N VAL C 114 4.55 -54.32 28.07
CA VAL C 114 4.43 -54.29 29.52
C VAL C 114 4.44 -55.74 30.01
N LYS C 115 5.43 -56.07 30.84
CA LYS C 115 5.61 -57.44 31.33
C LYS C 115 5.69 -58.44 30.19
N GLY C 116 6.42 -58.07 29.14
CA GLY C 116 6.55 -58.93 27.97
C GLY C 116 5.26 -59.14 27.21
N GLU C 117 4.41 -58.12 27.13
CA GLU C 117 3.13 -58.22 26.44
C GLU C 117 2.82 -56.88 25.78
N PRO C 118 2.39 -56.88 24.51
CA PRO C 118 2.06 -55.61 23.85
C PRO C 118 0.96 -54.87 24.59
N ARG C 119 1.06 -53.54 24.58
CA ARG C 119 0.16 -52.70 25.37
C ARG C 119 -1.10 -52.31 24.60
N PHE C 120 -0.97 -51.96 23.32
CA PHE C 120 -2.08 -51.48 22.53
C PHE C 120 -2.37 -52.45 21.39
N THR C 121 -3.63 -52.48 20.97
CA THR C 121 -4.03 -53.24 19.79
C THR C 121 -3.76 -52.43 18.53
N LEU C 122 -4.15 -52.98 17.38
CA LEU C 122 -3.90 -52.29 16.11
C LEU C 122 -4.81 -51.08 15.95
N GLU C 123 -6.10 -51.24 16.27
CA GLU C 123 -7.02 -50.12 16.14
C GLU C 123 -6.69 -48.99 17.12
N GLN C 124 -6.28 -49.34 18.33
CA GLN C 124 -5.85 -48.33 19.29
C GLN C 124 -4.60 -47.61 18.82
N GLN C 125 -3.65 -48.35 18.23
CA GLN C 125 -2.47 -47.71 17.65
C GLN C 125 -2.84 -46.76 16.54
N GLU C 126 -3.78 -47.15 15.68
CA GLU C 126 -4.22 -46.28 14.59
C GLU C 126 -4.91 -45.04 15.12
N TYR C 127 -5.72 -45.17 16.17
CA TYR C 127 -6.33 -44.00 16.78
C TYR C 127 -5.27 -43.08 17.39
N LEU C 128 -4.26 -43.65 18.06
CA LEU C 128 -3.23 -42.82 18.68
C LEU C 128 -2.41 -42.08 17.63
N LYS C 129 -2.09 -42.73 16.52
CA LYS C 129 -1.25 -42.11 15.50
C LYS C 129 -1.99 -41.06 14.68
N ALA C 130 -3.30 -40.93 14.85
CA ALA C 130 -4.10 -39.97 14.08
C ALA C 130 -4.39 -38.69 14.86
N GLN C 131 -3.65 -38.44 15.93
CA GLN C 131 -3.86 -37.27 16.78
C GLN C 131 -2.69 -36.30 16.76
N ILE C 132 -1.65 -36.55 15.97
CA ILE C 132 -0.45 -35.72 15.92
C ILE C 132 -0.36 -35.06 14.55
N VAL C 133 -0.20 -33.75 14.52
CA VAL C 133 -0.05 -33.00 13.29
C VAL C 133 1.37 -32.44 13.21
N HIS C 134 1.70 -31.87 12.06
CA HIS C 134 3.01 -31.28 11.83
C HIS C 134 2.84 -30.13 10.85
N LEU C 135 3.36 -28.96 11.21
CA LEU C 135 3.14 -27.73 10.46
C LEU C 135 4.45 -27.19 9.90
N PRO C 136 4.76 -27.42 8.63
CA PRO C 136 5.94 -26.80 8.02
C PRO C 136 5.63 -25.44 7.44
N ASN C 137 6.61 -24.83 6.78
CA ASN C 137 6.39 -23.53 6.16
C ASN C 137 5.40 -23.63 5.00
N GLN C 138 5.08 -22.47 4.42
CA GLN C 138 4.09 -22.42 3.35
C GLN C 138 4.62 -23.05 2.07
N SER C 139 5.92 -22.92 1.81
CA SER C 139 6.48 -23.42 0.56
C SER C 139 6.42 -24.95 0.48
N GLU C 140 6.78 -25.63 1.58
CA GLU C 140 6.82 -27.10 1.55
C GLU C 140 5.43 -27.71 1.58
N GLN C 141 4.47 -27.06 2.25
CA GLN C 141 3.12 -27.60 2.33
C GLN C 141 2.48 -27.68 0.94
N LEU C 142 2.68 -26.65 0.11
CA LEU C 142 2.12 -26.68 -1.23
C LEU C 142 2.77 -27.77 -2.09
N LEU C 143 4.08 -27.97 -1.95
CA LEU C 143 4.77 -29.00 -2.71
C LEU C 143 4.46 -30.40 -2.23
N GLN C 144 3.98 -30.56 -0.99
CA GLN C 144 3.58 -31.89 -0.54
C GLN C 144 2.26 -32.35 -1.17
N CYS C 145 1.38 -31.40 -1.51
CA CYS C 145 0.12 -31.75 -2.14
C CYS C 145 0.35 -32.26 -3.56
N SER C 146 -0.50 -33.19 -4.00
CA SER C 146 -0.43 -33.72 -5.34
C SER C 146 -1.42 -32.98 -6.25
N ASP C 147 -1.46 -33.39 -7.52
CA ASP C 147 -2.32 -32.71 -8.49
C ASP C 147 -3.79 -32.94 -8.18
N ALA C 148 -4.15 -34.14 -7.74
CA ALA C 148 -5.55 -34.47 -7.52
C ALA C 148 -6.16 -33.60 -6.42
N VAL C 149 -5.42 -33.36 -5.34
CA VAL C 149 -5.95 -32.59 -4.22
C VAL C 149 -6.23 -31.15 -4.65
N LEU C 150 -5.26 -30.52 -5.32
CA LEU C 150 -5.46 -29.15 -5.79
C LEU C 150 -6.59 -29.07 -6.81
N ASN C 151 -6.67 -30.04 -7.71
CA ASN C 151 -7.76 -30.04 -8.68
C ASN C 151 -9.12 -30.16 -8.00
N ASP C 152 -9.23 -31.04 -7.01
CA ASP C 152 -10.49 -31.21 -6.29
C ASP C 152 -10.86 -29.93 -5.54
N VAL C 153 -9.89 -29.30 -4.88
CA VAL C 153 -10.17 -28.07 -4.15
C VAL C 153 -10.60 -26.97 -5.12
N LEU C 154 -9.92 -26.85 -6.26
CA LEU C 154 -10.28 -25.82 -7.24
C LEU C 154 -11.67 -26.05 -7.80
N ILE C 155 -12.04 -27.30 -8.06
CA ILE C 155 -13.36 -27.60 -8.60
C ILE C 155 -14.44 -27.32 -7.55
N GLY C 156 -14.18 -27.70 -6.29
CA GLY C 156 -15.20 -27.59 -5.26
C GLY C 156 -15.62 -26.17 -4.97
N PHE C 157 -14.66 -25.25 -4.88
CA PHE C 157 -14.93 -23.87 -4.51
C PHE C 157 -15.24 -22.98 -5.70
N ASN C 158 -15.35 -23.55 -6.90
CA ASN C 158 -15.62 -22.79 -8.14
C ASN C 158 -14.56 -21.71 -8.36
N LEU C 159 -13.30 -22.10 -8.20
CA LEU C 159 -12.17 -21.23 -8.47
C LEU C 159 -11.57 -21.46 -9.85
N ASN C 160 -12.02 -22.49 -10.58
CA ASN C 160 -11.49 -22.78 -11.89
C ASN C 160 -11.90 -21.75 -12.94
N ALA C 161 -12.98 -20.99 -12.69
CA ALA C 161 -13.43 -20.02 -13.67
C ALA C 161 -12.41 -18.90 -13.85
N GLU C 162 -11.80 -18.44 -12.76
CA GLU C 162 -10.88 -17.32 -12.83
C GLU C 162 -9.65 -17.67 -13.65
N ARG C 163 -9.29 -16.77 -14.57
CA ARG C 163 -8.19 -17.05 -15.51
C ARG C 163 -6.82 -16.88 -14.87
N ASP C 164 -6.66 -15.92 -13.96
CA ASP C 164 -5.37 -15.64 -13.35
C ASP C 164 -4.89 -16.81 -12.49
N VAL C 165 -5.78 -17.36 -11.68
CA VAL C 165 -5.42 -18.49 -10.83
C VAL C 165 -5.03 -19.68 -11.69
N GLN C 166 -5.80 -19.95 -12.75
CA GLN C 166 -5.46 -21.04 -13.65
C GLN C 166 -4.12 -20.80 -14.34
N ALA C 167 -3.84 -19.56 -14.74
CA ALA C 167 -2.56 -19.29 -15.39
C ALA C 167 -1.39 -19.55 -14.44
N GLU C 168 -1.48 -19.03 -13.22
CA GLU C 168 -0.41 -19.26 -12.25
C GLU C 168 -0.27 -20.74 -11.91
N TRP C 169 -1.39 -21.44 -11.72
CA TRP C 169 -1.34 -22.85 -11.38
C TRP C 169 -0.75 -23.67 -12.52
N SER C 170 -1.12 -23.34 -13.77
CA SER C 170 -0.57 -24.05 -14.92
C SER C 170 0.93 -23.81 -15.04
N ALA C 171 1.38 -22.57 -14.83
CA ALA C 171 2.81 -22.30 -14.86
C ALA C 171 3.55 -23.09 -13.81
N ILE C 172 3.03 -23.11 -12.57
CA ILE C 172 3.70 -23.83 -11.50
C ILE C 172 3.70 -25.32 -11.77
N SER C 173 2.59 -25.87 -12.25
CA SER C 173 2.51 -27.30 -12.55
C SER C 173 3.47 -27.70 -13.67
N GLY C 174 3.55 -26.88 -14.73
CA GLY C 174 4.51 -27.18 -15.77
C GLY C 174 5.94 -27.12 -15.29
N LEU C 175 6.25 -26.11 -14.46
CA LEU C 175 7.59 -26.00 -13.90
C LEU C 175 7.90 -27.14 -12.93
N ARG C 176 6.87 -27.72 -12.33
CA ARG C 176 7.07 -28.80 -11.36
C ARG C 176 7.65 -30.05 -12.00
N ARG C 177 7.20 -30.39 -13.21
CA ARG C 177 7.53 -31.66 -13.83
C ARG C 177 9.01 -31.80 -14.19
N HIS C 178 9.76 -30.71 -14.19
CA HIS C 178 11.18 -30.73 -14.53
C HIS C 178 12.04 -30.23 -13.37
N ALA C 179 11.73 -30.69 -12.16
CA ALA C 179 12.47 -30.28 -10.97
C ALA C 179 13.56 -31.29 -10.64
N SER C 180 14.48 -31.45 -11.61
CA SER C 180 15.61 -32.36 -11.47
C SER C 180 16.94 -31.63 -11.36
N ASN C 181 17.28 -30.81 -12.34
CA ASN C 181 18.52 -30.06 -12.29
C ASN C 181 18.44 -28.96 -11.23
N PRO C 182 19.57 -28.63 -10.58
CA PRO C 182 19.51 -27.73 -9.42
C PRO C 182 19.50 -26.25 -9.73
N GLU C 183 18.67 -25.82 -10.69
CA GLU C 183 18.31 -24.42 -10.83
C GLU C 183 16.80 -24.20 -10.89
N VAL C 184 16.03 -25.25 -11.17
CA VAL C 184 14.58 -25.21 -11.06
C VAL C 184 14.10 -25.08 -9.62
N LYS C 185 14.85 -25.62 -8.66
CA LYS C 185 14.37 -25.69 -7.28
C LYS C 185 14.17 -24.30 -6.68
N ILE C 186 15.11 -23.38 -6.90
CA ILE C 186 15.03 -22.07 -6.27
C ILE C 186 13.81 -21.31 -6.77
N SER C 187 13.62 -21.27 -8.09
CA SER C 187 12.45 -20.60 -8.64
C SER C 187 11.16 -21.28 -8.20
N LEU C 188 11.15 -22.62 -8.19
CA LEU C 188 9.96 -23.34 -7.76
C LEU C 188 9.58 -22.96 -6.33
N ASN C 189 10.56 -22.90 -5.43
CA ASN C 189 10.28 -22.50 -4.06
C ASN C 189 9.78 -21.06 -4.01
N ARG C 190 10.41 -20.16 -4.77
CA ARG C 190 10.07 -18.75 -4.67
C ARG C 190 8.69 -18.42 -5.24
N GLN C 191 8.18 -19.20 -6.20
CA GLN C 191 6.80 -19.00 -6.64
C GLN C 191 5.79 -19.85 -5.88
N ALA C 192 6.20 -20.98 -5.31
CA ALA C 192 5.34 -21.69 -4.39
C ALA C 192 5.08 -20.89 -3.12
N GLY C 193 6.00 -20.00 -2.75
CA GLY C 193 5.78 -19.08 -1.66
C GLY C 193 4.79 -17.97 -1.96
N TYR C 194 4.50 -17.69 -3.23
CA TYR C 194 3.52 -16.69 -3.59
C TYR C 194 2.18 -17.26 -4.01
N PHE C 195 2.13 -18.49 -4.52
CA PHE C 195 0.85 -19.11 -4.88
C PHE C 195 -0.02 -19.30 -3.64
N TYR C 196 0.61 -19.71 -2.53
CA TYR C 196 -0.13 -20.02 -1.31
C TYR C 196 -0.87 -18.79 -0.78
N ARG C 197 -0.22 -17.62 -0.82
CA ARG C 197 -0.85 -16.43 -0.30
C ARG C 197 -2.17 -16.13 -1.02
N ASN C 198 -2.14 -16.08 -2.35
CA ASN C 198 -3.34 -15.78 -3.13
C ASN C 198 -4.40 -16.86 -2.96
N LEU C 199 -4.00 -18.14 -3.02
CA LEU C 199 -4.99 -19.20 -2.89
C LEU C 199 -5.70 -19.17 -1.54
N ILE C 200 -4.92 -19.05 -0.45
CA ILE C 200 -5.51 -19.04 0.89
C ILE C 200 -6.32 -17.76 1.10
N ASP C 201 -5.87 -16.63 0.57
CA ASP C 201 -6.64 -15.40 0.71
C ASP C 201 -8.00 -15.51 0.03
N ARG C 202 -8.03 -16.06 -1.18
CA ARG C 202 -9.31 -16.25 -1.87
C ARG C 202 -10.20 -17.23 -1.10
N LEU C 203 -9.61 -18.33 -0.61
CA LEU C 203 -10.39 -19.31 0.13
C LEU C 203 -10.98 -18.72 1.39
N GLN C 204 -10.22 -17.88 2.10
CA GLN C 204 -10.72 -17.27 3.33
C GLN C 204 -11.78 -16.23 3.03
N LYS C 205 -11.59 -15.43 1.97
CA LYS C 205 -12.56 -14.40 1.63
C LYS C 205 -13.89 -15.02 1.18
N LYS C 206 -13.83 -16.15 0.47
CA LYS C 206 -15.06 -16.80 0.02
C LYS C 206 -15.89 -17.29 1.19
N GLN C 207 -15.24 -17.81 2.24
CA GLN C 207 -15.92 -18.40 3.38
C GLN C 207 -16.34 -17.36 4.43
N LYS C 208 -16.05 -16.09 4.21
CA LYS C 208 -16.23 -15.07 5.25
C LYS C 208 -17.69 -14.92 5.67
N GLY C 209 -18.54 -14.43 4.77
CA GLY C 209 -19.92 -14.16 5.15
C GLY C 209 -20.98 -14.82 4.29
N ALA C 210 -20.65 -15.13 3.04
CA ALA C 210 -21.61 -15.67 2.09
C ALA C 210 -21.04 -16.92 1.44
N ASP C 211 -21.90 -17.60 0.67
CA ASP C 211 -21.58 -18.82 -0.07
C ASP C 211 -20.69 -19.76 0.73
N ARG C 212 -21.13 -20.07 1.94
CA ARG C 212 -20.40 -21.00 2.81
C ARG C 212 -20.57 -22.42 2.29
N VAL C 213 -19.63 -22.88 1.49
CA VAL C 213 -19.71 -24.22 0.92
C VAL C 213 -19.44 -25.25 2.00
N LEU C 214 -20.35 -26.20 2.15
CA LEU C 214 -20.22 -27.23 3.16
C LEU C 214 -19.05 -28.15 2.84
N LEU C 215 -18.43 -28.68 3.89
CA LEU C 215 -17.30 -29.59 3.77
C LEU C 215 -17.73 -30.98 4.19
N SER C 216 -17.60 -31.94 3.28
CA SER C 216 -17.94 -33.33 3.57
C SER C 216 -17.26 -34.21 2.54
N GLY C 217 -17.16 -35.50 2.87
CA GLY C 217 -16.59 -36.46 1.94
C GLY C 217 -15.10 -36.21 1.71
N SER C 218 -14.67 -36.42 0.47
CA SER C 218 -13.27 -36.26 0.12
C SER C 218 -12.84 -34.80 0.06
N LEU C 219 -13.79 -33.86 -0.09
CA LEU C 219 -13.44 -32.45 -0.07
C LEU C 219 -12.85 -32.05 1.27
N LEU C 220 -13.44 -32.53 2.37
CA LEU C 220 -12.89 -32.26 3.70
C LEU C 220 -11.49 -32.81 3.83
N ALA C 221 -11.25 -34.03 3.34
CA ALA C 221 -9.92 -34.61 3.39
C ALA C 221 -8.92 -33.78 2.59
N SER C 222 -9.32 -33.31 1.41
CA SER C 222 -8.44 -32.50 0.59
C SER C 222 -8.08 -31.18 1.29
N VAL C 223 -9.09 -30.52 1.88
CA VAL C 223 -8.82 -29.26 2.55
C VAL C 223 -7.95 -29.48 3.79
N GLU C 224 -8.18 -30.58 4.50
CA GLU C 224 -7.36 -30.88 5.67
C GLU C 224 -5.91 -31.17 5.28
N THR C 225 -5.72 -31.88 4.16
CA THR C 225 -4.37 -32.12 3.67
C THR C 225 -3.70 -30.80 3.25
N LEU C 226 -4.46 -29.90 2.63
CA LEU C 226 -3.90 -28.61 2.24
C LEU C 226 -3.70 -27.69 3.45
N LEU C 227 -4.55 -27.82 4.47
CA LEU C 227 -4.48 -26.98 5.67
C LEU C 227 -4.48 -27.88 6.89
N PRO C 228 -3.31 -28.38 7.29
CA PRO C 228 -3.26 -29.24 8.50
C PRO C 228 -3.66 -28.53 9.77
N GLY C 229 -3.64 -27.19 9.79
CA GLY C 229 -4.10 -26.46 10.96
C GLY C 229 -5.60 -26.41 11.11
N GLU C 230 -6.35 -26.83 10.09
CA GLU C 230 -7.80 -26.85 10.19
C GLU C 230 -8.29 -27.89 11.20
N LYS C 231 -7.57 -29.01 11.32
CA LYS C 231 -8.00 -30.10 12.19
C LYS C 231 -8.06 -29.70 13.66
N ILE C 232 -7.33 -28.65 14.05
CA ILE C 232 -7.36 -28.23 15.45
C ILE C 232 -8.70 -27.59 15.79
N ARG C 233 -9.25 -26.77 14.89
CA ARG C 233 -10.49 -26.05 15.17
C ARG C 233 -11.66 -27.01 15.36
N ASN C 234 -11.79 -28.01 14.48
CA ASN C 234 -12.90 -28.95 14.61
C ASN C 234 -12.71 -29.88 15.80
N GLY C 235 -11.49 -30.37 16.01
CA GLY C 235 -11.20 -31.20 17.16
C GLY C 235 -10.63 -32.56 16.82
N SER C 236 -10.19 -32.74 15.58
CA SER C 236 -9.64 -34.04 15.17
C SER C 236 -8.34 -34.35 15.91
N ALA C 237 -7.45 -33.36 16.05
CA ALA C 237 -6.18 -33.56 16.71
C ALA C 237 -5.91 -32.37 17.62
N HIS C 238 -5.10 -32.61 18.67
CA HIS C 238 -4.78 -31.58 19.65
C HIS C 238 -3.32 -31.61 20.07
N VAL C 239 -2.45 -32.17 19.23
CA VAL C 239 -1.02 -32.21 19.47
C VAL C 239 -0.31 -31.71 18.22
N ALA C 240 0.68 -30.84 18.39
CA ALA C 240 1.35 -30.19 17.26
C ALA C 240 2.85 -30.23 17.43
N PHE C 241 3.56 -30.23 16.30
CA PHE C 241 5.00 -30.11 16.24
C PHE C 241 5.34 -28.91 15.35
N LEU C 242 6.11 -27.96 15.90
CA LEU C 242 6.54 -26.81 15.12
C LEU C 242 7.73 -26.16 15.80
N THR C 243 8.42 -25.31 15.04
CA THR C 243 9.62 -24.64 15.53
C THR C 243 9.26 -23.32 16.20
N THR C 244 10.29 -22.61 16.69
CA THR C 244 10.06 -21.37 17.43
C THR C 244 9.65 -20.23 16.50
N SER C 245 10.22 -20.17 15.30
CA SER C 245 9.85 -19.11 14.37
C SER C 245 8.40 -19.20 13.96
N LYS C 246 7.91 -20.42 13.67
CA LYS C 246 6.51 -20.59 13.30
C LYS C 246 5.58 -20.38 14.50
N PHE C 247 6.08 -20.64 15.71
CA PHE C 247 5.26 -20.46 16.90
C PHE C 247 4.87 -19.00 17.11
N LEU C 248 5.80 -18.09 16.89
CA LEU C 248 5.55 -16.67 17.11
C LEU C 248 4.75 -16.02 15.98
N LYS C 249 4.47 -16.75 14.90
CA LYS C 249 3.75 -16.21 13.76
C LYS C 249 2.30 -16.69 13.69
N GLY C 250 2.09 -18.00 13.79
CA GLY C 250 0.76 -18.58 13.71
C GLY C 250 0.55 -19.35 12.42
N PHE C 251 -0.51 -20.13 12.41
CA PHE C 251 -0.85 -20.97 11.27
C PHE C 251 -2.28 -20.68 10.83
N HIS C 252 -2.55 -20.97 9.55
CA HIS C 252 -3.82 -20.66 8.92
C HIS C 252 -4.84 -21.77 9.11
N ASN C 253 -6.11 -21.38 9.21
CA ASN C 253 -7.22 -22.32 9.10
C ASN C 253 -8.20 -21.79 8.07
N THR C 254 -9.38 -22.40 7.97
CA THR C 254 -10.33 -21.99 6.93
C THR C 254 -10.86 -20.59 7.18
N ARG C 255 -10.89 -20.13 8.43
CA ARG C 255 -11.46 -18.82 8.76
C ARG C 255 -10.40 -17.72 8.72
N SER C 256 -9.35 -17.84 9.52
CA SER C 256 -8.33 -16.80 9.62
C SER C 256 -7.07 -17.42 10.22
N ARG C 257 -6.12 -16.57 10.60
CA ARG C 257 -4.88 -17.02 11.21
C ARG C 257 -5.05 -17.09 12.73
N TYR C 258 -4.43 -18.11 13.33
CA TYR C 258 -4.58 -18.40 14.76
C TYR C 258 -3.23 -18.17 15.43
N SER C 259 -3.21 -17.32 16.46
CA SER C 259 -1.99 -16.98 17.17
C SER C 259 -1.96 -17.72 18.50
N PRO C 260 -1.01 -18.65 18.71
CA PRO C 260 -0.98 -19.39 19.98
C PRO C 260 -0.76 -18.53 21.20
N LEU C 261 -0.12 -17.37 21.06
CA LEU C 261 0.21 -16.54 22.22
C LEU C 261 -0.99 -15.80 22.78
N ARG C 262 -2.08 -15.67 22.02
CA ARG C 262 -3.26 -14.97 22.48
C ARG C 262 -4.18 -15.85 23.31
N ASP C 263 -3.87 -17.13 23.47
CA ASP C 263 -4.67 -18.03 24.30
C ASP C 263 -3.76 -19.17 24.75
N LEU C 264 -3.39 -19.18 26.03
CA LEU C 264 -2.50 -20.21 26.57
C LEU C 264 -3.02 -20.80 27.87
N SER C 265 -4.32 -20.71 28.12
CA SER C 265 -4.91 -21.23 29.35
C SER C 265 -5.01 -22.75 29.27
N GLY C 266 -4.32 -23.44 30.18
CA GLY C 266 -4.33 -24.89 30.19
C GLY C 266 -3.58 -25.50 29.03
N ALA C 267 -2.27 -25.30 28.99
CA ALA C 267 -1.43 -25.83 27.92
C ALA C 267 -0.11 -26.29 28.51
N VAL C 268 0.59 -27.14 27.75
CA VAL C 268 1.88 -27.69 28.15
C VAL C 268 2.86 -27.48 27.02
N LEU C 269 4.01 -26.86 27.34
CA LEU C 269 5.04 -26.56 26.37
C LEU C 269 6.34 -27.26 26.77
N ILE C 270 6.97 -27.92 25.82
CA ILE C 270 8.25 -28.58 26.03
C ILE C 270 9.26 -27.92 25.10
N ILE C 271 10.33 -27.38 25.69
CA ILE C 271 11.37 -26.68 24.94
C ILE C 271 12.70 -27.38 25.21
N ASP C 272 13.41 -27.73 24.15
CA ASP C 272 14.76 -28.27 24.25
C ASP C 272 15.75 -27.19 23.85
N GLU C 273 16.86 -27.10 24.60
CA GLU C 273 17.82 -26.02 24.46
C GLU C 273 17.13 -24.66 24.66
N ILE C 274 16.61 -24.48 25.87
CA ILE C 274 15.82 -23.30 26.19
C ILE C 274 16.68 -22.04 26.17
N ASP C 275 17.97 -22.17 26.48
CA ASP C 275 18.84 -21.00 26.59
C ASP C 275 19.00 -20.30 25.24
N LYS C 276 19.11 -21.06 24.15
CA LYS C 276 19.37 -20.47 22.84
C LYS C 276 18.17 -19.68 22.30
N GLN C 277 16.98 -19.89 22.84
CA GLN C 277 15.79 -19.21 22.33
C GLN C 277 15.81 -17.71 22.55
N ASN C 278 16.67 -17.22 23.45
CA ASN C 278 16.79 -15.78 23.66
C ASN C 278 17.22 -15.09 22.38
N GLN C 279 18.21 -15.66 21.68
CA GLN C 279 18.69 -15.06 20.43
C GLN C 279 17.60 -15.06 19.37
N VAL C 280 16.82 -16.15 19.28
CA VAL C 280 15.75 -16.21 18.28
C VAL C 280 14.69 -15.16 18.56
N ILE C 281 14.29 -15.02 19.82
CA ILE C 281 13.28 -14.01 20.16
C ILE C 281 13.82 -12.61 19.89
N LEU C 282 15.10 -12.38 20.20
CA LEU C 282 15.70 -11.07 19.92
C LEU C 282 15.71 -10.78 18.43
N SER C 283 16.04 -11.78 17.62
CA SER C 283 16.02 -11.60 16.17
C SER C 283 14.62 -11.29 15.66
N GLU C 284 13.61 -11.96 16.22
CA GLU C 284 12.24 -11.70 15.78
C GLU C 284 11.75 -10.33 16.21
N LEU C 285 12.20 -9.83 17.37
CA LEU C 285 11.70 -8.56 17.87
C LEU C 285 12.28 -7.34 17.16
N CYS C 286 13.32 -7.50 16.36
CA CYS C 286 14.05 -6.37 15.79
C CYS C 286 13.64 -6.05 14.35
N LYS C 287 12.54 -6.61 13.85
CA LYS C 287 12.09 -6.35 12.49
C LYS C 287 10.91 -5.40 12.44
N GLN C 288 10.61 -4.69 13.52
CA GLN C 288 9.45 -3.80 13.54
C GLN C 288 9.64 -2.64 12.57
N GLN C 289 8.56 -2.28 11.89
CA GLN C 289 8.60 -1.18 10.94
C GLN C 289 8.61 0.16 11.69
N ALA C 290 9.16 1.17 11.02
CA ALA C 290 9.27 2.50 11.58
C ALA C 290 7.95 3.26 11.39
N GLN C 291 7.92 4.50 11.87
CA GLN C 291 6.71 5.30 11.83
C GLN C 291 7.08 6.77 11.93
N ASP C 292 6.44 7.60 11.11
CA ASP C 292 6.62 9.04 11.17
C ASP C 292 5.72 9.60 12.27
N LEU C 293 6.32 10.21 13.30
CA LEU C 293 5.53 10.69 14.42
C LEU C 293 4.68 11.90 14.05
N ILE C 294 5.23 12.83 13.26
CA ILE C 294 4.50 14.06 12.96
C ILE C 294 3.20 13.75 12.22
N TRP C 295 3.30 12.90 11.18
CA TRP C 295 2.10 12.55 10.40
C TRP C 295 1.07 11.85 11.26
N ALA C 296 1.49 10.90 12.09
CA ALA C 296 0.55 10.16 12.92
C ALA C 296 -0.15 11.07 13.93
N ILE C 297 0.61 11.95 14.58
CA ILE C 297 0.00 12.84 15.58
C ILE C 297 -0.95 13.81 14.91
N ARG C 298 -0.57 14.36 13.75
CA ARG C 298 -1.47 15.28 13.06
C ARG C 298 -2.73 14.58 12.58
N THR C 299 -2.62 13.36 12.06
CA THR C 299 -3.79 12.61 11.63
C THR C 299 -4.73 12.33 12.80
N LEU C 300 -4.17 11.89 13.94
CA LEU C 300 -5.00 11.62 15.11
C LEU C 300 -5.66 12.89 15.61
N ARG C 301 -4.95 14.02 15.62
CA ARG C 301 -5.53 15.27 16.07
C ARG C 301 -6.67 15.71 15.13
N ALA C 302 -6.50 15.48 13.83
CA ALA C 302 -7.53 15.89 12.88
C ALA C 302 -8.78 15.02 13.00
N ASN C 303 -8.62 13.70 13.13
CA ASN C 303 -9.78 12.82 13.10
C ASN C 303 -10.46 12.65 14.44
N PHE C 304 -9.84 13.11 15.54
CA PHE C 304 -10.42 12.98 16.87
C PHE C 304 -11.04 14.27 17.37
N ARG C 305 -11.66 15.04 16.47
CA ARG C 305 -12.26 16.32 16.82
C ARG C 305 -13.79 16.30 16.81
N ASP C 306 -14.40 15.74 15.78
CA ASP C 306 -15.87 15.74 15.66
C ASP C 306 -16.48 14.36 15.48
N HIS C 307 -15.73 13.36 15.03
CA HIS C 307 -16.30 12.04 14.77
C HIS C 307 -16.74 11.38 16.07
N GLN C 308 -17.85 10.64 16.00
CA GLN C 308 -18.48 10.06 17.17
C GLN C 308 -18.86 8.61 16.91
N LEU C 309 -19.05 7.87 18.00
CA LEU C 309 -19.42 6.46 17.96
C LEU C 309 -20.94 6.31 18.10
N GLU C 310 -21.41 5.09 17.85
CA GLU C 310 -22.82 4.78 17.92
C GLU C 310 -23.28 4.64 19.38
N SER C 311 -24.59 4.66 19.57
CA SER C 311 -25.24 4.49 20.87
C SER C 311 -26.14 3.27 20.78
N SER C 312 -25.58 2.10 21.05
CA SER C 312 -26.28 0.83 20.98
C SER C 312 -25.81 -0.05 22.13
N PRO C 313 -26.62 -1.04 22.52
CA PRO C 313 -26.19 -1.95 23.60
C PRO C 313 -24.88 -2.66 23.32
N ARG C 314 -24.59 -2.99 22.06
CA ARG C 314 -23.33 -3.64 21.73
C ARG C 314 -22.14 -2.69 21.80
N TYR C 315 -22.37 -1.39 21.98
CA TYR C 315 -21.29 -0.42 22.06
C TYR C 315 -21.32 0.30 23.41
N ASP C 316 -21.51 -0.45 24.48
CA ASP C 316 -21.69 0.12 25.81
C ASP C 316 -20.37 0.22 26.54
N LYS C 317 -20.16 1.36 27.20
CA LYS C 317 -18.97 1.61 28.02
C LYS C 317 -17.69 1.49 27.21
N ILE C 318 -17.71 1.99 25.98
CA ILE C 318 -16.54 2.06 25.12
C ILE C 318 -16.10 3.50 24.89
N GLU C 319 -17.05 4.41 24.75
CA GLU C 319 -16.74 5.83 24.54
C GLU C 319 -15.98 6.42 25.73
N ASP C 320 -16.31 5.98 26.94
CA ASP C 320 -15.69 6.54 28.13
C ASP C 320 -14.19 6.31 28.19
N LEU C 321 -13.66 5.34 27.44
CA LEU C 321 -12.24 5.06 27.44
C LEU C 321 -11.43 5.99 26.55
N PHE C 322 -12.08 6.86 25.78
CA PHE C 322 -11.39 7.70 24.79
C PHE C 322 -11.45 9.18 25.13
N GLU C 323 -11.92 9.56 26.33
CA GLU C 323 -12.01 10.97 26.67
C GLU C 323 -10.66 11.58 27.02
N PRO C 324 -9.87 11.00 27.94
CA PRO C 324 -8.57 11.63 28.26
C PRO C 324 -7.66 11.78 27.06
N LEU C 325 -7.73 10.86 26.10
CA LEU C 325 -6.97 11.01 24.87
C LEU C 325 -7.36 12.27 24.11
N ARG C 326 -8.68 12.53 24.01
CA ARG C 326 -9.15 13.73 23.34
C ARG C 326 -8.73 14.99 24.08
N GLU C 327 -8.81 14.99 25.41
CA GLU C 327 -8.35 16.14 26.18
C GLU C 327 -6.85 16.37 26.04
N ARG C 328 -6.07 15.30 25.90
CA ARG C 328 -4.62 15.45 25.78
C ARG C 328 -4.22 15.96 24.40
N LEU C 329 -4.87 15.45 23.35
CA LEU C 329 -4.43 15.76 21.99
C LEU C 329 -4.59 17.24 21.67
N GLU C 330 -5.72 17.84 22.07
CA GLU C 330 -5.95 19.25 21.74
C GLU C 330 -4.95 20.15 22.48
N GLU C 331 -4.63 19.81 23.73
CA GLU C 331 -3.64 20.60 24.47
C GLU C 331 -2.27 20.47 23.83
N PHE C 332 -1.90 19.26 23.42
CA PHE C 332 -0.62 19.05 22.74
C PHE C 332 -0.55 19.88 21.45
N GLY C 333 -1.63 19.86 20.67
CA GLY C 333 -1.63 20.60 19.42
C GLY C 333 -1.59 22.09 19.61
N THR C 334 -2.28 22.60 20.64
CA THR C 334 -2.24 24.03 20.92
C THR C 334 -0.87 24.46 21.43
N ASN C 335 -0.20 23.62 22.22
CA ASN C 335 1.10 23.99 22.76
C ASN C 335 2.23 23.88 21.74
N TRP C 336 2.17 22.92 20.82
CA TRP C 336 3.28 22.71 19.90
C TRP C 336 3.03 23.19 18.48
N ASN C 337 1.89 23.82 18.20
CA ASN C 337 1.61 24.46 16.90
C ASN C 337 1.72 23.44 15.76
N LEU C 338 0.82 22.47 15.79
CA LEU C 338 0.80 21.43 14.78
C LEU C 338 0.03 21.83 13.53
N ALA C 339 -0.32 23.11 13.38
CA ALA C 339 -0.94 23.61 12.17
C ALA C 339 0.08 23.97 11.09
N PHE C 340 1.37 23.83 11.38
CA PHE C 340 2.45 24.13 10.46
C PHE C 340 3.26 22.86 10.17
N ALA C 341 4.39 23.02 9.50
CA ALA C 341 5.32 21.94 9.22
C ALA C 341 6.67 22.28 9.84
N PHE C 342 7.68 21.45 9.55
CA PHE C 342 8.99 21.59 10.17
C PHE C 342 10.07 21.62 9.10
N ASN C 343 11.15 22.34 9.39
CA ASN C 343 12.29 22.45 8.49
C ASN C 343 13.53 22.83 9.30
N THR C 344 14.69 22.58 8.71
CA THR C 344 15.97 22.91 9.32
C THR C 344 16.48 24.24 8.80
N GLU C 345 17.17 24.98 9.67
CA GLU C 345 17.70 26.29 9.33
C GLU C 345 19.14 26.39 9.80
N GLY C 346 19.96 27.10 9.03
CA GLY C 346 21.35 27.31 9.38
C GLY C 346 22.28 26.25 8.81
N ALA C 347 23.57 26.59 8.79
CA ALA C 347 24.58 25.68 8.29
C ALA C 347 24.86 24.59 9.32
N ASN C 348 25.69 23.62 8.92
CA ASN C 348 26.12 22.47 9.70
C ASN C 348 24.99 21.49 9.98
N LEU C 349 23.78 21.76 9.52
CA LEU C 349 22.65 20.86 9.70
C LEU C 349 22.12 20.29 8.39
N ASN C 350 22.72 20.65 7.26
CA ASN C 350 22.27 20.19 5.96
C ASN C 350 23.14 19.08 5.38
N GLU C 351 24.32 18.82 5.96
CA GLU C 351 25.21 17.79 5.46
C GLU C 351 25.15 16.49 6.24
N ARG C 352 24.75 16.54 7.51
CA ARG C 352 24.63 15.35 8.34
C ARG C 352 23.29 15.36 9.07
N PRO C 353 22.64 14.22 9.21
CA PRO C 353 21.37 14.16 9.94
C PRO C 353 21.59 14.16 11.45
N VAL C 354 20.50 14.32 12.18
CA VAL C 354 20.50 14.35 13.64
C VAL C 354 19.90 13.05 14.15
N ARG C 355 20.57 12.44 15.13
CA ARG C 355 20.14 11.17 15.70
C ARG C 355 20.00 11.31 17.22
N LEU C 356 18.97 10.67 17.78
CA LEU C 356 18.68 10.75 19.20
C LEU C 356 18.43 9.36 19.76
N PHE C 357 18.69 9.20 21.05
CA PHE C 357 18.54 7.91 21.72
C PHE C 357 18.12 8.14 23.16
N SER C 358 17.22 7.29 23.65
CA SER C 358 16.75 7.37 25.02
C SER C 358 16.25 6.00 25.47
N ASP C 359 16.36 5.75 26.78
CA ASP C 359 15.88 4.50 27.37
C ASP C 359 14.59 4.68 28.15
N ARG C 360 13.96 5.86 28.04
CA ARG C 360 12.65 6.17 28.61
C ARG C 360 12.69 6.34 30.13
N SER C 361 13.82 6.04 30.78
CA SER C 361 13.90 6.22 32.23
C SER C 361 14.95 7.26 32.63
N PHE C 362 16.23 7.03 32.38
CA PHE C 362 17.23 8.00 32.80
C PHE C 362 18.44 8.13 31.88
N THR C 363 18.51 7.46 30.75
CA THR C 363 19.67 7.51 29.87
C THR C 363 19.32 8.26 28.60
N HIS C 364 20.05 9.33 28.32
CA HIS C 364 19.80 10.17 27.15
C HIS C 364 21.12 10.59 26.54
N VAL C 365 21.28 10.38 25.24
CA VAL C 365 22.45 10.82 24.49
C VAL C 365 22.00 11.54 23.23
N SER C 366 22.87 12.39 22.70
CA SER C 366 22.59 13.14 21.50
C SER C 366 23.79 13.09 20.57
N SER C 367 23.53 13.26 19.28
CA SER C 367 24.56 13.18 18.24
C SER C 367 24.91 14.55 17.68
N ALA C 368 24.92 15.58 18.55
CA ALA C 368 25.27 16.92 18.14
C ALA C 368 26.15 17.56 19.22
N THR C 369 27.03 18.46 18.78
CA THR C 369 27.90 19.14 19.72
C THR C 369 27.12 20.03 20.68
N HIS C 370 26.13 20.75 20.17
CA HIS C 370 25.30 21.64 20.97
C HIS C 370 23.86 21.13 21.01
N LYS C 371 23.09 21.68 21.94
CA LYS C 371 21.69 21.31 22.07
C LYS C 371 20.85 22.03 21.02
N LEU C 372 19.74 21.40 20.64
CA LEU C 372 18.88 21.88 19.57
C LEU C 372 17.58 22.41 20.14
N SER C 373 17.02 23.42 19.47
CA SER C 373 15.82 24.10 19.95
C SER C 373 14.81 24.18 18.82
N LEU C 374 13.54 24.32 19.20
CA LEU C 374 12.42 24.44 18.27
C LEU C 374 11.80 25.82 18.41
N LYS C 375 11.40 26.40 17.29
CA LYS C 375 10.83 27.74 17.25
C LYS C 375 9.58 27.75 16.39
N SER C 376 8.71 28.72 16.66
CA SER C 376 7.49 28.92 15.89
C SER C 376 7.50 30.34 15.33
N ASP C 377 7.32 30.44 14.01
CA ASP C 377 7.32 31.72 13.31
C ASP C 377 5.94 32.00 12.76
N PHE C 378 5.39 33.17 13.10
CA PHE C 378 4.05 33.54 12.70
C PHE C 378 4.01 34.33 11.39
N LEU C 379 5.16 34.56 10.76
CA LEU C 379 5.23 35.21 9.46
C LEU C 379 5.57 34.25 8.34
N ARG C 380 6.53 33.35 8.53
CA ARG C 380 6.83 32.32 7.56
C ARG C 380 5.90 31.12 7.66
N ARG C 381 5.15 31.01 8.77
CA ARG C 381 4.18 29.94 8.98
C ARG C 381 4.84 28.56 8.90
N LYS C 382 5.96 28.42 9.62
CA LYS C 382 6.64 27.13 9.74
C LYS C 382 7.34 27.05 11.08
N ASN C 383 7.62 25.82 11.50
CA ASN C 383 8.43 25.55 12.68
C ASN C 383 9.84 25.18 12.24
N LEU C 384 10.84 25.68 12.96
CA LEU C 384 12.22 25.58 12.55
C LEU C 384 13.07 24.94 13.64
N ILE C 385 14.12 24.23 13.20
CA ILE C 385 15.11 23.64 14.10
C ILE C 385 16.42 24.37 13.88
N PHE C 386 17.00 24.90 14.95
CA PHE C 386 18.25 25.64 14.86
C PHE C 386 19.16 25.23 16.01
N SER C 387 20.46 25.48 15.83
CA SER C 387 21.47 25.19 16.84
C SER C 387 21.67 26.34 17.82
N ASP C 388 21.03 27.49 17.58
CA ASP C 388 21.07 28.63 18.49
C ASP C 388 22.50 29.11 18.72
N GLU C 389 22.73 29.78 19.85
CA GLU C 389 24.05 30.33 20.18
C GLU C 389 24.97 29.19 20.59
N LYS C 390 26.01 28.95 19.80
CA LYS C 390 26.98 27.90 20.10
C LYS C 390 27.90 28.25 21.25
N VAL C 391 27.93 29.52 21.68
CA VAL C 391 28.79 29.92 22.79
C VAL C 391 28.12 29.58 24.12
N GLU C 392 28.93 29.51 25.17
CA GLU C 392 28.42 29.21 26.49
C GLU C 392 27.57 30.36 27.02
N GLY C 393 26.46 30.02 27.66
CA GLY C 393 25.55 31.05 28.16
C GLY C 393 24.98 31.85 27.00
N SER C 394 25.06 33.18 27.13
CA SER C 394 24.64 34.11 26.08
C SER C 394 23.18 33.90 25.70
N LEU C 395 22.31 34.20 26.66
CA LEU C 395 20.86 34.08 26.50
C LEU C 395 20.48 32.62 26.20
N ILE C 396 20.69 31.78 27.21
CA ILE C 396 20.45 30.35 27.15
C ILE C 396 19.07 30.06 26.57
N GLU C 397 18.96 28.94 25.85
CA GLU C 397 17.76 28.63 25.09
C GLU C 397 16.53 28.56 25.99
N LYS C 398 15.43 29.15 25.51
CA LYS C 398 14.15 29.10 26.20
C LYS C 398 12.98 28.78 25.29
N HIS C 399 13.18 28.69 23.98
CA HIS C 399 12.07 28.43 23.07
C HIS C 399 11.51 27.03 23.24
N GLY C 400 12.37 26.02 23.33
CA GLY C 400 11.91 24.66 23.48
C GLY C 400 13.02 23.67 23.23
N LEU C 401 12.72 22.41 23.52
CA LEU C 401 13.65 21.32 23.33
C LEU C 401 13.01 20.23 22.48
N LEU C 402 13.79 19.66 21.56
CA LEU C 402 13.27 18.65 20.65
C LEU C 402 13.00 17.33 21.38
N THR C 403 13.81 17.01 22.38
CA THR C 403 13.66 15.74 23.09
C THR C 403 12.31 15.65 23.79
N ARG C 404 11.86 16.75 24.40
CA ARG C 404 10.55 16.76 25.05
C ARG C 404 9.45 16.49 24.05
N PHE C 405 9.51 17.12 22.88
CA PHE C 405 8.51 16.90 21.84
C PHE C 405 8.48 15.44 21.40
N VAL C 406 9.67 14.86 21.18
CA VAL C 406 9.73 13.46 20.73
C VAL C 406 9.16 12.53 21.80
N ASN C 407 9.53 12.74 23.06
CA ASN C 407 9.06 11.87 24.13
C ASN C 407 7.54 11.97 24.30
N GLU C 408 7.00 13.19 24.26
CA GLU C 408 5.55 13.34 24.40
C GLU C 408 4.81 12.70 23.23
N ALA C 409 5.32 12.86 22.02
CA ALA C 409 4.67 12.24 20.87
C ALA C 409 4.67 10.72 20.99
N ASP C 410 5.82 10.14 21.41
CA ASP C 410 5.88 8.69 21.58
C ASP C 410 4.92 8.21 22.66
N VAL C 411 4.83 8.93 23.78
CA VAL C 411 3.93 8.53 24.85
C VAL C 411 2.48 8.56 24.37
N ILE C 412 2.10 9.61 23.64
CA ILE C 412 0.74 9.69 23.11
C ILE C 412 0.45 8.53 22.17
N TYR C 413 1.40 8.23 21.28
CA TYR C 413 1.20 7.15 20.31
C TYR C 413 1.00 5.81 21.02
N GLN C 414 1.83 5.51 22.02
CA GLN C 414 1.68 4.25 22.73
C GLN C 414 0.41 4.18 23.58
N TRP C 415 -0.02 5.29 24.18
CA TRP C 415 -1.29 5.31 24.90
C TRP C 415 -2.45 5.01 23.95
N PHE C 416 -2.44 5.62 22.77
CA PHE C 416 -3.48 5.34 21.79
C PHE C 416 -3.48 3.87 21.37
N LEU C 417 -2.29 3.31 21.13
CA LEU C 417 -2.23 1.90 20.76
C LEU C 417 -2.66 0.99 21.89
N GLY C 418 -2.51 1.44 23.14
CA GLY C 418 -2.89 0.61 24.27
C GLY C 418 -4.37 0.62 24.59
N THR C 419 -5.08 1.71 24.29
CA THR C 419 -6.50 1.77 24.62
C THR C 419 -7.36 0.80 23.79
N MET C 420 -6.92 0.46 22.57
CA MET C 420 -7.76 -0.30 21.67
C MET C 420 -7.97 -1.73 22.15
N ARG C 421 -6.99 -2.32 22.85
CA ARG C 421 -7.17 -3.67 23.37
C ARG C 421 -8.27 -3.71 24.42
N LYS C 422 -8.31 -2.72 25.31
CA LYS C 422 -9.40 -2.63 26.27
C LYS C 422 -10.73 -2.43 25.57
N ALA C 423 -10.76 -1.59 24.53
CA ALA C 423 -11.98 -1.42 23.76
C ALA C 423 -12.48 -2.74 23.17
N VAL C 424 -11.56 -3.53 22.61
CA VAL C 424 -11.93 -4.80 22.01
C VAL C 424 -12.44 -5.78 23.07
N PHE C 425 -11.78 -5.81 24.23
CA PHE C 425 -12.21 -6.70 25.30
C PHE C 425 -13.63 -6.35 25.75
N GLN C 426 -13.91 -5.05 25.93
CA GLN C 426 -15.26 -4.65 26.33
C GLN C 426 -16.28 -5.00 25.25
N TYR C 427 -15.93 -4.81 23.97
CA TYR C 427 -16.83 -5.17 22.89
C TYR C 427 -17.17 -6.65 22.93
N TRP C 428 -16.16 -7.50 23.12
CA TRP C 428 -16.42 -8.93 23.18
C TRP C 428 -17.29 -9.29 24.38
N GLU C 429 -17.01 -8.69 25.55
CA GLU C 429 -17.80 -8.98 26.73
C GLU C 429 -19.26 -8.60 26.51
N ASN C 430 -19.52 -7.46 25.89
CA ASN C 430 -20.89 -7.06 25.60
C ASN C 430 -21.55 -8.02 24.61
N VAL C 431 -20.86 -8.33 23.50
CA VAL C 431 -21.50 -9.05 22.40
C VAL C 431 -21.77 -10.50 22.80
N ARG C 432 -20.84 -11.13 23.53
CA ARG C 432 -20.96 -12.56 23.80
C ARG C 432 -22.19 -12.88 24.63
N GLY C 433 -22.50 -12.06 25.64
CA GLY C 433 -23.57 -12.41 26.54
C GLY C 433 -24.77 -11.48 26.55
N LEU C 434 -24.56 -10.18 26.31
CA LEU C 434 -25.63 -9.20 26.47
C LEU C 434 -26.50 -9.05 25.22
N GLU C 435 -26.11 -9.66 24.10
CA GLU C 435 -26.86 -9.52 22.86
C GLU C 435 -27.49 -10.84 22.42
N ILE C 436 -26.68 -11.88 22.25
CA ILE C 436 -27.06 -13.22 21.77
C ILE C 436 -28.20 -13.17 20.74
N GLU C 437 -28.18 -12.16 19.88
CA GLU C 437 -29.22 -12.04 18.85
C GLU C 437 -28.98 -13.03 17.71
N VAL C 438 -27.72 -13.24 17.35
CA VAL C 438 -27.35 -14.20 16.31
C VAL C 438 -26.41 -15.23 16.93
N ARG C 439 -26.60 -16.49 16.53
CA ARG C 439 -25.82 -17.59 17.10
C ARG C 439 -24.46 -17.65 16.43
N GLU C 440 -23.41 -17.33 17.19
CA GLU C 440 -22.04 -17.43 16.71
C GLU C 440 -21.10 -18.13 17.67
N ASN C 441 -21.40 -18.18 18.96
CA ASN C 441 -20.57 -18.83 19.99
C ASN C 441 -19.19 -18.18 19.95
N ARG C 442 -18.11 -18.94 19.76
CA ARG C 442 -16.75 -18.42 19.62
C ARG C 442 -16.25 -17.72 20.88
N SER C 443 -14.95 -17.41 20.90
CA SER C 443 -14.29 -16.75 22.01
C SER C 443 -13.71 -15.42 21.54
N LEU C 444 -12.89 -14.80 22.38
CA LEU C 444 -12.24 -13.54 22.01
C LEU C 444 -11.42 -13.69 20.74
N GLU C 445 -10.88 -14.88 20.48
CA GLU C 445 -10.12 -15.09 19.25
C GLU C 445 -10.99 -15.05 18.01
N GLY C 446 -12.29 -15.30 18.15
CA GLY C 446 -13.18 -15.27 16.99
C GLY C 446 -13.70 -13.90 16.66
N THR C 447 -14.18 -13.17 17.66
CA THR C 447 -14.68 -11.81 17.47
C THR C 447 -13.60 -10.77 17.75
N PHE C 448 -12.52 -10.86 17.00
CA PHE C 448 -11.37 -9.97 17.14
C PHE C 448 -11.15 -9.05 15.95
N GLN C 449 -11.37 -9.55 14.73
CA GLN C 449 -11.26 -8.70 13.54
C GLN C 449 -12.45 -7.76 13.43
N GLU C 450 -13.64 -8.24 13.76
CA GLU C 450 -14.85 -7.45 13.58
C GLU C 450 -14.83 -6.18 14.43
N ALA C 451 -14.42 -6.31 15.70
CA ALA C 451 -14.38 -5.15 16.58
C ALA C 451 -13.40 -4.10 16.08
N VAL C 452 -12.21 -4.55 15.66
CA VAL C 452 -11.20 -3.61 15.19
C VAL C 452 -11.69 -2.90 13.93
N GLN C 453 -12.25 -3.65 12.99
CA GLN C 453 -12.75 -3.03 11.76
C GLN C 453 -13.86 -2.05 12.06
N SER C 454 -14.78 -2.41 12.95
CA SER C 454 -15.89 -1.52 13.28
C SER C 454 -15.40 -0.23 13.90
N LEU C 455 -14.52 -0.32 14.90
CA LEU C 455 -14.02 0.88 15.56
C LEU C 455 -13.24 1.76 14.58
N LEU C 456 -12.38 1.15 13.77
CA LEU C 456 -11.57 1.93 12.83
C LEU C 456 -12.44 2.59 11.77
N THR C 457 -13.47 1.90 11.29
CA THR C 457 -14.38 2.50 10.32
C THR C 457 -15.18 3.65 10.94
N HIS C 458 -15.64 3.47 12.17
CA HIS C 458 -16.40 4.53 12.83
C HIS C 458 -15.55 5.76 13.08
N PHE C 459 -14.28 5.57 13.45
CA PHE C 459 -13.42 6.69 13.80
C PHE C 459 -12.62 7.24 12.62
N ASN C 460 -12.84 6.71 11.41
CA ASN C 460 -12.19 7.20 10.20
C ASN C 460 -10.67 7.10 10.30
N LEU C 461 -10.18 6.02 10.91
CA LEU C 461 -8.74 5.73 11.01
C LEU C 461 -8.53 4.32 10.47
N GLN C 462 -8.38 4.21 9.15
CA GLN C 462 -8.21 2.92 8.50
C GLN C 462 -6.78 2.66 8.03
N GLU C 463 -5.92 3.68 8.02
CA GLU C 463 -4.52 3.47 7.70
C GLU C 463 -3.72 2.91 8.87
N PHE C 464 -4.32 2.81 10.05
CA PHE C 464 -3.69 2.26 11.23
C PHE C 464 -4.00 0.78 11.42
N GLU C 465 -4.65 0.15 10.45
CA GLU C 465 -5.07 -1.24 10.60
C GLU C 465 -3.88 -2.18 10.76
N SER C 466 -2.84 -1.98 9.95
CA SER C 466 -1.67 -2.86 10.03
C SER C 466 -0.91 -2.66 11.33
N ALA C 467 -0.83 -1.41 11.80
CA ALA C 467 -0.10 -1.12 13.03
C ALA C 467 -0.83 -1.61 14.28
N VAL C 468 -2.14 -1.84 14.19
CA VAL C 468 -2.91 -2.26 15.35
C VAL C 468 -3.02 -3.78 15.47
N TYR C 469 -2.53 -4.52 14.48
CA TYR C 469 -2.54 -5.98 14.54
C TYR C 469 -1.23 -6.57 15.03
N GLU C 470 -0.10 -5.92 14.74
CA GLU C 470 1.20 -6.48 15.12
C GLU C 470 1.34 -6.57 16.64
N SER C 471 0.94 -5.52 17.35
CA SER C 471 1.09 -5.44 18.80
C SER C 471 -0.24 -5.65 19.53
N PHE C 472 -1.09 -6.55 19.03
CA PHE C 472 -2.40 -6.78 19.61
C PHE C 472 -2.49 -8.17 20.20
N ASP C 473 -3.16 -8.27 21.34
CA ASP C 473 -3.42 -9.52 22.05
C ASP C 473 -4.49 -9.22 23.09
N THR C 474 -4.71 -10.16 24.00
CA THR C 474 -5.58 -9.89 25.14
C THR C 474 -5.01 -8.76 26.00
N ARG C 475 -3.73 -8.85 26.38
CA ARG C 475 -3.09 -7.77 27.13
C ARG C 475 -1.58 -7.88 26.96
N GLY C 476 -1.01 -7.06 26.08
CA GLY C 476 0.43 -6.88 26.04
C GLY C 476 1.12 -7.81 25.04
N LEU C 477 2.17 -8.48 25.51
CA LEU C 477 2.97 -9.45 24.75
C LEU C 477 3.81 -8.77 23.67
N ARG C 478 3.56 -7.48 23.43
CA ARG C 478 4.45 -6.69 22.58
C ARG C 478 4.59 -5.25 23.09
N GLN C 479 3.98 -4.92 24.23
CA GLN C 479 4.02 -3.57 24.79
C GLN C 479 4.13 -3.70 26.31
N SER C 480 5.37 -3.69 26.80
CA SER C 480 5.66 -3.78 28.23
C SER C 480 5.10 -5.04 28.87
N ALA C 481 5.22 -5.14 30.20
CA ALA C 481 4.73 -6.29 30.96
C ALA C 481 4.86 -5.93 32.45
N GLY C 482 4.46 -6.87 33.29
CA GLY C 482 4.59 -6.70 34.73
C GLY C 482 3.76 -5.57 35.31
N GLY C 483 4.44 -4.61 35.93
CA GLY C 483 3.73 -3.51 36.57
C GLY C 483 2.93 -2.65 35.61
N LYS C 484 3.41 -2.51 34.38
CA LYS C 484 2.74 -1.69 33.36
C LYS C 484 2.56 -0.26 33.82
N ALA C 485 3.56 0.28 34.51
CA ALA C 485 3.50 1.65 35.01
C ALA C 485 4.92 2.14 35.29
N ASN C 486 5.30 3.23 34.64
CA ASN C 486 6.60 3.85 34.88
C ASN C 486 6.48 4.95 35.92
N LYS C 487 6.19 4.53 37.14
CA LYS C 487 6.00 5.43 38.27
C LYS C 487 6.75 4.88 39.48
N LEU C 488 7.08 5.79 40.40
CA LEU C 488 7.82 5.42 41.60
C LEU C 488 6.99 4.58 42.57
N SER C 489 5.67 4.47 42.36
CA SER C 489 4.82 3.63 43.18
C SER C 489 4.62 2.24 42.58
N SER C 490 5.34 1.92 41.51
CA SER C 490 5.20 0.63 40.84
C SER C 490 6.59 0.04 40.59
N SER C 491 6.61 -1.26 40.34
CA SER C 491 7.86 -1.95 40.08
C SER C 491 8.47 -1.48 38.77
N LYS C 492 9.77 -1.19 38.78
CA LYS C 492 10.48 -0.66 37.62
C LYS C 492 11.59 -1.63 37.22
N SER C 493 11.68 -1.89 35.92
CA SER C 493 12.70 -2.77 35.38
C SER C 493 12.85 -2.50 33.89
N TYR C 494 14.04 -2.75 33.37
CA TYR C 494 14.29 -2.56 31.94
C TYR C 494 13.52 -3.58 31.11
N HIS C 495 13.40 -4.81 31.60
CA HIS C 495 12.89 -5.92 30.79
C HIS C 495 11.43 -5.76 30.41
N HIS C 496 10.75 -4.69 30.85
CA HIS C 496 9.41 -4.40 30.34
C HIS C 496 9.20 -2.91 30.13
N THR C 497 10.27 -2.18 29.81
CA THR C 497 10.17 -0.77 29.44
C THR C 497 10.66 -0.49 28.03
N GLY C 498 11.87 -0.91 27.69
CA GLY C 498 12.38 -0.82 26.34
C GLY C 498 13.22 0.42 26.08
N LEU C 499 13.44 0.69 24.79
CA LEU C 499 14.28 1.78 24.33
C LEU C 499 13.66 2.43 23.09
N LYS C 500 14.38 3.37 22.50
CA LYS C 500 13.87 4.14 21.36
C LYS C 500 15.02 4.68 20.54
N LEU C 501 14.76 4.91 19.26
CA LEU C 501 15.74 5.49 18.34
C LEU C 501 15.01 6.40 17.36
N VAL C 502 15.53 7.60 17.14
CA VAL C 502 14.88 8.62 16.33
C VAL C 502 15.92 9.31 15.45
N GLU C 503 15.55 9.56 14.19
CA GLU C 503 16.39 10.32 13.26
C GLU C 503 15.53 11.33 12.51
N VAL C 504 16.17 12.43 12.10
CA VAL C 504 15.52 13.51 11.38
C VAL C 504 16.27 13.72 10.07
N ALA C 505 15.53 13.77 8.95
CA ALA C 505 16.14 13.92 7.64
C ALA C 505 15.17 14.64 6.71
N HIS C 506 15.58 14.81 5.46
CA HIS C 506 14.79 15.52 4.45
C HIS C 506 13.83 14.57 3.76
N ASN C 507 12.69 15.11 3.34
CA ASN C 507 11.70 14.33 2.61
C ASN C 507 12.19 14.04 1.19
N GLN C 508 11.58 13.02 0.59
CA GLN C 508 11.91 12.66 -0.78
C GLN C 508 11.32 13.67 -1.76
N GLY C 509 12.13 14.09 -2.72
CA GLY C 509 11.67 15.04 -3.74
C GLY C 509 11.62 16.48 -3.32
N THR C 510 11.05 16.76 -2.15
CA THR C 510 10.95 18.13 -1.67
C THR C 510 12.29 18.60 -1.11
N ARG C 511 12.38 19.90 -0.83
CA ARG C 511 13.59 20.48 -0.27
C ARG C 511 13.30 21.48 0.85
N ASP C 512 12.08 21.52 1.39
CA ASP C 512 11.75 22.46 2.45
C ASP C 512 10.88 21.81 3.52
N THR C 513 10.98 20.49 3.68
CA THR C 513 10.23 19.78 4.71
C THR C 513 11.07 18.62 5.22
N VAL C 514 10.85 18.25 6.48
CA VAL C 514 11.60 17.19 7.13
C VAL C 514 10.60 16.20 7.74
N ASN C 515 11.13 15.05 8.17
CA ASN C 515 10.35 14.01 8.81
C ASN C 515 11.08 13.52 10.05
N CYS C 516 10.41 12.65 10.81
CA CYS C 516 10.94 12.16 12.09
C CYS C 516 10.58 10.68 12.22
N LYS C 517 11.53 9.82 11.90
CA LYS C 517 11.33 8.38 11.96
C LYS C 517 11.67 7.86 13.35
N ALA C 518 11.15 6.67 13.67
CA ALA C 518 11.34 6.10 14.98
C ALA C 518 11.27 4.58 14.92
N SER C 519 12.10 3.93 15.74
CA SER C 519 12.08 2.48 15.91
C SER C 519 11.91 2.16 17.39
N PHE C 520 11.10 1.15 17.68
CA PHE C 520 10.73 0.82 19.05
C PHE C 520 11.14 -0.60 19.40
N LEU C 521 11.21 -0.84 20.71
CA LEU C 521 11.39 -2.19 21.27
C LEU C 521 10.77 -2.14 22.66
N ASN C 522 9.55 -2.66 22.79
CA ASN C 522 8.76 -2.45 23.99
C ASN C 522 8.93 -3.54 25.05
N THR C 523 9.69 -4.59 24.77
CA THR C 523 9.83 -5.71 25.70
C THR C 523 11.19 -6.35 25.50
N SER C 524 11.43 -7.42 26.24
CA SER C 524 12.61 -8.25 26.15
C SER C 524 12.16 -9.70 26.21
N PRO C 525 12.98 -10.65 25.76
CA PRO C 525 12.55 -12.06 25.78
C PRO C 525 12.18 -12.56 27.17
N SER C 526 12.88 -12.11 28.21
CA SER C 526 12.54 -12.51 29.56
C SER C 526 11.14 -12.01 29.94
N GLY C 527 10.78 -10.80 29.52
CA GLY C 527 9.43 -10.33 29.74
C GLY C 527 8.39 -11.18 29.04
N VAL C 528 8.69 -11.61 27.82
CA VAL C 528 7.77 -12.48 27.08
C VAL C 528 7.58 -13.80 27.82
N LEU C 529 8.68 -14.39 28.30
CA LEU C 529 8.57 -15.64 29.05
C LEU C 529 7.76 -15.46 30.33
N ALA C 530 8.00 -14.35 31.04
CA ALA C 530 7.26 -14.10 32.28
C ALA C 530 5.78 -13.91 32.00
N ASP C 531 5.43 -13.19 30.94
CA ASP C 531 4.02 -13.02 30.59
C ASP C 531 3.39 -14.33 30.16
N MET C 532 4.15 -15.19 29.47
CA MET C 532 3.64 -16.51 29.12
C MET C 532 3.32 -17.33 30.37
N VAL C 533 4.23 -17.31 31.36
CA VAL C 533 4.00 -18.05 32.59
C VAL C 533 2.82 -17.45 33.35
N ASP C 534 2.68 -16.12 33.33
CA ASP C 534 1.60 -15.46 34.05
C ASP C 534 0.25 -15.78 33.42
N ALA C 535 0.19 -15.86 32.09
CA ALA C 535 -1.09 -16.03 31.41
C ALA C 535 -1.74 -17.37 31.71
N GLY C 536 -1.02 -18.32 32.29
CA GLY C 536 -1.62 -19.58 32.67
C GLY C 536 -1.10 -20.80 31.95
N ALA C 537 0.18 -20.78 31.56
CA ALA C 537 0.79 -21.86 30.82
C ALA C 537 1.88 -22.53 31.65
N VAL C 538 1.98 -23.85 31.51
CA VAL C 538 2.99 -24.65 32.20
C VAL C 538 4.10 -24.94 31.22
N ILE C 539 5.32 -24.54 31.57
CA ILE C 539 6.48 -24.63 30.69
C ILE C 539 7.49 -25.60 31.29
N LEU C 540 8.06 -26.44 30.45
CA LEU C 540 9.06 -27.42 30.86
C LEU C 540 10.22 -27.35 29.88
N GLY C 541 11.40 -26.97 30.37
CA GLY C 541 12.58 -26.78 29.55
C GLY C 541 13.63 -27.84 29.85
N ILE C 542 14.31 -28.28 28.80
CA ILE C 542 15.35 -29.30 28.90
C ILE C 542 16.64 -28.73 28.32
N SER C 543 17.72 -28.81 29.09
CA SER C 543 19.02 -28.33 28.64
C SER C 543 20.09 -28.96 29.54
N ALA C 544 21.35 -28.63 29.25
CA ALA C 544 22.46 -29.03 30.09
C ALA C 544 23.08 -27.87 30.85
N THR C 545 22.81 -26.64 30.44
CA THR C 545 23.29 -25.43 31.11
C THR C 545 22.17 -24.41 31.23
N ALA C 546 20.99 -24.89 31.64
CA ALA C 546 19.80 -24.04 31.70
C ALA C 546 19.88 -22.95 32.74
N ARG C 547 20.81 -23.05 33.69
CA ARG C 547 20.96 -22.06 34.76
C ARG C 547 22.33 -21.41 34.72
N ALA C 548 22.78 -21.02 33.53
CA ALA C 548 24.03 -20.28 33.41
C ALA C 548 23.87 -18.88 33.98
N ASP C 549 25.00 -18.26 34.29
CA ASP C 549 25.03 -16.95 34.95
C ASP C 549 25.36 -15.82 33.98
N THR C 550 24.86 -15.89 32.75
CA THR C 550 25.08 -14.85 31.76
C THR C 550 23.74 -14.26 31.32
N VAL C 551 23.73 -12.94 31.10
CA VAL C 551 22.52 -12.26 30.65
C VAL C 551 22.49 -12.09 29.13
N ILE C 552 23.63 -12.22 28.46
CA ILE C 552 23.67 -12.05 27.01
C ILE C 552 23.32 -13.36 26.31
N HIS C 553 23.88 -14.48 26.77
CA HIS C 553 23.68 -15.78 26.14
C HIS C 553 22.65 -16.63 26.87
N ASN C 554 21.89 -16.04 27.79
CA ASN C 554 20.88 -16.79 28.54
C ASN C 554 19.90 -15.79 29.16
N PHE C 555 18.78 -16.31 29.64
CA PHE C 555 17.75 -15.48 30.25
C PHE C 555 18.24 -14.90 31.57
N ASP C 556 17.53 -13.89 32.06
CA ASP C 556 17.86 -13.21 33.31
C ASP C 556 17.03 -13.85 34.43
N PHE C 557 17.63 -14.84 35.10
CA PHE C 557 16.91 -15.58 36.13
C PHE C 557 16.71 -14.77 37.40
N LYS C 558 17.54 -13.76 37.65
CA LYS C 558 17.29 -12.88 38.78
C LYS C 558 15.99 -12.10 38.60
N TYR C 559 15.65 -11.78 37.35
CA TYR C 559 14.38 -11.11 37.07
C TYR C 559 13.20 -12.04 37.29
N LEU C 560 13.33 -13.31 36.89
CA LEU C 560 12.23 -14.25 37.02
C LEU C 560 11.97 -14.64 38.47
N ASN C 561 12.95 -14.49 39.35
CA ASN C 561 12.77 -14.80 40.77
C ASN C 561 11.94 -13.76 41.49
N GLU C 562 11.89 -12.53 40.99
CA GLU C 562 11.19 -11.44 41.65
C GLU C 562 9.80 -11.19 41.10
N ARG C 563 9.37 -11.96 40.11
CA ARG C 563 8.07 -11.77 39.49
C ARG C 563 7.16 -12.97 39.58
N LEU C 564 7.69 -14.19 39.49
CA LEU C 564 6.86 -15.38 39.54
C LEU C 564 6.49 -15.74 40.98
N GLY C 565 7.49 -15.91 41.84
CA GLY C 565 7.25 -16.26 43.22
C GLY C 565 7.41 -17.73 43.49
N ASN C 566 6.33 -18.39 43.93
CA ASN C 566 6.33 -19.83 44.15
C ASN C 566 6.17 -20.63 42.87
N LYS C 567 5.94 -19.97 41.74
CA LYS C 567 5.67 -20.65 40.49
C LYS C 567 6.91 -21.12 39.75
N LEU C 568 8.11 -20.83 40.27
CA LEU C 568 9.35 -21.25 39.63
C LEU C 568 9.90 -22.42 40.45
N LEU C 569 9.57 -23.63 40.02
CA LEU C 569 9.96 -24.82 40.76
C LEU C 569 11.45 -25.12 40.55
N SER C 570 12.09 -25.61 41.60
CA SER C 570 13.49 -26.00 41.56
C SER C 570 13.66 -27.37 42.20
N LEU C 571 14.58 -28.15 41.66
CA LEU C 571 14.84 -29.48 42.17
C LEU C 571 15.51 -29.41 43.55
N SER C 572 15.30 -30.46 44.34
CA SER C 572 15.89 -30.56 45.66
C SER C 572 17.26 -31.23 45.57
N ARG C 573 17.96 -31.30 46.70
CA ARG C 573 19.31 -31.85 46.71
C ARG C 573 19.32 -33.36 46.59
N GLU C 574 18.35 -34.04 47.22
CA GLU C 574 18.31 -35.50 47.15
C GLU C 574 18.08 -35.98 45.72
N GLN C 575 17.19 -35.31 44.99
CA GLN C 575 16.96 -35.68 43.60
C GLN C 575 18.20 -35.47 42.75
N LYS C 576 18.94 -34.39 43.00
CA LYS C 576 20.20 -34.16 42.29
C LYS C 576 21.21 -35.25 42.59
N GLN C 577 21.30 -35.66 43.86
CA GLN C 577 22.21 -36.74 44.22
C GLN C 577 21.81 -38.05 43.55
N ARG C 578 20.51 -38.32 43.47
CA ARG C 578 20.04 -39.52 42.79
C ARG C 578 20.37 -39.48 41.30
N VAL C 579 20.22 -38.31 40.67
CA VAL C 579 20.58 -38.17 39.26
C VAL C 579 22.08 -38.41 39.08
N ASN C 580 22.90 -37.89 39.99
CA ASN C 580 24.34 -38.13 39.93
C ASN C 580 24.65 -39.62 40.08
N ASN C 581 23.95 -40.30 40.98
CA ASN C 581 24.16 -41.73 41.17
C ASN C 581 23.80 -42.50 39.90
N TYR C 582 22.68 -42.14 39.26
CA TYR C 582 22.30 -42.79 38.02
C TYR C 582 23.33 -42.55 36.92
N TYR C 583 23.85 -41.32 36.84
CA TYR C 583 24.88 -41.01 35.85
C TYR C 583 26.14 -41.82 36.10
N HIS C 584 26.52 -41.97 37.38
CA HIS C 584 27.67 -42.81 37.71
C HIS C 584 27.42 -44.26 37.34
N SER C 585 26.20 -44.75 37.58
CA SER C 585 25.88 -46.14 37.26
C SER C 585 25.95 -46.39 35.76
N ARG C 586 25.40 -45.48 34.96
CA ARG C 586 25.41 -45.67 33.52
C ARG C 586 26.77 -45.43 32.89
N ARG C 587 27.72 -44.88 33.63
CA ARG C 587 29.08 -44.69 33.13
C ARG C 587 30.00 -44.64 34.34
N ASN C 588 30.72 -45.74 34.59
CA ASN C 588 31.58 -45.88 35.76
C ASN C 588 33.01 -45.59 35.34
N TYR C 589 33.64 -44.61 36.00
CA TYR C 589 35.00 -44.21 35.67
C TYR C 589 35.98 -44.36 36.81
N LYS C 590 35.52 -44.48 38.06
CA LYS C 590 36.43 -44.73 39.17
C LYS C 590 36.70 -46.22 39.26
N ASP C 591 37.04 -46.83 38.12
CA ASP C 591 37.26 -48.26 37.97
C ASP C 591 37.76 -48.48 36.54
N ASN C 592 38.05 -49.74 36.22
CA ASN C 592 38.37 -50.20 34.87
C ASN C 592 39.63 -49.56 34.29
N GLY C 593 40.38 -48.81 35.09
CA GLY C 593 41.62 -48.24 34.62
C GLY C 593 41.50 -47.25 33.49
N VAL C 594 40.55 -46.32 33.59
CA VAL C 594 40.35 -45.27 32.60
C VAL C 594 40.87 -43.96 33.19
N VAL C 595 41.82 -43.34 32.50
CA VAL C 595 42.47 -42.13 32.98
C VAL C 595 42.36 -41.04 31.93
N LEU C 596 42.47 -39.79 32.38
CA LEU C 596 42.39 -38.62 31.52
C LEU C 596 43.62 -37.75 31.75
N THR C 597 44.23 -37.29 30.65
CA THR C 597 45.41 -36.45 30.71
C THR C 597 45.10 -35.10 30.08
N VAL C 598 45.47 -34.02 30.76
CA VAL C 598 45.23 -32.66 30.30
C VAL C 598 46.56 -31.92 30.24
N LYS C 599 46.84 -31.32 29.09
CA LYS C 599 48.08 -30.58 28.88
C LYS C 599 47.80 -29.28 28.16
N TYR C 600 48.43 -28.20 28.63
CA TYR C 600 48.33 -26.89 28.01
C TYR C 600 49.60 -26.61 27.22
N LEU C 601 49.44 -26.13 25.99
CA LEU C 601 50.55 -25.88 25.09
C LEU C 601 50.70 -24.39 24.83
N ASN C 602 51.95 -23.94 24.75
CA ASN C 602 52.27 -22.54 24.50
C ASN C 602 52.67 -22.34 23.05
N SER C 603 53.14 -21.14 22.72
CA SER C 603 53.55 -20.79 21.37
C SER C 603 55.07 -20.85 21.24
N ARG C 604 55.53 -21.23 20.05
CA ARG C 604 56.94 -21.38 19.77
C ARG C 604 57.27 -20.72 18.43
N ASP C 605 58.54 -20.33 18.28
CA ASP C 605 59.03 -19.70 17.06
C ASP C 605 60.13 -20.50 16.38
N ALA C 606 61.06 -21.07 17.14
CA ALA C 606 62.10 -21.91 16.54
C ALA C 606 61.50 -23.15 15.88
N PHE C 607 60.48 -23.73 16.51
CA PHE C 607 59.80 -24.88 15.92
C PHE C 607 59.23 -24.50 14.56
N LEU C 608 58.48 -23.39 14.49
CA LEU C 608 57.89 -22.96 13.23
C LEU C 608 58.96 -22.57 12.21
N ASP C 609 60.04 -21.92 12.66
CA ASP C 609 61.10 -21.55 11.74
C ASP C 609 61.76 -22.78 11.13
N ALA C 610 62.03 -23.81 11.95
CA ALA C 610 62.61 -25.04 11.44
C ALA C 610 61.67 -25.73 10.45
N LEU C 611 60.37 -25.78 10.78
CA LEU C 611 59.43 -26.38 9.85
C LEU C 611 59.37 -25.61 8.54
N LEU C 612 59.39 -24.27 8.62
CA LEU C 612 59.31 -23.46 7.41
C LEU C 612 60.54 -23.63 6.53
N GLU C 613 61.73 -23.68 7.13
CA GLU C 613 62.93 -23.87 6.32
C GLU C 613 63.00 -25.29 5.76
N GLU C 614 62.48 -26.28 6.48
CA GLU C 614 62.42 -27.63 5.94
C GLU C 614 61.44 -27.74 4.78
N TYR C 615 60.32 -27.02 4.87
CA TYR C 615 59.28 -27.14 3.85
C TYR C 615 59.75 -26.63 2.49
N LYS C 616 60.39 -25.46 2.46
CA LYS C 616 60.89 -24.86 1.23
C LYS C 616 62.34 -24.43 1.47
N PRO C 617 63.30 -25.33 1.24
CA PRO C 617 64.71 -25.00 1.50
C PRO C 617 65.37 -24.15 0.43
N GLU C 618 64.65 -23.78 -0.63
CA GLU C 618 65.27 -23.03 -1.72
C GLU C 618 65.40 -21.54 -1.41
N ALA C 619 64.67 -21.04 -0.41
CA ALA C 619 64.70 -19.62 -0.09
C ALA C 619 65.77 -19.34 0.96
N ARG C 620 65.84 -18.10 1.43
CA ARG C 620 66.81 -17.69 2.45
C ARG C 620 66.14 -17.33 3.77
N SER C 621 65.19 -16.41 3.75
CA SER C 621 64.53 -15.93 4.96
C SER C 621 63.10 -16.46 5.02
N SER C 622 62.50 -16.35 6.20
CA SER C 622 61.14 -16.84 6.44
C SER C 622 60.09 -15.85 5.97
N HIS C 623 60.30 -14.55 6.22
CA HIS C 623 59.33 -13.55 5.82
C HIS C 623 59.14 -13.51 4.31
N PHE C 624 60.22 -13.75 3.55
CA PHE C 624 60.10 -13.83 2.10
C PHE C 624 59.14 -14.95 1.69
N ILE C 625 59.29 -16.12 2.31
CA ILE C 625 58.42 -17.25 1.99
C ILE C 625 56.98 -16.94 2.40
N LEU C 626 56.81 -16.35 3.59
CA LEU C 626 55.47 -16.05 4.08
C LEU C 626 54.76 -15.06 3.17
N ASN C 627 55.47 -14.02 2.72
CA ASN C 627 54.85 -13.01 1.87
C ASN C 627 54.67 -13.49 0.43
N HIS C 628 55.49 -14.45 -0.02
CA HIS C 628 55.42 -14.89 -1.41
C HIS C 628 54.50 -16.10 -1.58
N TYR C 629 54.82 -17.21 -0.91
CA TYR C 629 54.05 -18.44 -1.13
C TYR C 629 52.69 -18.36 -0.45
N LEU C 630 52.64 -17.87 0.78
CA LEU C 630 51.37 -17.74 1.47
C LEU C 630 50.68 -16.43 1.09
N GLY C 631 49.36 -16.40 1.29
CA GLY C 631 48.58 -15.22 0.98
C GLY C 631 48.55 -14.17 2.06
N ILE C 632 49.27 -14.37 3.16
CA ILE C 632 49.26 -13.41 4.25
C ILE C 632 50.01 -12.15 3.84
N ALA C 633 49.53 -11.00 4.31
CA ALA C 633 50.18 -9.72 4.05
C ALA C 633 51.25 -9.47 5.11
N GLU C 634 51.85 -8.29 5.08
CA GLU C 634 52.89 -7.95 6.04
C GLU C 634 52.33 -7.67 7.43
N SER C 635 51.07 -7.21 7.51
CA SER C 635 50.49 -6.88 8.80
C SER C 635 50.14 -8.14 9.60
N GLU C 636 49.64 -9.17 8.92
CA GLU C 636 49.19 -10.39 9.59
C GLU C 636 50.39 -11.33 9.75
N GLN C 637 51.14 -11.13 10.83
CA GLN C 637 52.33 -11.94 11.10
C GLN C 637 52.23 -12.72 12.40
N ALA C 638 51.94 -12.05 13.52
CA ALA C 638 52.01 -12.72 14.82
C ALA C 638 50.84 -13.67 15.05
N PHE C 639 49.63 -13.25 14.68
CA PHE C 639 48.44 -14.07 14.94
C PHE C 639 48.52 -15.40 14.23
N VAL C 640 48.81 -15.37 12.92
CA VAL C 640 48.87 -16.58 12.12
C VAL C 640 49.96 -17.50 12.65
N ARG C 641 51.14 -16.94 12.95
CA ARG C 641 52.23 -17.73 13.51
C ARG C 641 51.79 -18.42 14.79
N SER C 642 51.15 -17.67 15.69
CA SER C 642 50.78 -18.23 16.99
C SER C 642 49.81 -19.39 16.83
N TRP C 643 48.70 -19.17 16.10
CA TRP C 643 47.71 -20.24 16.10
C TRP C 643 48.13 -21.41 15.21
N LEU C 644 48.89 -21.15 14.14
CA LEU C 644 49.43 -22.24 13.35
C LEU C 644 50.41 -23.08 14.16
N SER C 645 51.27 -22.43 14.96
CA SER C 645 52.20 -23.17 15.80
C SER C 645 51.45 -24.00 16.84
N LYS C 646 50.40 -23.44 17.43
CA LYS C 646 49.61 -24.19 18.42
C LYS C 646 49.00 -25.43 17.78
N LEU C 647 48.38 -25.26 16.60
CA LEU C 647 47.77 -26.40 15.92
C LEU C 647 48.82 -27.46 15.55
N LEU C 648 49.97 -27.02 15.05
CA LEU C 648 51.01 -27.97 14.65
C LEU C 648 51.55 -28.74 15.85
N ALA C 649 51.75 -28.04 16.98
CA ALA C 649 52.21 -28.71 18.18
C ALA C 649 51.19 -29.75 18.66
N SER C 650 49.90 -29.39 18.62
CA SER C 650 48.87 -30.35 19.02
C SER C 650 48.88 -31.56 18.11
N ILE C 651 49.02 -31.35 16.80
CA ILE C 651 49.00 -32.46 15.85
C ILE C 651 50.19 -33.38 16.08
N LYS C 652 51.38 -32.81 16.28
CA LYS C 652 52.56 -33.63 16.51
C LYS C 652 52.43 -34.41 17.82
N ALA C 653 51.90 -33.75 18.86
CA ALA C 653 51.72 -34.44 20.14
C ALA C 653 50.75 -35.62 19.98
N PHE C 654 49.68 -35.42 19.21
CA PHE C 654 48.74 -36.52 18.99
C PHE C 654 49.40 -37.66 18.22
N ILE C 655 50.14 -37.33 17.16
CA ILE C 655 50.77 -38.37 16.34
C ILE C 655 51.81 -39.14 17.14
N SER C 656 52.43 -38.48 18.12
CA SER C 656 53.40 -39.17 18.97
C SER C 656 52.75 -40.30 19.77
N SER C 657 51.47 -40.19 20.07
CA SER C 657 50.78 -41.23 20.84
C SER C 657 50.55 -42.47 19.98
N PRO C 658 51.06 -43.64 20.39
CA PRO C 658 50.92 -44.84 19.55
C PRO C 658 49.50 -45.39 19.45
N ASP C 659 48.84 -45.61 20.58
CA ASP C 659 47.56 -46.33 20.61
C ASP C 659 46.40 -45.35 20.63
N ASN C 660 46.16 -44.74 19.46
CA ASN C 660 45.01 -43.86 19.28
C ASN C 660 44.59 -43.92 17.82
N ARG C 661 43.34 -43.54 17.56
CA ARG C 661 42.79 -43.63 16.21
C ARG C 661 42.15 -42.33 15.74
N TYR C 662 41.56 -41.57 16.66
CA TYR C 662 40.73 -40.44 16.29
C TYR C 662 41.24 -39.17 16.95
N MET C 663 40.97 -38.03 16.30
CA MET C 663 41.25 -36.72 16.85
C MET C 663 40.43 -35.70 16.08
N LEU C 664 39.65 -34.88 16.81
CA LEU C 664 38.84 -33.84 16.20
C LEU C 664 39.21 -32.52 16.86
N SER C 665 39.88 -31.65 16.11
CA SER C 665 40.39 -30.38 16.64
C SER C 665 39.39 -29.28 16.31
N LEU C 666 38.60 -28.89 17.31
CA LEU C 666 37.67 -27.78 17.12
C LEU C 666 38.44 -26.48 16.94
N LEU C 667 37.95 -25.64 16.04
CA LEU C 667 38.60 -24.39 15.71
C LEU C 667 37.52 -23.31 15.61
N ASN C 668 37.91 -22.13 15.11
CA ASN C 668 36.97 -21.04 14.90
C ASN C 668 37.05 -20.44 13.51
N ARG C 669 37.83 -21.00 12.61
CA ARG C 669 37.86 -20.60 11.21
C ARG C 669 37.74 -21.83 10.33
N THR C 670 37.26 -21.61 9.10
CA THR C 670 37.08 -22.68 8.12
C THR C 670 38.32 -22.76 7.24
N LEU C 671 38.97 -23.92 7.25
CA LEU C 671 40.18 -24.16 6.45
C LEU C 671 39.76 -24.85 5.17
N ASP C 672 39.60 -24.06 4.10
CA ASP C 672 39.18 -24.57 2.81
C ASP C 672 40.16 -24.10 1.74
N THR C 673 39.78 -24.23 0.47
CA THR C 673 40.68 -23.84 -0.62
C THR C 673 41.08 -22.37 -0.55
N THR C 674 40.29 -21.54 0.15
CA THR C 674 40.71 -20.16 0.38
C THR C 674 42.01 -20.09 1.17
N ARG C 675 42.31 -21.13 1.95
CA ARG C 675 43.57 -21.20 2.70
C ARG C 675 44.34 -22.42 2.24
N GLN C 676 44.42 -22.61 0.92
CA GLN C 676 45.05 -23.79 0.36
C GLN C 676 46.53 -23.84 0.70
N ASN C 677 47.18 -22.68 0.84
CA ASN C 677 48.60 -22.66 1.18
C ASN C 677 48.85 -23.26 2.56
N ILE C 678 48.10 -22.81 3.57
CA ILE C 678 48.29 -23.36 4.91
C ILE C 678 47.81 -24.81 4.96
N ASN C 679 46.80 -25.16 4.15
CA ASN C 679 46.38 -26.56 4.09
C ASN C 679 47.50 -27.45 3.55
N ASP C 680 48.19 -27.00 2.49
CA ASP C 680 49.30 -27.77 1.95
C ASP C 680 50.45 -27.84 2.94
N PHE C 681 50.71 -26.75 3.65
CA PHE C 681 51.77 -26.75 4.66
C PHE C 681 51.46 -27.78 5.75
N ILE C 682 50.22 -27.81 6.22
CA ILE C 682 49.80 -28.76 7.24
C ILE C 682 49.91 -30.19 6.71
N GLN C 683 49.49 -30.41 5.46
CA GLN C 683 49.56 -31.74 4.87
C GLN C 683 51.00 -32.23 4.77
N PHE C 684 51.91 -31.35 4.33
CA PHE C 684 53.31 -31.73 4.24
C PHE C 684 53.89 -32.06 5.61
N CYS C 685 53.56 -31.26 6.63
CA CYS C 685 54.03 -31.54 7.98
C CYS C 685 53.49 -32.87 8.48
N CYS C 686 52.21 -33.14 8.22
CA CYS C 686 51.61 -34.40 8.66
C CYS C 686 52.26 -35.58 7.97
N ASP C 687 52.55 -35.46 6.67
CA ASP C 687 53.23 -36.54 5.96
C ASP C 687 54.61 -36.79 6.53
N LYS C 688 55.36 -35.72 6.82
CA LYS C 688 56.69 -35.89 7.40
C LYS C 688 56.61 -36.56 8.77
N TRP C 689 55.69 -36.12 9.62
CA TRP C 689 55.57 -36.69 10.95
C TRP C 689 55.13 -38.15 10.89
N ALA C 690 54.22 -38.48 9.97
CA ALA C 690 53.83 -39.87 9.78
C ALA C 690 55.00 -40.72 9.31
N LYS C 691 55.84 -40.18 8.42
CA LYS C 691 57.03 -40.89 7.99
C LYS C 691 58.00 -41.09 9.16
N GLU C 692 58.06 -40.13 10.08
CA GLU C 692 58.95 -40.27 11.24
C GLU C 692 58.60 -41.50 12.06
N PHE C 693 57.32 -41.72 12.33
CA PHE C 693 56.86 -42.92 12.98
C PHE C 693 56.54 -43.97 11.92
N ASN C 694 55.88 -45.06 12.32
CA ASN C 694 55.40 -46.07 11.37
C ASN C 694 53.88 -46.12 11.51
N VAL C 695 53.20 -45.18 10.87
CA VAL C 695 51.74 -45.13 10.86
C VAL C 695 51.32 -44.59 9.49
N LYS C 696 50.06 -44.80 9.14
CA LYS C 696 49.43 -44.17 7.99
C LYS C 696 48.26 -43.33 8.48
N THR C 697 48.29 -42.03 8.19
CA THR C 697 47.31 -41.09 8.69
C THR C 697 46.60 -40.41 7.53
N LYS C 698 45.27 -40.29 7.65
CA LYS C 698 44.44 -39.60 6.67
C LYS C 698 43.81 -38.38 7.32
N THR C 699 43.92 -37.24 6.66
CA THR C 699 43.41 -35.97 7.17
C THR C 699 42.25 -35.50 6.30
N PHE C 700 41.18 -35.05 6.94
CA PHE C 700 39.99 -34.55 6.26
C PHE C 700 39.93 -33.03 6.37
N PHE C 701 39.71 -32.37 5.23
CA PHE C 701 39.65 -30.92 5.17
C PHE C 701 38.31 -30.47 4.63
N GLY C 702 37.99 -29.20 4.89
CA GLY C 702 36.76 -28.61 4.40
C GLY C 702 35.50 -29.22 4.98
N VAL C 703 35.47 -29.44 6.29
CA VAL C 703 34.31 -29.99 6.96
C VAL C 703 33.37 -28.84 7.30
N ASN C 704 32.31 -28.70 6.51
CA ASN C 704 31.33 -27.63 6.70
C ASN C 704 29.94 -28.21 6.59
N ALA C 705 28.94 -27.36 6.84
CA ALA C 705 27.55 -27.79 6.72
C ALA C 705 27.21 -28.15 5.27
N ASP C 706 27.71 -27.36 4.31
CA ASP C 706 27.47 -27.67 2.92
C ASP C 706 28.11 -29.00 2.52
N TRP C 707 29.34 -29.23 2.99
CA TRP C 707 29.99 -30.51 2.72
C TRP C 707 29.24 -31.66 3.38
N MET C 708 28.74 -31.45 4.59
CA MET C 708 27.98 -32.49 5.27
C MET C 708 26.70 -32.83 4.49
N ARG C 709 26.00 -31.81 4.00
CA ARG C 709 24.76 -32.04 3.26
C ARG C 709 25.01 -32.51 1.83
N LEU C 710 26.22 -32.34 1.30
CA LEU C 710 26.51 -32.75 -0.07
C LEU C 710 27.10 -34.16 -0.13
N VAL C 711 28.04 -34.49 0.75
CA VAL C 711 28.69 -35.79 0.76
C VAL C 711 28.15 -36.69 1.85
N GLY C 712 28.22 -36.24 3.10
CA GLY C 712 27.73 -37.02 4.21
C GLY C 712 28.84 -37.36 5.19
N TYR C 713 28.46 -37.60 6.43
CA TYR C 713 29.41 -37.93 7.49
C TYR C 713 29.77 -39.42 7.52
N ASP C 714 29.09 -40.25 6.73
CA ASP C 714 29.33 -41.68 6.76
C ASP C 714 30.66 -42.08 6.13
N GLU C 715 31.32 -41.19 5.40
CA GLU C 715 32.60 -41.54 4.78
C GLU C 715 33.67 -41.81 5.84
N ILE C 716 33.69 -41.00 6.90
CA ILE C 716 34.67 -41.23 7.98
C ILE C 716 34.41 -42.57 8.66
N SER C 717 33.14 -42.89 8.92
CA SER C 717 32.81 -44.18 9.52
C SER C 717 33.21 -45.33 8.61
N LYS C 718 32.97 -45.19 7.30
CA LYS C 718 33.34 -46.25 6.36
C LYS C 718 34.84 -46.46 6.33
N HIS C 719 35.62 -45.37 6.34
CA HIS C 719 37.07 -45.47 6.33
C HIS C 719 37.64 -45.84 7.69
N LEU C 720 36.83 -45.80 8.75
CA LEU C 720 37.33 -46.10 10.09
C LEU C 720 37.28 -47.58 10.42
N ASN C 721 36.27 -48.30 9.94
CA ASN C 721 36.09 -49.71 10.27
C ASN C 721 36.44 -50.64 9.10
N THR C 722 37.18 -50.15 8.12
CA THR C 722 37.55 -50.96 6.97
C THR C 722 39.05 -51.10 6.79
N GLU C 723 39.81 -50.03 7.00
CA GLU C 723 41.25 -50.05 6.86
C GLU C 723 41.89 -49.42 8.09
N LEU C 724 42.98 -50.04 8.55
CA LEU C 724 43.68 -49.54 9.73
C LEU C 724 44.35 -48.20 9.45
N GLY C 725 44.17 -47.26 10.37
CA GLY C 725 44.78 -45.96 10.22
C GLY C 725 44.28 -45.01 11.30
N LYS C 726 44.71 -43.75 11.17
CA LYS C 726 44.32 -42.69 12.09
C LYS C 726 43.68 -41.56 11.30
N VAL C 727 42.71 -40.91 11.92
CA VAL C 727 41.90 -39.88 11.28
C VAL C 727 42.04 -38.58 12.06
N VAL C 728 42.27 -37.48 11.33
CA VAL C 728 42.30 -36.14 11.91
C VAL C 728 41.30 -35.27 11.14
N VAL C 729 40.46 -34.54 11.87
CA VAL C 729 39.38 -33.77 11.30
C VAL C 729 39.48 -32.33 11.79
N PHE C 730 39.25 -31.37 10.89
CA PHE C 730 39.26 -29.96 11.20
C PHE C 730 37.87 -29.38 11.00
N SER C 731 37.38 -28.62 11.97
CA SER C 731 36.04 -28.04 11.90
C SER C 731 35.98 -26.89 12.91
N THR C 732 34.83 -26.21 12.94
CA THR C 732 34.60 -25.07 13.81
C THR C 732 33.52 -25.39 14.83
N TYR C 733 33.29 -24.44 15.74
CA TYR C 733 32.28 -24.64 16.78
C TYR C 733 30.88 -24.66 16.21
N ALA C 734 30.54 -23.68 15.36
CA ALA C 734 29.18 -23.56 14.86
C ALA C 734 28.82 -24.63 13.84
N SER C 735 29.82 -25.28 13.23
CA SER C 735 29.54 -26.33 12.25
C SER C 735 28.85 -27.52 12.91
N MET C 736 29.29 -27.90 14.11
CA MET C 736 28.71 -29.02 14.83
C MET C 736 27.53 -28.57 15.70
N GLY C 737 26.61 -27.86 15.05
CA GLY C 737 25.42 -27.39 15.74
C GLY C 737 24.15 -28.02 15.22
N ALA C 738 24.17 -28.47 13.96
CA ALA C 738 23.04 -29.12 13.34
C ALA C 738 23.22 -30.61 13.10
N GLY C 739 24.46 -31.09 13.04
CA GLY C 739 24.75 -32.49 12.85
C GLY C 739 25.15 -33.15 14.16
N LYS C 740 24.36 -34.12 14.59
CA LYS C 740 24.59 -34.84 15.83
C LYS C 740 24.95 -36.29 15.53
N ASN C 741 25.23 -37.03 16.61
CA ASN C 741 25.60 -38.45 16.57
C ASN C 741 26.81 -38.69 15.67
N PRO C 742 28.00 -38.22 16.06
CA PRO C 742 29.20 -38.48 15.25
C PRO C 742 29.88 -39.80 15.64
N ASP C 743 29.15 -40.90 15.46
CA ASP C 743 29.62 -42.23 15.84
C ASP C 743 30.01 -43.02 14.59
N TYR C 744 30.43 -44.26 14.82
CA TYR C 744 30.92 -45.10 13.74
C TYR C 744 30.88 -46.56 14.19
N ALA C 745 30.71 -47.45 13.22
CA ALA C 745 30.75 -48.88 13.52
C ALA C 745 32.18 -49.32 13.84
N VAL C 746 32.30 -50.37 14.64
CA VAL C 746 33.58 -50.81 15.13
C VAL C 746 34.01 -52.06 14.36
N ASN C 747 35.29 -52.41 14.48
CA ASN C 747 35.84 -53.63 13.89
C ASN C 747 36.90 -54.15 14.86
N LEU C 748 36.50 -55.13 15.69
CA LEU C 748 37.38 -55.61 16.75
C LEU C 748 38.66 -56.25 16.21
N ALA C 749 38.65 -56.71 14.96
CA ALA C 749 39.87 -57.29 14.38
C ALA C 749 40.97 -56.24 14.27
N LEU C 750 40.62 -55.03 13.83
CA LEU C 750 41.61 -53.97 13.69
C LEU C 750 41.99 -53.37 15.04
N GLU C 751 41.04 -53.27 15.96
CA GLU C 751 41.33 -52.69 17.26
C GLU C 751 42.21 -53.62 18.10
N GLY C 752 42.83 -53.05 19.13
CA GLY C 752 43.68 -53.83 20.01
C GLY C 752 42.91 -54.43 21.17
N GLU C 753 43.39 -54.19 22.39
CA GLU C 753 42.74 -54.71 23.59
C GLU C 753 42.25 -53.62 24.54
N SER C 754 42.44 -52.35 24.19
CA SER C 754 42.02 -51.25 25.06
C SER C 754 40.62 -50.79 24.65
N LEU C 755 39.67 -51.72 24.75
CA LEU C 755 38.27 -51.48 24.43
C LEU C 755 37.40 -51.83 25.63
N ILE C 756 37.80 -51.35 26.81
CA ILE C 756 37.13 -51.71 28.05
C ILE C 756 35.71 -51.13 28.05
N SER C 757 34.73 -51.98 28.29
CA SER C 757 33.36 -51.53 28.41
C SER C 757 33.16 -50.78 29.72
N VAL C 758 32.22 -49.84 29.72
CA VAL C 758 31.98 -48.98 30.86
C VAL C 758 30.67 -49.30 31.59
N ALA C 759 29.63 -49.71 30.86
CA ALA C 759 28.33 -49.94 31.48
C ALA C 759 28.39 -51.09 32.48
N ASP C 760 27.71 -50.92 33.62
CA ASP C 760 27.65 -51.96 34.64
C ASP C 760 26.69 -53.09 34.29
N VAL C 761 25.84 -52.90 33.28
CA VAL C 761 24.90 -53.91 32.83
C VAL C 761 25.10 -54.16 31.35
N THR C 762 24.51 -55.26 30.86
CA THR C 762 24.65 -55.62 29.46
C THR C 762 23.91 -54.62 28.58
N TYR C 763 24.49 -54.33 27.42
CA TYR C 763 23.91 -53.42 26.44
C TYR C 763 23.64 -54.17 25.14
N SER C 764 22.50 -53.88 24.52
CA SER C 764 22.07 -54.58 23.33
C SER C 764 22.58 -53.84 22.08
N THR C 765 22.04 -54.22 20.92
CA THR C 765 22.38 -53.61 19.62
C THR C 765 23.86 -53.76 19.30
N GLN C 766 24.35 -52.99 18.34
CA GLN C 766 25.71 -53.10 17.86
C GLN C 766 26.68 -52.44 18.84
N LEU C 767 27.96 -52.54 18.52
CA LEU C 767 29.03 -51.93 19.30
C LEU C 767 29.51 -50.67 18.58
N ARG C 768 29.54 -49.54 19.29
CA ARG C 768 29.95 -48.28 18.71
C ARG C 768 30.84 -47.54 19.69
N SER C 769 31.69 -46.66 19.15
CA SER C 769 32.60 -45.87 19.97
C SER C 769 32.46 -44.39 19.64
N ASP C 770 33.34 -43.56 20.18
CA ASP C 770 33.25 -42.12 20.00
C ASP C 770 34.67 -41.54 19.95
N ILE C 771 34.76 -40.21 20.07
CA ILE C 771 36.05 -39.54 20.02
C ILE C 771 36.89 -39.90 21.23
N ASP C 772 38.21 -39.94 21.04
CA ASP C 772 39.15 -40.19 22.13
C ASP C 772 40.19 -39.10 22.29
N SER C 773 40.21 -38.09 21.42
CA SER C 773 41.15 -36.98 21.53
C SER C 773 40.50 -35.75 20.93
N ILE C 774 40.50 -34.64 21.67
CA ILE C 774 39.85 -33.41 21.25
C ILE C 774 40.78 -32.24 21.53
N TYR C 775 40.91 -31.34 20.57
CA TYR C 775 41.68 -30.10 20.73
C TYR C 775 40.72 -28.94 20.86
N LEU C 776 40.94 -28.10 21.87
CA LEU C 776 40.10 -26.95 22.14
C LEU C 776 40.88 -25.66 21.94
N GLU C 777 40.18 -24.63 21.46
CA GLU C 777 40.77 -23.34 21.17
C GLU C 777 39.93 -22.25 21.81
N LYS C 778 40.58 -21.16 22.17
CA LYS C 778 39.87 -20.04 22.79
C LYS C 778 38.91 -19.44 21.76
N PRO C 779 37.64 -19.28 22.10
CA PRO C 779 36.68 -18.72 21.13
C PRO C 779 36.95 -17.27 20.79
N THR C 780 36.21 -16.75 19.82
CA THR C 780 36.29 -15.38 19.33
C THR C 780 34.91 -14.75 19.51
N GLN C 781 34.69 -13.62 18.83
CA GLN C 781 33.69 -12.61 19.19
C GLN C 781 32.41 -13.23 19.73
N LEU C 782 32.05 -12.85 20.95
CA LEU C 782 30.89 -13.38 21.65
C LEU C 782 29.78 -12.35 21.80
N LEU C 783 29.85 -11.25 21.05
CA LEU C 783 28.84 -10.22 21.09
C LEU C 783 27.90 -10.41 19.89
N LEU C 784 26.61 -10.46 20.15
CA LEU C 784 25.64 -10.76 19.12
C LEU C 784 25.53 -9.62 18.11
N SER C 785 25.09 -9.98 16.90
CA SER C 785 24.93 -9.02 15.82
C SER C 785 23.84 -9.52 14.89
N ASP C 786 23.32 -8.62 14.06
CA ASP C 786 22.26 -8.93 13.11
C ASP C 786 22.71 -8.57 11.70
N ASP C 787 22.15 -9.28 10.72
CA ASP C 787 22.51 -9.12 9.31
C ASP C 787 21.26 -9.06 8.45
N TYR C 788 20.25 -8.33 8.91
CA TYR C 788 19.01 -8.15 8.17
C TYR C 788 18.83 -6.74 7.64
N SER C 789 19.27 -5.73 8.38
CA SER C 789 19.18 -4.34 7.96
C SER C 789 20.23 -3.55 8.74
N HIS C 790 20.12 -2.22 8.71
CA HIS C 790 21.03 -1.37 9.44
C HIS C 790 20.53 -0.99 10.83
N THR C 791 19.21 -0.87 11.01
CA THR C 791 18.64 -0.51 12.30
C THR C 791 18.64 -1.68 13.28
N ALA C 792 18.44 -2.91 12.79
CA ALA C 792 18.33 -4.05 13.68
C ALA C 792 19.62 -4.29 14.45
N ASN C 793 20.77 -4.14 13.78
CA ASN C 793 22.04 -4.32 14.47
C ASN C 793 22.22 -3.30 15.58
N GLN C 794 21.88 -2.05 15.33
CA GLN C 794 21.99 -1.01 16.36
C GLN C 794 21.05 -1.29 17.52
N LEU C 795 19.82 -1.74 17.22
CA LEU C 795 18.90 -2.11 18.29
C LEU C 795 19.48 -3.23 19.15
N CYS C 796 20.09 -4.23 18.51
CA CYS C 796 20.68 -5.33 19.26
C CYS C 796 21.81 -4.84 20.16
N GLN C 797 22.69 -3.99 19.63
CA GLN C 797 23.79 -3.48 20.45
C GLN C 797 23.29 -2.68 21.64
N PHE C 798 22.30 -1.80 21.41
CA PHE C 798 21.77 -1.01 22.51
C PHE C 798 21.08 -1.89 23.55
N HIS C 799 20.36 -2.93 23.10
CA HIS C 799 19.74 -3.85 24.04
C HIS C 799 20.79 -4.56 24.90
N GLN C 800 21.88 -5.01 24.28
CA GLN C 800 22.93 -5.68 25.06
C GLN C 800 23.55 -4.73 26.09
N ILE C 801 23.82 -3.49 25.67
CA ILE C 801 24.42 -2.52 26.59
C ILE C 801 23.49 -2.25 27.77
N LEU C 802 22.21 -2.03 27.48
CA LEU C 802 21.27 -1.73 28.55
C LEU C 802 21.05 -2.92 29.47
N SER C 803 21.03 -4.14 28.93
CA SER C 803 20.90 -5.33 29.78
C SER C 803 22.10 -5.47 30.70
N LEU C 804 23.31 -5.27 30.17
CA LEU C 804 24.51 -5.34 30.99
C LEU C 804 24.49 -4.28 32.09
N GLN C 805 24.04 -3.06 31.76
CA GLN C 805 23.93 -2.03 32.79
C GLN C 805 22.90 -2.41 33.85
N GLU C 806 21.76 -2.94 33.42
CA GLU C 806 20.69 -3.27 34.37
C GLU C 806 21.10 -4.36 35.34
N ASN C 807 21.74 -5.42 34.83
CA ASN C 807 22.07 -6.54 35.72
C ASN C 807 23.07 -6.13 36.79
N GLY C 808 24.07 -5.32 36.44
CA GLY C 808 25.00 -4.82 37.44
C GLY C 808 26.47 -4.94 37.10
N GLU C 809 26.80 -5.29 35.86
CA GLU C 809 28.19 -5.47 35.45
C GLU C 809 28.81 -4.21 34.85
N LEU C 810 28.05 -3.12 34.76
CA LEU C 810 28.59 -1.87 34.21
C LEU C 810 28.06 -0.70 35.02
N SER C 811 28.95 0.21 35.38
CA SER C 811 28.56 1.44 36.05
C SER C 811 27.88 2.38 35.06
N PRO C 812 27.10 3.35 35.56
CA PRO C 812 26.45 4.30 34.63
C PRO C 812 27.43 5.06 33.74
N LYS C 813 28.61 5.40 34.27
CA LYS C 813 29.58 6.14 33.47
C LYS C 813 30.03 5.33 32.25
N SER C 814 30.43 4.08 32.47
CA SER C 814 30.90 3.24 31.37
C SER C 814 29.80 2.99 30.36
N ALA C 815 28.58 2.71 30.83
CA ALA C 815 27.47 2.46 29.92
C ALA C 815 27.15 3.70 29.08
N GLU C 816 27.13 4.87 29.70
CA GLU C 816 26.83 6.09 28.97
C GLU C 816 27.91 6.39 27.94
N ASN C 817 29.19 6.22 28.31
CA ASN C 817 30.27 6.46 27.36
C ASN C 817 30.21 5.48 26.20
N TRP C 818 29.92 4.21 26.49
CA TRP C 818 29.81 3.20 25.44
C TRP C 818 28.67 3.54 24.49
N CYS C 819 27.52 3.94 25.03
CA CYS C 819 26.39 4.30 24.18
C CYS C 819 26.72 5.51 23.31
N ARG C 820 27.37 6.53 23.89
CA ARG C 820 27.72 7.71 23.12
C ARG C 820 28.69 7.37 22.00
N GLN C 821 29.68 6.53 22.28
CA GLN C 821 30.62 6.11 21.24
C GLN C 821 29.93 5.29 20.16
N GLN C 822 29.03 4.39 20.53
CA GLN C 822 28.34 3.56 19.54
C GLN C 822 27.41 4.39 18.67
N LEU C 823 26.78 5.42 19.24
CA LEU C 823 25.85 6.24 18.46
C LEU C 823 26.58 6.99 17.35
N MET C 824 27.77 7.52 17.63
CA MET C 824 28.49 8.38 16.71
C MET C 824 29.48 7.60 15.83
N GLY C 825 29.21 6.33 15.56
CA GLY C 825 30.08 5.54 14.71
C GLY C 825 31.17 4.81 15.46
N MET C 826 31.23 3.49 15.31
CA MET C 826 32.21 2.69 16.02
C MET C 826 32.45 1.40 15.23
N SER C 827 33.55 0.74 15.54
CA SER C 827 33.96 -0.49 14.88
C SER C 827 33.77 -1.68 15.83
N ARG C 828 33.95 -2.88 15.26
CA ARG C 828 33.80 -4.10 16.04
C ARG C 828 34.87 -4.24 17.11
N GLU C 829 36.11 -3.83 16.79
CA GLU C 829 37.22 -4.03 17.73
C GLU C 829 37.01 -3.27 19.03
N ARG C 830 36.55 -2.02 18.94
CA ARG C 830 36.28 -1.25 20.15
C ARG C 830 35.17 -1.87 20.97
N SER C 831 34.11 -2.35 20.30
CA SER C 831 33.01 -2.99 21.02
C SER C 831 33.50 -4.23 21.77
N LEU C 832 34.29 -5.08 21.09
CA LEU C 832 34.79 -6.28 21.74
C LEU C 832 35.75 -5.94 22.89
N GLN C 833 36.58 -4.91 22.70
CA GLN C 833 37.47 -4.49 23.77
C GLN C 833 36.70 -4.02 24.99
N GLN C 834 35.62 -3.26 24.78
CA GLN C 834 34.78 -2.85 25.89
C GLN C 834 34.10 -4.05 26.55
N TYR C 835 33.68 -5.03 25.76
CA TYR C 835 33.01 -6.21 26.31
C TYR C 835 33.94 -7.10 27.12
N HIS C 836 35.22 -7.20 26.73
CA HIS C 836 36.11 -8.18 27.35
C HIS C 836 36.46 -7.86 28.80
N GLN C 837 36.11 -6.68 29.31
CA GLN C 837 36.49 -6.27 30.66
C GLN C 837 35.40 -6.52 31.69
N THR C 838 34.36 -7.26 31.35
CA THR C 838 33.29 -7.60 32.28
C THR C 838 33.42 -9.08 32.70
N SER C 839 32.54 -9.49 33.60
CA SER C 839 32.56 -10.85 34.14
C SER C 839 31.65 -11.81 33.38
N ASP C 840 30.84 -11.31 32.44
CA ASP C 840 30.00 -12.19 31.63
C ASP C 840 30.81 -12.93 30.57
N TYR C 841 31.92 -12.34 30.13
CA TYR C 841 32.75 -12.97 29.11
C TYR C 841 33.29 -14.31 29.58
N GLN C 842 33.77 -14.37 30.82
CA GLN C 842 34.31 -15.62 31.36
C GLN C 842 33.22 -16.68 31.45
N SER C 843 32.02 -16.30 31.89
CA SER C 843 30.91 -17.25 31.97
C SER C 843 30.54 -17.77 30.59
N ALA C 844 30.53 -16.89 29.58
CA ALA C 844 30.22 -17.32 28.22
C ALA C 844 31.27 -18.30 27.70
N VAL C 845 32.54 -18.00 27.91
CA VAL C 845 33.60 -18.91 27.46
C VAL C 845 33.50 -20.25 28.17
N ARG C 846 33.25 -20.23 29.47
CA ARG C 846 33.12 -21.47 30.23
C ARG C 846 31.93 -22.29 29.74
N LYS C 847 30.80 -21.63 29.46
CA LYS C 847 29.63 -22.32 28.94
C LYS C 847 29.92 -22.96 27.59
N TYR C 848 30.60 -22.25 26.71
CA TYR C 848 30.90 -22.80 25.40
C TYR C 848 31.86 -24.00 25.51
N ILE C 849 32.86 -23.90 26.37
CA ILE C 849 33.79 -25.01 26.56
C ILE C 849 33.06 -26.22 27.13
N GLU C 850 32.17 -26.00 28.11
CA GLU C 850 31.42 -27.10 28.68
C GLU C 850 30.51 -27.76 27.65
N GLN C 851 29.83 -26.96 26.82
CA GLN C 851 28.99 -27.52 25.78
C GLN C 851 29.81 -28.31 24.78
N ALA C 852 30.98 -27.80 24.39
CA ALA C 852 31.82 -28.51 23.44
C ALA C 852 32.29 -29.84 23.99
N VAL C 853 32.73 -29.86 25.26
CA VAL C 853 33.25 -31.09 25.83
C VAL C 853 32.13 -32.09 26.12
N GLY C 854 30.93 -31.58 26.42
CA GLY C 854 29.82 -32.48 26.72
C GLY C 854 29.34 -33.25 25.50
N ARG C 855 29.30 -32.59 24.34
CA ARG C 855 28.75 -33.20 23.14
C ARG C 855 29.61 -34.33 22.59
N ALA C 856 30.83 -34.49 23.08
CA ALA C 856 31.73 -35.56 22.63
C ALA C 856 31.64 -36.69 23.64
N GLY C 857 31.23 -37.87 23.16
CA GLY C 857 31.10 -39.04 24.02
C GLY C 857 29.66 -39.46 24.23
N ARG C 858 29.25 -40.51 23.53
CA ARG C 858 27.89 -41.03 23.66
C ARG C 858 27.84 -42.55 23.75
N THR C 859 28.98 -43.23 23.82
CA THR C 859 29.05 -44.68 23.79
C THR C 859 29.68 -45.19 25.10
N SER C 860 29.90 -46.50 25.16
CA SER C 860 30.50 -47.13 26.32
C SER C 860 31.79 -47.88 25.98
N LEU C 861 32.30 -47.72 24.76
CA LEU C 861 33.58 -48.32 24.38
C LEU C 861 34.69 -47.27 24.48
N LYS C 862 35.08 -47.00 25.72
CA LYS C 862 36.11 -46.02 26.01
C LYS C 862 37.48 -46.68 26.07
N ARG C 863 38.51 -45.94 25.65
CA ARG C 863 39.86 -46.46 25.61
C ARG C 863 40.50 -46.38 26.99
N LYS C 864 41.76 -46.84 27.06
CA LYS C 864 42.51 -46.75 28.32
C LYS C 864 42.81 -45.29 28.66
N GLN C 865 43.17 -44.49 27.66
CA GLN C 865 43.51 -43.09 27.85
C GLN C 865 42.70 -42.23 26.90
N ILE C 866 42.21 -41.10 27.40
CA ILE C 866 41.50 -40.10 26.59
C ILE C 866 42.27 -38.79 26.70
N LEU C 867 42.59 -38.20 25.55
CA LEU C 867 43.43 -37.02 25.49
C LEU C 867 42.59 -35.76 25.28
N LEU C 868 42.93 -34.70 26.02
CA LEU C 868 42.29 -33.41 25.89
C LEU C 868 43.36 -32.34 25.75
N PHE C 869 43.18 -31.43 24.80
CA PHE C 869 44.14 -30.38 24.52
C PHE C 869 43.44 -29.02 24.55
N VAL C 870 44.10 -28.04 25.17
CA VAL C 870 43.49 -26.74 25.41
C VAL C 870 44.48 -25.65 25.01
N ASP C 871 43.95 -24.54 24.53
CA ASP C 871 44.76 -23.36 24.26
C ASP C 871 45.29 -22.77 25.57
N SER C 872 46.45 -22.14 25.50
CA SER C 872 47.09 -21.58 26.70
C SER C 872 46.40 -20.32 27.21
N GLY C 873 45.51 -19.71 26.42
CA GLY C 873 44.81 -18.52 26.86
C GLY C 873 43.59 -18.78 27.72
N LEU C 874 43.18 -20.05 27.85
CA LEU C 874 42.03 -20.42 28.67
C LEU C 874 42.41 -20.78 30.10
N LYS C 875 43.70 -20.76 30.43
CA LYS C 875 44.14 -21.19 31.75
C LYS C 875 43.58 -20.30 32.85
N GLU C 876 43.72 -18.98 32.70
CA GLU C 876 43.26 -18.05 33.72
C GLU C 876 41.74 -18.13 33.89
N ILE C 877 41.01 -18.24 32.79
CA ILE C 877 39.55 -18.29 32.86
C ILE C 877 39.09 -19.59 33.52
N LEU C 878 39.64 -20.72 33.08
CA LEU C 878 39.21 -22.00 33.63
C LEU C 878 39.71 -22.23 35.05
N ALA C 879 40.69 -21.44 35.51
CA ALA C 879 41.18 -21.57 36.88
C ALA C 879 40.32 -20.85 37.89
N GLU C 880 39.24 -20.18 37.47
CA GLU C 880 38.41 -19.37 38.35
C GLU C 880 36.98 -19.89 38.44
N GLU C 881 36.79 -21.19 38.59
CA GLU C 881 35.47 -21.77 38.77
C GLU C 881 35.31 -22.19 40.23
N SER C 882 34.20 -21.76 40.85
CA SER C 882 34.02 -21.99 42.28
C SER C 882 32.60 -22.40 42.63
N ARG C 883 31.92 -23.10 41.72
CA ARG C 883 30.62 -23.67 42.03
C ARG C 883 30.81 -25.10 42.55
N ASP C 884 29.72 -25.84 42.71
CA ASP C 884 29.80 -27.20 43.21
C ASP C 884 29.98 -28.19 42.06
N PRO C 885 30.88 -29.17 42.18
CA PRO C 885 31.05 -30.22 41.15
C PRO C 885 30.17 -31.45 41.41
N SER C 886 28.88 -31.33 41.09
CA SER C 886 27.93 -32.41 41.33
C SER C 886 27.55 -33.14 40.05
N LEU C 887 27.05 -32.42 39.04
CA LEU C 887 26.62 -33.01 37.79
C LEU C 887 27.56 -32.68 36.64
N PHE C 888 28.77 -32.22 36.95
CA PHE C 888 29.74 -31.91 35.90
C PHE C 888 30.17 -33.19 35.18
N SER C 889 30.55 -33.04 33.91
CA SER C 889 31.09 -34.15 33.17
C SER C 889 32.44 -34.57 33.76
N HIS C 890 32.79 -35.83 33.53
CA HIS C 890 34.05 -36.36 34.06
C HIS C 890 35.28 -35.75 33.41
N GLU C 891 35.11 -35.03 32.29
CA GLU C 891 36.20 -34.37 31.61
C GLU C 891 36.37 -32.91 32.01
N TYR C 892 35.24 -32.21 32.22
CA TYR C 892 35.32 -30.81 32.64
C TYR C 892 35.93 -30.67 34.03
N VAL C 893 35.58 -31.57 34.94
CA VAL C 893 36.14 -31.51 36.29
C VAL C 893 37.65 -31.71 36.24
N ALA C 894 38.12 -32.60 35.36
CA ALA C 894 39.56 -32.78 35.19
C ALA C 894 40.21 -31.50 34.67
N LEU C 895 39.54 -30.83 33.73
CA LEU C 895 40.07 -29.59 33.19
C LEU C 895 40.20 -28.51 34.25
N VAL C 896 39.18 -28.38 35.11
CA VAL C 896 39.22 -27.39 36.18
C VAL C 896 40.31 -27.74 37.19
N ASN C 897 40.39 -29.03 37.57
CA ASN C 897 41.33 -29.44 38.61
C ASN C 897 42.78 -29.33 38.15
N LYS C 898 43.05 -29.60 36.87
CA LYS C 898 44.42 -29.51 36.38
C LYS C 898 44.93 -28.08 36.43
N ALA C 899 44.09 -27.11 36.07
CA ALA C 899 44.51 -25.72 36.04
C ALA C 899 44.36 -25.00 37.37
N LYS C 900 43.61 -25.58 38.32
CA LYS C 900 43.52 -24.95 39.64
C LYS C 900 44.80 -25.07 40.44
N SER C 901 45.68 -26.01 40.08
CA SER C 901 46.92 -26.22 40.83
C SER C 901 48.05 -25.30 40.41
N ALA C 902 47.88 -24.51 39.35
CA ALA C 902 48.93 -23.64 38.85
C ALA C 902 48.94 -22.35 39.68
N GLY C 903 49.48 -22.45 40.88
CA GLY C 903 49.61 -21.30 41.75
C GLY C 903 48.30 -20.92 42.42
N LYS C 904 48.36 -19.82 43.17
CA LYS C 904 47.21 -19.29 43.89
C LYS C 904 46.81 -17.95 43.28
N SER C 905 45.52 -17.79 42.98
CA SER C 905 44.99 -16.58 42.37
C SER C 905 43.97 -15.95 43.31
N ILE C 906 44.09 -14.63 43.50
CA ILE C 906 43.16 -13.90 44.34
C ILE C 906 41.89 -13.62 43.55
N VAL C 907 40.75 -14.00 44.12
CA VAL C 907 39.45 -13.87 43.46
C VAL C 907 38.65 -12.78 44.17
N GLU C 908 38.18 -11.81 43.39
CA GLU C 908 37.36 -10.73 43.91
C GLU C 908 35.89 -11.11 43.77
N ASP C 909 35.15 -11.08 44.88
CA ASP C 909 33.75 -11.46 44.85
C ASP C 909 32.93 -10.47 44.04
N ARG C 910 32.00 -11.00 43.24
CA ARG C 910 31.17 -10.16 42.39
C ARG C 910 30.12 -9.39 43.19
N ALA C 911 29.82 -9.83 44.42
CA ALA C 911 28.76 -9.20 45.21
C ALA C 911 29.09 -7.74 45.52
N VAL C 912 30.35 -7.46 45.86
CA VAL C 912 30.74 -6.10 46.22
C VAL C 912 30.56 -5.15 45.05
N ARG C 913 31.06 -5.56 43.88
CA ARG C 913 30.94 -4.74 42.67
C ARG C 913 29.46 -4.56 42.29
N ARG C 914 28.67 -5.62 42.40
CA ARG C 914 27.25 -5.52 42.10
C ARG C 914 26.56 -4.54 43.03
N LEU C 915 26.89 -4.60 44.32
CA LEU C 915 26.28 -3.68 45.29
C LEU C 915 26.62 -2.24 44.95
N PHE C 916 27.90 -1.96 44.66
CA PHE C 916 28.30 -0.61 44.32
C PHE C 916 27.58 -0.09 43.06
N ASN C 917 27.58 -0.91 42.01
CA ASN C 917 26.97 -0.47 40.75
C ASN C 917 25.47 -0.24 40.93
N LEU C 918 24.77 -1.15 41.62
CA LEU C 918 23.34 -0.99 41.78
C LEU C 918 23.01 0.20 42.69
N ALA C 919 23.84 0.47 43.70
CA ALA C 919 23.64 1.65 44.52
C ALA C 919 23.73 2.92 43.68
N GLN C 920 24.75 3.01 42.83
CA GLN C 920 24.89 4.18 41.96
C GLN C 920 23.67 4.32 41.04
N ARG C 921 23.23 3.21 40.44
CA ARG C 921 22.11 3.27 39.51
C ARG C 921 20.83 3.71 40.22
N ASN C 922 20.56 3.16 41.41
CA ASN C 922 19.36 3.53 42.14
C ASN C 922 19.38 4.99 42.53
N ASN C 923 20.53 5.50 43.00
CA ASN C 923 20.61 6.91 43.36
C ASN C 923 20.37 7.80 42.16
N LYS C 924 20.97 7.46 41.00
CA LYS C 924 20.79 8.28 39.81
C LYS C 924 19.34 8.29 39.36
N ASP C 925 18.69 7.12 39.34
CA ASP C 925 17.29 7.06 38.96
C ASP C 925 16.42 7.88 39.89
N GLY C 926 16.67 7.78 41.20
CA GLY C 926 15.89 8.57 42.15
C GLY C 926 16.04 10.06 41.91
N MET C 927 17.29 10.51 41.72
CA MET C 927 17.52 11.94 41.47
C MET C 927 16.76 12.42 40.24
N LEU C 928 16.91 11.71 39.11
CA LEU C 928 16.29 12.20 37.88
C LEU C 928 14.77 12.15 37.96
N SER C 929 14.21 11.07 38.53
CA SER C 929 12.75 10.98 38.62
C SER C 929 12.19 12.04 39.55
N ILE C 930 12.85 12.31 40.68
CA ILE C 930 12.38 13.33 41.59
C ILE C 930 12.44 14.70 40.94
N LYS C 931 13.51 14.99 40.19
CA LYS C 931 13.60 16.27 39.49
C LYS C 931 12.47 16.41 38.47
N ALA C 932 12.20 15.35 37.71
CA ALA C 932 11.13 15.42 36.72
C ALA C 932 9.77 15.66 37.38
N LEU C 933 9.49 14.95 38.47
CA LEU C 933 8.20 15.13 39.13
C LEU C 933 8.07 16.52 39.75
N VAL C 934 9.15 17.02 40.36
CA VAL C 934 9.10 18.36 40.93
C VAL C 934 8.87 19.40 39.84
N HIS C 935 9.52 19.25 38.68
CA HIS C 935 9.28 20.18 37.59
C HIS C 935 7.84 20.10 37.11
N ARG C 936 7.28 18.89 37.00
CA ARG C 936 5.89 18.77 36.55
C ARG C 936 4.90 19.32 37.56
N LEU C 937 5.24 19.32 38.84
CA LEU C 937 4.33 19.85 39.85
C LEU C 937 4.24 21.38 39.85
N HIS C 938 5.15 22.07 39.17
CA HIS C 938 5.18 23.52 39.19
C HIS C 938 4.61 24.14 37.90
N ASN C 939 3.95 23.34 37.07
CA ASN C 939 3.30 23.83 35.85
C ASN C 939 1.80 23.68 36.06
N GLN C 940 1.14 24.77 36.43
CA GLN C 940 -0.28 24.74 36.71
C GLN C 940 -1.07 24.43 35.43
N PRO C 941 -2.20 23.72 35.56
CA PRO C 941 -2.76 23.14 36.78
C PRO C 941 -2.13 21.80 37.15
N ALA C 942 -2.11 21.45 38.43
CA ALA C 942 -1.55 20.18 38.86
C ALA C 942 -2.50 19.03 38.54
N SER C 943 -1.94 17.92 38.07
CA SER C 943 -2.74 16.75 37.76
C SER C 943 -3.16 16.03 39.03
N LYS C 944 -4.18 15.17 38.89
CA LYS C 944 -4.69 14.43 40.04
C LYS C 944 -3.77 13.27 40.44
N SER C 945 -3.13 12.62 39.46
CA SER C 945 -2.28 11.48 39.77
C SER C 945 -0.97 11.90 40.41
N ASP C 946 -0.46 13.08 40.07
CA ASP C 946 0.83 13.52 40.60
C ASP C 946 0.79 13.75 42.10
N ILE C 947 -0.29 14.37 42.58
CA ILE C 947 -0.43 14.60 44.02
C ILE C 947 -0.54 13.28 44.76
N GLN C 948 -1.29 12.34 44.20
CA GLN C 948 -1.39 11.00 44.80
C GLN C 948 -0.03 10.33 44.84
N GLU C 949 0.77 10.47 43.77
CA GLU C 949 2.11 9.90 43.75
C GLU C 949 2.97 10.49 44.85
N TRP C 950 2.95 11.82 44.98
CA TRP C 950 3.76 12.48 46.01
C TRP C 950 3.37 12.02 47.40
N GLN C 951 2.06 11.99 47.67
CA GLN C 951 1.58 11.58 48.99
C GLN C 951 1.92 10.11 49.27
N ASP C 952 1.78 9.25 48.27
CA ASP C 952 2.11 7.84 48.45
C ASP C 952 3.59 7.66 48.76
N ILE C 953 4.45 8.38 48.04
CA ILE C 953 5.90 8.28 48.30
C ILE C 953 6.21 8.72 49.71
N ARG C 954 5.67 9.87 50.13
CA ARG C 954 5.96 10.38 51.47
C ARG C 954 5.47 9.43 52.55
N THR C 955 4.24 8.93 52.40
CA THR C 955 3.68 8.05 53.42
C THR C 955 4.43 6.72 53.48
N GLN C 956 4.77 6.15 52.33
CA GLN C 956 5.50 4.89 52.32
C GLN C 956 6.89 5.05 52.95
N LEU C 957 7.56 6.17 52.65
CA LEU C 957 8.86 6.41 53.27
C LEU C 957 8.72 6.57 54.78
N LEU C 958 7.67 7.26 55.23
CA LEU C 958 7.48 7.46 56.67
C LEU C 958 7.19 6.16 57.39
N ARG C 959 6.33 5.31 56.82
CA ARG C 959 5.88 4.12 57.54
C ARG C 959 6.98 3.06 57.63
N TYR C 960 7.67 2.79 56.53
CA TYR C 960 8.70 1.75 56.47
C TYR C 960 10.03 2.38 56.07
N PRO C 961 10.87 2.78 57.02
CA PRO C 961 12.20 3.31 56.69
C PRO C 961 13.28 2.26 56.52
N THR C 962 12.97 0.99 56.72
CA THR C 962 13.94 -0.10 56.56
C THR C 962 13.15 -1.40 56.49
N VAL C 963 13.38 -2.19 55.45
CA VAL C 963 12.61 -3.40 55.19
C VAL C 963 13.55 -4.61 55.20
N ALA C 964 13.16 -5.65 55.94
CA ALA C 964 13.97 -6.87 55.97
C ALA C 964 13.93 -7.59 54.63
N PHE C 965 12.73 -7.78 54.08
CA PHE C 965 12.58 -8.48 52.82
C PHE C 965 12.79 -7.53 51.65
N GLN C 966 13.15 -8.10 50.51
CA GLN C 966 13.38 -7.31 49.31
C GLN C 966 12.06 -6.74 48.81
N PRO C 967 11.91 -5.43 48.68
CA PRO C 967 10.63 -4.86 48.27
C PRO C 967 10.31 -5.16 46.81
N GLU C 968 9.03 -5.06 46.48
CA GLU C 968 8.55 -5.38 45.14
C GLU C 968 7.83 -4.24 44.46
N ARG C 969 7.06 -3.43 45.20
CA ARG C 969 6.31 -2.34 44.58
C ARG C 969 7.09 -1.02 44.62
N PHE C 970 7.44 -0.56 45.82
CA PHE C 970 8.31 0.60 45.98
C PHE C 970 9.76 0.12 45.89
N ASN C 971 10.15 -0.24 44.67
CA ASN C 971 11.38 -0.99 44.45
C ASN C 971 12.61 -0.10 44.58
N ARG C 972 12.70 0.94 43.74
CA ARG C 972 13.92 1.72 43.61
C ARG C 972 13.90 2.91 44.57
N LEU C 973 13.73 2.60 45.85
CA LEU C 973 13.90 3.56 46.94
C LEU C 973 14.94 3.13 47.95
N TYR C 974 15.36 1.87 47.94
CA TYR C 974 16.28 1.32 48.90
C TYR C 974 17.53 0.78 48.21
N LEU C 975 18.62 0.69 48.96
CA LEU C 975 19.85 0.09 48.48
C LEU C 975 20.36 -0.89 49.51
N GLN C 976 21.00 -1.96 49.02
CA GLN C 976 21.52 -3.00 49.89
C GLN C 976 22.88 -2.58 50.45
N SER C 977 23.04 -2.70 51.76
CA SER C 977 24.26 -2.31 52.44
C SER C 977 24.91 -3.51 53.11
N MET C 978 26.25 -3.49 53.15
CA MET C 978 26.97 -4.56 53.83
C MET C 978 26.69 -4.55 55.32
N THR C 979 26.79 -3.38 55.94
CA THR C 979 26.40 -3.22 57.34
C THR C 979 24.89 -3.05 57.44
N LYS C 980 24.36 -3.20 58.65
CA LYS C 980 22.93 -3.15 58.91
C LYS C 980 22.62 -1.92 59.74
N GLY C 981 21.97 -0.93 59.12
CA GLY C 981 21.47 0.25 59.81
C GLY C 981 22.07 1.55 59.33
N TYR C 982 23.30 1.52 58.83
CA TYR C 982 23.98 2.75 58.45
C TYR C 982 24.96 2.47 57.31
N TYR C 983 25.31 3.54 56.60
CA TYR C 983 26.32 3.49 55.55
C TYR C 983 26.84 4.90 55.31
N ARG C 984 28.00 4.97 54.64
CA ARG C 984 28.66 6.24 54.36
C ARG C 984 28.73 6.48 52.85
N TYR C 985 28.87 7.75 52.49
CA TYR C 985 28.91 8.15 51.08
C TYR C 985 29.61 9.50 50.98
N GLN C 986 29.77 9.97 49.75
CA GLN C 986 30.34 11.28 49.50
C GLN C 986 29.91 11.76 48.13
N GLY C 987 29.30 12.94 48.08
CA GLY C 987 28.87 13.51 46.81
C GLY C 987 28.12 14.81 47.05
N ASN C 988 27.69 15.42 45.95
CA ASN C 988 26.92 16.66 45.98
C ASN C 988 25.58 16.43 45.29
N LEU C 989 24.50 16.82 45.95
CA LEU C 989 23.16 16.62 45.38
C LEU C 989 22.71 17.84 44.58
N ASP C 990 23.59 18.33 43.70
CA ASP C 990 23.20 19.39 42.78
C ASP C 990 23.85 19.27 41.39
N GLY C 991 24.64 18.22 41.12
CA GLY C 991 25.41 18.18 39.90
C GLY C 991 25.47 16.83 39.22
N ASP C 992 26.69 16.37 38.95
CA ASP C 992 26.89 15.15 38.18
C ASP C 992 26.42 13.94 38.99
N PRO C 993 25.49 13.14 38.48
CA PRO C 993 24.97 12.01 39.27
C PRO C 993 25.92 10.84 39.35
N ASN C 994 26.65 10.56 38.26
CA ASN C 994 27.55 9.41 38.23
C ASN C 994 28.97 9.79 38.66
N SER C 995 29.07 10.41 39.84
CA SER C 995 30.35 10.72 40.46
C SER C 995 30.28 10.46 41.96
N PHE C 996 29.63 9.36 42.34
CA PHE C 996 29.40 9.03 43.74
C PHE C 996 30.24 7.82 44.15
N GLU C 997 30.64 7.81 45.42
CA GLU C 997 31.38 6.70 45.99
C GLU C 997 30.71 6.27 47.29
N PHE C 998 30.79 4.97 47.59
CA PHE C 998 30.03 4.39 48.68
C PHE C 998 30.90 3.48 49.55
N PHE C 999 30.49 3.34 50.81
CA PHE C 999 30.98 2.31 51.71
C PHE C 999 32.47 2.45 52.06
N ASP C 1000 33.22 1.36 51.88
CA ASP C 1000 34.60 1.30 52.35
C ASP C 1000 35.48 2.35 51.66
N ARG C 1001 35.28 2.53 50.35
CA ARG C 1001 36.10 3.43 49.55
C ARG C 1001 36.07 4.88 50.04
N VAL C 1002 35.04 5.27 50.80
CA VAL C 1002 35.03 6.59 51.43
C VAL C 1002 34.81 6.40 52.93
N PRO C 1003 35.87 6.41 53.73
CA PRO C 1003 35.72 6.27 55.19
C PRO C 1003 35.63 7.59 55.94
N TYR C 1004 35.76 8.73 55.26
CA TYR C 1004 35.71 10.03 55.91
C TYR C 1004 34.62 10.90 55.31
N GLY C 1005 33.44 10.32 55.07
CA GLY C 1005 32.35 11.01 54.43
C GLY C 1005 31.14 11.17 55.35
N ASP C 1006 30.09 11.72 54.77
CA ASP C 1006 28.86 11.96 55.53
C ASP C 1006 28.18 10.64 55.88
N MET C 1007 27.36 10.68 56.93
CA MET C 1007 26.69 9.50 57.46
C MET C 1007 25.19 9.69 57.39
N VAL C 1008 24.48 8.62 57.03
CA VAL C 1008 23.02 8.57 57.06
C VAL C 1008 22.61 7.40 57.95
N SER C 1009 21.95 7.71 59.05
CA SER C 1009 21.53 6.72 60.04
C SER C 1009 20.48 7.36 60.94
N GLU C 1010 20.10 6.65 62.00
CA GLU C 1010 19.09 7.17 62.93
C GLU C 1010 19.63 8.29 63.79
N GLU C 1011 20.91 8.25 64.16
CA GLU C 1011 21.48 9.27 65.04
C GLU C 1011 21.60 10.63 64.36
N ASP C 1012 21.43 10.70 63.04
CA ASP C 1012 21.56 11.97 62.32
C ASP C 1012 20.23 12.65 62.04
N CYS C 1013 19.12 11.90 62.02
CA CYS C 1013 17.82 12.50 61.78
C CYS C 1013 17.17 13.03 63.06
N SER C 1014 17.78 12.79 64.22
CA SER C 1014 17.29 13.29 65.50
C SER C 1014 15.84 12.89 65.76
N LEU C 1015 15.51 11.63 65.43
CA LEU C 1015 14.17 11.13 65.72
C LEU C 1015 13.95 10.94 67.21
N ALA C 1016 14.99 10.52 67.93
CA ALA C 1016 14.85 10.26 69.37
C ALA C 1016 14.49 11.53 70.13
N THR C 1017 15.11 12.65 69.78
CA THR C 1017 14.78 13.91 70.43
C THR C 1017 13.34 14.33 70.12
N LEU C 1018 12.92 14.14 68.86
CA LEU C 1018 11.59 14.57 68.45
C LEU C 1018 10.48 13.73 69.08
N VAL C 1019 10.69 12.42 69.24
CA VAL C 1019 9.61 11.56 69.73
C VAL C 1019 9.38 11.70 71.23
N GLN C 1020 10.32 12.30 71.97
CA GLN C 1020 10.18 12.42 73.42
C GLN C 1020 9.16 13.45 73.85
N ASN C 1021 8.67 14.28 72.92
CA ASN C 1021 7.70 15.31 73.29
C ASN C 1021 6.39 14.67 73.70
N GLN C 1022 5.72 15.28 74.69
CA GLN C 1022 4.50 14.71 75.25
C GLN C 1022 3.37 14.72 74.23
N TYR C 1023 3.24 15.78 73.46
CA TYR C 1023 2.10 15.97 72.56
C TYR C 1023 2.32 15.39 71.17
N VAL C 1024 3.47 14.77 70.91
CA VAL C 1024 3.82 14.30 69.58
C VAL C 1024 3.83 12.79 69.49
N ARG C 1025 4.28 12.11 70.54
CA ARG C 1025 4.39 10.64 70.49
C ARG C 1025 3.05 9.95 70.25
N PRO C 1026 1.95 10.29 70.94
CA PRO C 1026 0.66 9.68 70.59
C PRO C 1026 0.27 9.91 69.14
N TRP C 1027 0.62 11.07 68.58
CA TRP C 1027 0.35 11.31 67.16
C TRP C 1027 1.11 10.33 66.28
N PHE C 1028 2.37 10.04 66.64
CA PHE C 1028 3.16 9.07 65.88
C PHE C 1028 2.56 7.68 65.98
N GLU C 1029 2.16 7.27 67.19
CA GLU C 1029 1.59 5.94 67.37
C GLU C 1029 0.21 5.78 66.74
N ARG C 1030 -0.57 6.86 66.63
CA ARG C 1030 -1.91 6.75 66.07
C ARG C 1030 -1.87 6.44 64.58
N LYS C 1031 -0.90 7.00 63.85
CA LYS C 1031 -0.81 6.84 62.40
C LYS C 1031 0.04 5.66 61.98
N GLY C 1032 0.60 4.91 62.93
CA GLY C 1032 1.44 3.77 62.60
C GLY C 1032 2.85 4.12 62.18
N PHE C 1033 3.27 5.36 62.38
CA PHE C 1033 4.62 5.77 62.00
C PHE C 1033 5.66 5.06 62.86
N ALA C 1034 6.84 4.85 62.29
CA ALA C 1034 7.90 4.14 62.99
C ALA C 1034 8.64 5.10 63.93
N CYS C 1035 8.61 4.79 65.23
CA CYS C 1035 9.30 5.59 66.22
C CYS C 1035 10.76 5.18 66.42
N SER C 1036 11.18 4.08 65.81
CA SER C 1036 12.56 3.63 65.90
C SER C 1036 12.93 2.95 64.59
N TRP C 1037 14.24 2.93 64.31
CA TRP C 1037 14.75 2.37 63.07
C TRP C 1037 15.18 0.92 63.30
N GLN C 1038 14.53 0.00 62.60
CA GLN C 1038 14.90 -1.40 62.69
C GLN C 1038 16.26 -1.63 62.02
N LYS C 1039 16.87 -2.77 62.32
CA LYS C 1039 18.22 -3.08 61.86
C LYS C 1039 18.14 -4.18 60.79
N GLU C 1040 18.09 -3.76 59.53
CA GLU C 1040 18.13 -4.67 58.39
C GLU C 1040 18.97 -4.07 57.29
N ALA C 1041 19.31 -4.89 56.30
CA ALA C 1041 20.23 -4.50 55.23
C ALA C 1041 19.47 -3.92 54.04
N ASN C 1042 18.70 -2.87 54.33
CA ASN C 1042 18.01 -2.12 53.28
C ASN C 1042 17.68 -0.74 53.83
N VAL C 1043 18.34 0.29 53.31
CA VAL C 1043 18.19 1.65 53.79
C VAL C 1043 17.84 2.54 52.60
N MET C 1044 17.27 3.70 52.90
CA MET C 1044 16.89 4.64 51.85
C MET C 1044 18.12 5.30 51.24
N THR C 1045 17.98 5.68 49.97
CA THR C 1045 19.08 6.29 49.23
C THR C 1045 19.36 7.69 49.75
N PRO C 1046 20.56 8.22 49.49
CA PRO C 1046 20.88 9.58 49.99
C PRO C 1046 19.92 10.65 49.50
N ILE C 1047 19.39 10.52 48.28
CA ILE C 1047 18.54 11.56 47.73
C ILE C 1047 17.22 11.66 48.49
N MET C 1048 16.75 10.55 49.06
CA MET C 1048 15.50 10.55 49.81
C MET C 1048 15.69 10.75 51.31
N PHE C 1049 16.92 10.89 51.78
CA PHE C 1049 17.18 11.24 53.17
C PHE C 1049 17.39 12.74 53.36
N THR C 1050 17.43 13.51 52.28
CA THR C 1050 17.69 14.95 52.35
C THR C 1050 16.59 15.80 51.75
N ASN C 1051 15.75 15.25 50.86
CA ASN C 1051 14.73 16.03 50.19
C ASN C 1051 13.30 15.56 50.48
N ILE C 1052 13.12 14.39 51.10
CA ILE C 1052 11.79 13.86 51.34
C ILE C 1052 11.60 13.59 52.83
N TYR C 1053 12.54 12.84 53.43
CA TYR C 1053 12.38 12.43 54.82
C TYR C 1053 12.38 13.63 55.76
N LYS C 1054 13.28 14.60 55.53
CA LYS C 1054 13.40 15.73 56.44
C LYS C 1054 12.12 16.55 56.47
N GLY C 1055 11.60 16.91 55.29
CA GLY C 1055 10.39 17.71 55.24
C GLY C 1055 9.18 16.99 55.78
N ALA C 1056 9.03 15.71 55.45
CA ALA C 1056 7.90 14.93 55.95
C ALA C 1056 7.96 14.79 57.46
N LEU C 1057 9.15 14.59 58.03
CA LEU C 1057 9.27 14.49 59.47
C LEU C 1057 9.07 15.84 60.16
N GLY C 1058 9.43 16.94 59.47
CA GLY C 1058 9.29 18.25 60.09
C GLY C 1058 7.90 18.83 60.03
N GLU C 1059 7.15 18.54 58.97
CA GLU C 1059 5.82 19.15 58.81
C GLU C 1059 4.86 18.65 59.89
N GLN C 1060 4.78 17.33 60.07
CA GLN C 1060 3.88 16.77 61.06
C GLN C 1060 4.28 17.16 62.48
N ALA C 1061 5.58 17.35 62.73
CA ALA C 1061 6.03 17.75 64.06
C ALA C 1061 5.46 19.10 64.45
N VAL C 1062 5.46 20.07 63.52
CA VAL C 1062 4.89 21.38 63.82
C VAL C 1062 3.37 21.30 63.83
N GLU C 1063 2.79 20.50 62.94
CA GLU C 1063 1.32 20.46 62.83
C GLU C 1063 0.69 19.87 64.09
N ALA C 1064 1.25 18.77 64.59
CA ALA C 1064 0.71 18.16 65.80
C ALA C 1064 0.85 19.08 67.00
N VAL C 1065 1.98 19.78 67.11
CA VAL C 1065 2.20 20.69 68.23
C VAL C 1065 1.20 21.84 68.18
N LEU C 1066 1.00 22.43 67.00
CA LEU C 1066 0.07 23.56 66.90
C LEU C 1066 -1.39 23.14 66.86
N THR C 1067 -1.68 21.85 66.68
CA THR C 1067 -3.07 21.40 66.71
C THR C 1067 -3.68 21.58 68.10
N ALA C 1068 -2.89 21.41 69.15
CA ALA C 1068 -3.42 21.50 70.51
C ALA C 1068 -3.96 22.89 70.81
N PHE C 1069 -3.27 23.93 70.34
CA PHE C 1069 -3.65 25.31 70.65
C PHE C 1069 -4.59 25.85 69.57
N ASP C 1070 -5.74 25.20 69.47
CA ASP C 1070 -6.89 25.65 68.68
C ASP C 1070 -6.49 26.14 67.29
N PHE C 1071 -5.95 25.22 66.50
CA PHE C 1071 -5.61 25.50 65.11
C PHE C 1071 -6.13 24.38 64.21
N THR C 1072 -6.60 24.76 63.03
CA THR C 1072 -7.12 23.83 62.05
C THR C 1072 -6.29 23.88 60.78
N PHE C 1073 -6.28 22.77 60.04
CA PHE C 1073 -5.47 22.64 58.83
C PHE C 1073 -6.31 22.10 57.68
N GLU C 1074 -5.95 22.51 56.47
CA GLU C 1074 -6.64 22.11 55.25
C GLU C 1074 -5.59 21.98 54.15
N GLU C 1075 -6.04 21.93 52.89
CA GLU C 1075 -5.16 21.73 51.75
C GLU C 1075 -5.15 22.96 50.86
N VAL C 1076 -4.04 23.17 50.18
CA VAL C 1076 -3.88 24.31 49.27
C VAL C 1076 -4.77 24.10 48.05
N PRO C 1077 -5.52 25.12 47.58
CA PRO C 1077 -6.50 24.94 46.50
C PRO C 1077 -5.90 24.80 45.10
N ASN C 1078 -4.90 23.93 44.98
CA ASN C 1078 -4.41 23.39 43.71
C ASN C 1078 -3.77 24.42 42.80
N SER C 1079 -3.71 25.70 43.19
CA SER C 1079 -3.18 26.73 42.31
C SER C 1079 -1.71 27.01 42.54
N ILE C 1080 -1.23 26.89 43.77
CA ILE C 1080 0.14 27.23 44.12
C ILE C 1080 0.77 26.03 44.83
N TYR C 1081 0.34 24.83 44.44
CA TYR C 1081 0.76 23.61 45.14
C TYR C 1081 2.27 23.47 45.13
N GLU C 1082 2.79 22.88 46.22
CA GLU C 1082 4.19 22.62 46.52
C GLU C 1082 4.97 23.88 46.86
N ARG C 1083 4.36 25.07 46.76
CA ARG C 1083 5.01 26.30 47.17
C ARG C 1083 4.77 26.63 48.65
N PHE C 1084 3.86 25.92 49.30
CA PHE C 1084 3.57 26.15 50.71
C PHE C 1084 3.08 24.84 51.32
N ASP C 1085 3.06 24.80 52.66
CA ASP C 1085 2.77 23.56 53.36
C ASP C 1085 1.27 23.25 53.37
N ASN C 1086 0.48 24.11 54.00
CA ASN C 1086 -0.95 23.86 54.16
C ASN C 1086 -1.65 25.19 54.38
N ARG C 1087 -2.93 25.12 54.76
CA ARG C 1087 -3.75 26.30 55.06
C ARG C 1087 -4.21 26.23 56.51
N VAL C 1088 -4.05 27.33 57.23
CA VAL C 1088 -4.44 27.44 58.63
C VAL C 1088 -5.50 28.53 58.75
N ILE C 1089 -6.61 28.20 59.42
CA ILE C 1089 -7.71 29.14 59.63
C ILE C 1089 -8.17 29.02 61.08
N PHE C 1090 -8.79 30.09 61.57
CA PHE C 1090 -9.32 30.12 62.93
C PHE C 1090 -10.28 31.29 63.12
N ALA C 1091 -11.46 31.00 63.68
CA ALA C 1091 -12.45 32.00 64.09
C ALA C 1091 -12.94 32.86 62.92
N GLY C 1092 -12.83 32.36 61.69
CA GLY C 1092 -13.33 33.07 60.54
C GLY C 1092 -12.71 34.45 60.32
N ILE C 1093 -11.42 34.48 60.01
CA ILE C 1093 -10.68 35.71 59.79
C ILE C 1093 -10.27 35.78 58.33
N GLU C 1094 -10.37 36.98 57.74
CA GLU C 1094 -10.01 37.18 56.34
C GLU C 1094 -8.50 37.05 56.18
N GLN C 1095 -8.03 37.27 54.94
CA GLN C 1095 -6.65 37.12 54.50
C GLN C 1095 -6.05 35.84 55.09
N PRO C 1096 -6.46 34.67 54.57
CA PRO C 1096 -6.12 33.41 55.24
C PRO C 1096 -4.61 33.21 55.37
N ILE C 1097 -4.22 32.60 56.48
CA ILE C 1097 -2.81 32.40 56.80
C ILE C 1097 -2.27 31.23 56.00
N TRP C 1098 -1.05 31.38 55.49
CA TRP C 1098 -0.33 30.33 54.79
C TRP C 1098 0.99 30.09 55.51
N LEU C 1099 1.43 28.83 55.53
CA LEU C 1099 2.59 28.42 56.31
C LEU C 1099 3.53 27.58 55.45
N ASP C 1100 4.82 27.73 55.72
CA ASP C 1100 5.86 26.89 55.15
C ASP C 1100 6.75 26.41 56.29
N SER C 1101 7.02 25.11 56.33
CA SER C 1101 7.71 24.49 57.45
C SER C 1101 9.03 23.88 57.00
N LYS C 1102 10.02 23.91 57.90
CA LYS C 1102 11.31 23.30 57.70
C LYS C 1102 11.66 22.46 58.92
N TYR C 1103 12.38 21.36 58.69
CA TYR C 1103 12.69 20.45 59.79
C TYR C 1103 13.61 21.10 60.82
N TRP C 1104 14.79 21.52 60.38
CA TRP C 1104 15.78 22.13 61.26
C TRP C 1104 16.18 23.51 60.73
N LYS C 1105 17.12 24.14 61.43
CA LYS C 1105 17.60 25.47 61.06
C LYS C 1105 18.50 25.34 59.83
N HIS C 1106 17.87 25.18 58.67
CA HIS C 1106 18.57 25.02 57.41
C HIS C 1106 18.55 26.33 56.65
N GLU C 1107 19.74 26.80 56.27
CA GLU C 1107 19.89 28.04 55.51
C GLU C 1107 20.22 27.72 54.06
N GLY C 1108 19.41 28.25 53.14
CA GLY C 1108 19.63 28.02 51.73
C GLY C 1108 19.83 29.31 50.96
N ASN C 1109 20.30 29.21 49.72
CA ASN C 1109 20.53 30.38 48.89
C ASN C 1109 19.23 30.82 48.20
N GLU C 1110 18.17 31.02 48.99
CA GLU C 1110 16.89 31.47 48.49
C GLU C 1110 16.60 32.92 48.81
N SER C 1111 17.61 33.67 49.27
CA SER C 1111 17.43 35.08 49.59
C SER C 1111 17.36 35.96 48.35
N SER C 1112 17.44 35.37 47.15
CA SER C 1112 17.36 36.13 45.91
C SER C 1112 15.89 36.45 45.61
N GLU C 1113 15.63 36.91 44.38
CA GLU C 1113 14.29 37.33 43.99
C GLU C 1113 13.29 36.17 43.87
N GLY C 1114 13.70 34.94 44.17
CA GLY C 1114 12.75 33.84 44.10
C GLY C 1114 11.64 33.96 45.12
N TYR C 1115 12.01 34.28 46.38
CA TYR C 1115 11.01 34.48 47.41
C TYR C 1115 10.09 35.65 47.08
N SER C 1116 10.66 36.74 46.56
CA SER C 1116 9.86 37.89 46.17
C SER C 1116 8.88 37.52 45.07
N SER C 1117 9.35 36.77 44.07
CA SER C 1117 8.46 36.34 43.00
C SER C 1117 7.33 35.46 43.53
N LYS C 1118 7.66 34.52 44.42
CA LYS C 1118 6.64 33.64 44.97
C LYS C 1118 5.60 34.42 45.77
N ILE C 1119 6.06 35.34 46.61
CA ILE C 1119 5.12 36.10 47.44
C ILE C 1119 4.27 37.03 46.58
N ALA C 1120 4.87 37.62 45.54
CA ALA C 1120 4.10 38.47 44.64
C ALA C 1120 3.05 37.68 43.89
N LEU C 1121 3.41 36.47 43.41
CA LEU C 1121 2.44 35.65 42.72
C LEU C 1121 1.29 35.24 43.64
N VAL C 1122 1.61 34.84 44.88
CA VAL C 1122 0.57 34.45 45.82
C VAL C 1122 -0.34 35.64 46.13
N GLU C 1123 0.24 36.81 46.38
CA GLU C 1123 -0.56 37.99 46.69
C GLU C 1123 -1.45 38.38 45.52
N GLU C 1124 -0.92 38.33 44.30
CA GLU C 1124 -1.73 38.69 43.14
C GLU C 1124 -2.87 37.69 42.92
N GLU C 1125 -2.59 36.40 43.11
CA GLU C 1125 -3.60 35.38 42.84
C GLU C 1125 -4.59 35.19 43.97
N PHE C 1126 -4.31 35.71 45.18
CA PHE C 1126 -5.24 35.52 46.29
C PHE C 1126 -5.42 36.75 47.16
N GLY C 1127 -4.97 37.92 46.73
CA GLY C 1127 -5.15 39.13 47.50
C GLY C 1127 -4.30 39.17 48.75
N PRO C 1128 -4.71 39.97 49.73
CA PRO C 1128 -3.94 40.05 50.98
C PRO C 1128 -3.96 38.74 51.74
N SER C 1129 -2.87 38.48 52.46
CA SER C 1129 -2.74 37.25 53.22
C SER C 1129 -1.67 37.46 54.30
N LYS C 1130 -1.61 36.50 55.21
CA LYS C 1130 -0.59 36.47 56.26
C LYS C 1130 0.22 35.18 56.11
N PHE C 1131 1.52 35.28 56.37
CA PHE C 1131 2.44 34.18 56.10
C PHE C 1131 3.32 33.92 57.32
N ILE C 1132 3.65 32.65 57.53
CA ILE C 1132 4.43 32.20 58.67
C ILE C 1132 5.59 31.35 58.16
N TYR C 1133 6.79 31.67 58.62
CA TYR C 1133 7.99 30.88 58.34
C TYR C 1133 8.56 30.40 59.67
N VAL C 1134 8.46 29.10 59.92
CA VAL C 1134 8.79 28.53 61.22
C VAL C 1134 9.81 27.42 61.04
N ASN C 1135 10.56 27.14 62.09
CA ASN C 1135 11.55 26.07 62.14
C ASN C 1135 11.18 25.10 63.27
N ALA C 1136 12.04 24.11 63.47
CA ALA C 1136 11.85 23.15 64.53
C ALA C 1136 13.21 22.59 64.94
N LEU C 1137 13.26 22.01 66.14
CA LEU C 1137 14.46 21.39 66.69
C LEU C 1137 15.65 22.34 66.66
N GLY C 1138 15.48 23.46 67.37
CA GLY C 1138 16.52 24.46 67.44
C GLY C 1138 16.78 24.97 68.84
N ASP C 1139 17.29 26.18 68.96
CA ASP C 1139 17.61 26.79 70.24
C ASP C 1139 16.44 27.68 70.67
N THR C 1140 15.88 27.40 71.84
CA THR C 1140 14.72 28.13 72.34
C THR C 1140 15.14 29.31 73.23
N SER C 1141 16.04 30.15 72.70
CA SER C 1141 16.45 31.35 73.40
C SER C 1141 16.63 32.56 72.50
N LYS C 1142 16.33 32.43 71.20
CA LYS C 1142 16.51 33.52 70.25
C LYS C 1142 15.25 34.37 70.17
N PRO C 1143 15.39 35.66 69.82
CA PRO C 1143 14.20 36.52 69.70
C PRO C 1143 13.38 36.22 68.45
N ILE C 1144 12.31 36.96 68.25
CA ILE C 1144 11.41 36.77 67.12
C ILE C 1144 11.62 37.94 66.16
N ARG C 1145 11.91 37.63 64.90
CA ARG C 1145 12.16 38.63 63.87
C ARG C 1145 10.90 38.87 63.07
N TYR C 1146 10.55 40.15 62.87
CA TYR C 1146 9.37 40.55 62.13
C TYR C 1146 9.80 41.10 60.76
N LEU C 1147 9.17 40.61 59.71
CA LEU C 1147 9.52 40.98 58.34
C LEU C 1147 8.31 41.58 57.64
N ASN C 1148 8.56 42.66 56.91
CA ASN C 1148 7.56 43.30 56.08
C ASN C 1148 7.57 42.67 54.69
N SER C 1149 6.93 43.33 53.72
CA SER C 1149 7.00 42.85 52.34
C SER C 1149 8.44 42.81 51.84
N CYS C 1150 9.26 43.76 52.27
CA CYS C 1150 10.68 43.75 51.95
C CYS C 1150 11.42 42.84 52.93
N PHE C 1151 12.75 42.84 52.82
CA PHE C 1151 13.61 41.99 53.65
C PHE C 1151 14.30 42.77 54.75
N VAL C 1152 13.62 43.77 55.33
CA VAL C 1152 14.16 44.60 56.40
C VAL C 1152 13.26 44.48 57.61
N GLU C 1153 13.85 44.20 58.77
CA GLU C 1153 13.07 44.14 60.00
C GLU C 1153 12.50 45.52 60.32
N THR C 1154 11.23 45.53 60.74
CA THR C 1154 10.51 46.78 60.97
C THR C 1154 9.63 46.62 62.21
N SER C 1155 8.72 47.56 62.40
CA SER C 1155 7.85 47.54 63.56
C SER C 1155 6.91 46.33 63.51
N PRO C 1156 6.56 45.76 64.67
CA PRO C 1156 5.68 44.59 64.66
C PRO C 1156 4.31 44.84 64.03
N GLN C 1157 3.76 46.04 64.20
CA GLN C 1157 2.45 46.33 63.61
C GLN C 1157 2.50 46.31 62.09
N LEU C 1158 3.53 46.89 61.50
CA LEU C 1158 3.70 46.91 60.05
C LEU C 1158 4.55 45.73 59.57
N ALA C 1159 4.16 44.52 59.97
CA ALA C 1159 4.89 43.31 59.63
C ALA C 1159 3.98 42.35 58.87
N LYS C 1160 4.60 41.43 58.15
CA LYS C 1160 3.87 40.46 57.34
C LYS C 1160 4.15 39.01 57.72
N VAL C 1161 5.40 38.65 57.99
CA VAL C 1161 5.80 37.27 58.22
C VAL C 1161 6.49 37.18 59.57
N ILE C 1162 6.11 36.18 60.37
CA ILE C 1162 6.70 35.93 61.67
C ILE C 1162 7.71 34.80 61.55
N GLU C 1163 8.91 35.00 62.10
CA GLU C 1163 9.99 34.02 62.05
C GLU C 1163 10.26 33.51 63.46
N ILE C 1164 9.76 32.32 63.77
CA ILE C 1164 9.99 31.69 65.07
C ILE C 1164 11.27 30.89 64.98
N PRO C 1165 12.31 31.20 65.78
CA PRO C 1165 13.56 30.46 65.68
C PRO C 1165 13.42 28.97 65.99
N ALA C 1166 12.57 28.60 66.94
CA ALA C 1166 12.41 27.21 67.32
C ALA C 1166 11.16 27.05 68.16
N LEU C 1167 10.59 25.86 68.13
CA LEU C 1167 9.42 25.50 68.94
C LEU C 1167 9.70 24.36 69.90
N ILE C 1168 10.36 23.30 69.43
CA ILE C 1168 10.69 22.15 70.26
C ILE C 1168 12.17 22.24 70.63
N ASP C 1169 12.45 22.20 71.93
CA ASP C 1169 13.81 22.34 72.41
C ASP C 1169 14.67 21.14 72.00
N ASP C 1170 15.98 21.38 71.87
CA ASP C 1170 16.93 20.36 71.50
C ASP C 1170 17.72 19.82 72.68
N SER C 1171 17.19 19.96 73.90
CA SER C 1171 17.85 19.48 75.11
C SER C 1171 17.07 18.38 75.80
N ASN C 1172 15.78 18.59 76.06
CA ASN C 1172 14.94 17.58 76.71
C ASN C 1172 13.58 17.50 76.06
N ALA C 1173 13.48 17.85 74.77
CA ALA C 1173 12.23 17.82 74.01
C ALA C 1173 11.13 18.63 74.70
N ASP C 1174 11.48 19.87 75.04
CA ASP C 1174 10.56 20.77 75.70
C ASP C 1174 9.69 21.49 74.66
N THR C 1175 8.73 22.27 75.15
CA THR C 1175 7.87 23.08 74.30
C THR C 1175 7.84 24.51 74.84
N ASN C 1176 7.83 25.47 73.93
CA ASN C 1176 7.84 26.89 74.29
C ASN C 1176 6.45 27.44 74.00
N ARG C 1177 5.77 27.90 75.05
CA ARG C 1177 4.41 28.44 74.90
C ARG C 1177 4.43 29.93 74.59
N THR C 1178 5.58 30.59 74.80
CA THR C 1178 5.69 32.00 74.47
C THR C 1178 5.46 32.24 72.98
N ALA C 1179 6.04 31.40 72.13
CA ALA C 1179 5.91 31.61 70.69
C ALA C 1179 4.46 31.46 70.24
N VAL C 1180 3.76 30.46 70.75
CA VAL C 1180 2.35 30.29 70.35
C VAL C 1180 1.50 31.43 70.91
N GLN C 1181 1.81 31.92 72.12
CA GLN C 1181 1.09 33.08 72.63
C GLN C 1181 1.29 34.30 71.75
N GLU C 1182 2.53 34.56 71.32
CA GLU C 1182 2.80 35.69 70.44
C GLU C 1182 2.13 35.49 69.08
N LEU C 1183 2.09 34.26 68.59
CA LEU C 1183 1.41 33.98 67.32
C LEU C 1183 -0.09 34.24 67.45
N ILE C 1184 -0.69 33.85 68.58
CA ILE C 1184 -2.11 34.09 68.81
C ILE C 1184 -2.40 35.58 68.86
N LYS C 1185 -1.57 36.33 69.59
CA LYS C 1185 -1.83 37.77 69.70
C LYS C 1185 -1.58 38.49 68.38
N TRP C 1186 -0.62 38.02 67.58
CA TRP C 1186 -0.34 38.67 66.31
C TRP C 1186 -1.36 38.30 65.24
N LEU C 1187 -1.94 37.11 65.31
CA LEU C 1187 -2.91 36.68 64.32
C LEU C 1187 -4.28 37.27 64.63
N HIS C 1188 -4.33 38.58 64.81
CA HIS C 1188 -5.55 39.30 65.14
C HIS C 1188 -5.42 40.70 64.56
N HIS C 1189 -6.25 41.63 65.04
CA HIS C 1189 -6.17 43.02 64.62
C HIS C 1189 -4.80 43.63 64.94
N SER C 1190 -4.09 43.10 65.93
CA SER C 1190 -2.76 43.57 66.32
C SER C 1190 -2.77 45.05 66.67
N MET D 1 34.47 3.48 -33.20
CA MET D 1 34.53 4.79 -33.85
C MET D 1 33.26 5.59 -33.58
N ASN D 2 33.41 6.91 -33.44
CA ASN D 2 32.30 7.82 -33.17
C ASN D 2 32.30 8.90 -34.26
N VAL D 3 31.37 8.77 -35.21
CA VAL D 3 31.22 9.75 -36.28
C VAL D 3 30.55 10.99 -35.73
N SER D 4 30.59 12.08 -36.48
CA SER D 4 30.03 13.36 -36.04
C SER D 4 29.29 14.01 -37.21
N ILE D 5 28.72 15.19 -36.95
CA ILE D 5 27.98 15.93 -37.96
C ILE D 5 28.88 16.53 -39.02
N GLU D 6 30.18 16.67 -38.74
CA GLU D 6 31.11 17.33 -39.65
C GLU D 6 31.19 16.66 -41.01
N GLU D 7 30.81 15.38 -41.11
CA GLU D 7 30.90 14.67 -42.38
C GLU D 7 29.89 15.15 -43.41
N PHE D 8 28.91 15.96 -43.01
CA PHE D 8 27.89 16.46 -43.92
C PHE D 8 28.18 17.88 -44.42
N THR D 9 29.40 18.39 -44.18
CA THR D 9 29.72 19.75 -44.59
C THR D 9 29.68 19.89 -46.10
N HIS D 10 30.25 18.93 -46.83
CA HIS D 10 30.27 18.96 -48.29
C HIS D 10 29.23 17.95 -48.80
N PHE D 11 27.99 18.40 -48.87
CA PHE D 11 26.90 17.57 -49.37
C PHE D 11 25.89 18.45 -50.09
N ASP D 12 25.40 17.98 -51.22
CA ASP D 12 24.44 18.73 -52.04
C ASP D 12 23.07 18.59 -51.41
N PHE D 13 22.71 19.57 -50.59
CA PHE D 13 21.46 19.61 -49.82
C PHE D 13 20.28 20.13 -50.64
N GLN D 14 20.45 20.28 -51.95
CA GLN D 14 19.37 20.68 -52.83
C GLN D 14 18.96 19.60 -53.83
N LEU D 15 19.79 18.58 -54.03
CA LEU D 15 19.47 17.51 -54.98
C LEU D 15 18.53 16.51 -54.34
N VAL D 16 17.40 16.27 -54.99
CA VAL D 16 16.38 15.35 -54.48
C VAL D 16 15.91 14.48 -55.63
N PRO D 17 15.59 13.20 -55.41
CA PRO D 17 15.04 12.37 -56.48
C PRO D 17 13.74 12.94 -57.04
N GLU D 18 13.29 12.33 -58.13
CA GLU D 18 12.11 12.82 -58.83
C GLU D 18 10.85 12.51 -58.02
N PRO D 19 10.05 13.52 -57.67
CA PRO D 19 8.84 13.26 -56.89
C PRO D 19 7.81 12.48 -57.68
N SER D 20 7.01 11.72 -56.95
CA SER D 20 5.89 10.96 -57.48
C SER D 20 4.58 11.67 -57.17
N PRO D 21 3.52 11.40 -57.95
CA PRO D 21 2.24 12.07 -57.66
C PRO D 21 1.70 11.78 -56.27
N LEU D 22 1.96 10.59 -55.73
CA LEU D 22 1.57 10.31 -54.34
C LEU D 22 2.40 11.12 -53.36
N ASP D 23 3.64 11.44 -53.71
CA ASP D 23 4.51 12.19 -52.81
C ASP D 23 4.26 13.69 -52.85
N LEU D 24 3.53 14.19 -53.85
CA LEU D 24 3.20 15.60 -53.93
C LEU D 24 1.88 15.94 -53.24
N VAL D 25 1.13 14.94 -52.79
CA VAL D 25 -0.12 15.19 -52.07
C VAL D 25 0.11 15.55 -50.61
N ILE D 26 1.25 15.16 -50.05
CA ILE D 26 1.52 15.44 -48.64
C ILE D 26 2.14 16.82 -48.43
N THR D 27 3.07 17.21 -49.30
CA THR D 27 3.88 18.41 -49.06
C THR D 27 3.14 19.72 -49.32
N GLU D 28 2.17 19.73 -50.23
CA GLU D 28 1.53 20.99 -50.61
C GLU D 28 0.50 21.45 -49.57
N PRO D 29 -0.38 20.58 -49.07
CA PRO D 29 -1.27 21.01 -47.97
C PRO D 29 -0.51 21.53 -46.76
N LEU D 30 0.61 20.92 -46.41
CA LEU D 30 1.41 21.42 -45.29
C LEU D 30 1.98 22.80 -45.58
N LYS D 31 2.45 23.03 -46.82
CA LYS D 31 2.96 24.35 -47.17
C LYS D 31 1.87 25.41 -47.10
N ASN D 32 0.66 25.08 -47.56
CA ASN D 32 -0.46 26.01 -47.46
C ASN D 32 -0.83 26.26 -46.00
N HIS D 33 -0.84 25.21 -45.18
CA HIS D 33 -1.15 25.35 -43.76
C HIS D 33 -0.16 26.25 -43.05
N ILE D 34 1.13 26.12 -43.36
CA ILE D 34 2.14 26.99 -42.75
C ILE D 34 1.88 28.44 -43.10
N GLU D 35 1.52 28.74 -44.35
CA GLU D 35 1.22 30.12 -44.74
C GLU D 35 -0.04 30.64 -44.06
N VAL D 36 -1.07 29.81 -43.92
CA VAL D 36 -2.35 30.29 -43.41
C VAL D 36 -2.29 30.53 -41.92
N ASN D 37 -2.00 29.48 -41.14
CA ASN D 37 -2.08 29.59 -39.68
C ASN D 37 -0.76 30.06 -39.07
N GLY D 38 0.31 29.32 -39.27
CA GLY D 38 1.59 29.69 -38.73
C GLY D 38 2.49 28.48 -38.57
N VAL D 39 3.66 28.73 -37.97
CA VAL D 39 4.62 27.67 -37.74
C VAL D 39 4.29 26.83 -36.51
N LYS D 40 3.65 27.43 -35.50
CA LYS D 40 3.32 26.75 -34.25
C LYS D 40 1.83 26.42 -34.26
N SER D 41 1.49 25.26 -34.81
CA SER D 41 0.10 24.83 -34.88
C SER D 41 0.08 23.33 -35.17
N GLY D 42 -1.11 22.74 -35.08
CA GLY D 42 -1.32 21.34 -35.33
C GLY D 42 -2.24 21.12 -36.52
N ALA D 43 -2.25 19.88 -37.01
CA ALA D 43 -3.06 19.53 -38.17
C ALA D 43 -3.31 18.03 -38.20
N LEU D 44 -4.51 17.65 -38.59
CA LEU D 44 -4.87 16.26 -38.81
C LEU D 44 -5.20 16.07 -40.29
N LEU D 45 -4.51 15.13 -40.94
CA LEU D 45 -4.59 14.95 -42.38
C LEU D 45 -4.71 13.47 -42.71
N PRO D 46 -5.93 12.97 -42.93
CA PRO D 46 -6.10 11.56 -43.33
C PRO D 46 -5.85 11.39 -44.82
N LEU D 47 -5.07 10.37 -45.18
CA LEU D 47 -4.73 10.11 -46.58
C LEU D 47 -5.32 8.77 -47.01
N PRO D 48 -6.34 8.76 -47.87
CA PRO D 48 -6.91 7.50 -48.36
C PRO D 48 -6.00 6.85 -49.41
N PHE D 49 -5.34 5.76 -49.02
CA PHE D 49 -4.45 5.02 -49.91
C PHE D 49 -4.99 3.59 -50.07
N GLN D 50 -4.21 2.76 -50.76
CA GLN D 50 -4.59 1.38 -51.00
C GLN D 50 -3.34 0.51 -51.00
N THR D 51 -3.55 -0.79 -50.80
CA THR D 51 -2.48 -1.76 -51.00
C THR D 51 -2.08 -1.77 -52.49
N GLY D 52 -0.81 -2.08 -52.74
CA GLY D 52 -0.29 -1.84 -54.08
C GLY D 52 0.66 -0.66 -54.07
N ILE D 53 0.15 0.51 -54.46
CA ILE D 53 0.90 1.76 -54.49
C ILE D 53 1.64 1.96 -53.18
N GLY D 54 2.79 2.64 -53.24
CA GLY D 54 3.77 2.64 -52.17
C GLY D 54 3.48 3.53 -50.98
N LYS D 55 2.57 3.09 -50.11
CA LYS D 55 2.31 3.81 -48.86
C LYS D 55 3.54 3.85 -47.97
N THR D 56 4.15 2.69 -47.72
CA THR D 56 5.32 2.62 -46.84
C THR D 56 6.48 3.41 -47.41
N TYR D 57 6.68 3.32 -48.73
CA TYR D 57 7.74 4.09 -49.38
C TYR D 57 7.55 5.58 -49.13
N THR D 58 6.32 6.08 -49.27
CA THR D 58 6.05 7.50 -49.07
C THR D 58 6.31 7.90 -47.62
N ALA D 59 5.82 7.10 -46.66
CA ALA D 59 6.01 7.45 -45.26
C ALA D 59 7.48 7.47 -44.88
N LEU D 60 8.24 6.45 -45.33
CA LEU D 60 9.65 6.41 -44.99
C LEU D 60 10.44 7.52 -45.68
N ASN D 61 10.06 7.88 -46.91
CA ASN D 61 10.70 9.03 -47.56
C ASN D 61 10.43 10.32 -46.79
N PHE D 62 9.21 10.49 -46.29
CA PHE D 62 8.90 11.66 -45.47
C PHE D 62 9.79 11.70 -44.23
N LEU D 63 9.93 10.55 -43.55
CA LEU D 63 10.77 10.49 -42.36
C LEU D 63 12.23 10.83 -42.69
N LEU D 64 12.75 10.27 -43.78
CA LEU D 64 14.14 10.53 -44.15
C LEU D 64 14.36 11.98 -44.50
N GLN D 65 13.41 12.60 -45.21
CA GLN D 65 13.54 14.01 -45.53
C GLN D 65 13.52 14.87 -44.28
N GLN D 66 12.67 14.52 -43.31
CA GLN D 66 12.67 15.26 -42.04
C GLN D 66 14.01 15.14 -41.32
N MET D 67 14.58 13.94 -41.31
CA MET D 67 15.90 13.76 -40.67
C MET D 67 16.96 14.61 -41.35
N LEU D 68 16.97 14.61 -42.69
CA LEU D 68 17.95 15.41 -43.42
C LEU D 68 17.76 16.90 -43.17
N GLU D 69 16.51 17.35 -43.08
CA GLU D 69 16.25 18.75 -42.79
C GLU D 69 16.73 19.12 -41.39
N GLN D 70 16.56 18.21 -40.43
CA GLN D 70 17.09 18.46 -39.09
C GLN D 70 18.61 18.58 -39.12
N VAL D 71 19.27 17.72 -39.90
CA VAL D 71 20.73 17.80 -40.04
C VAL D 71 21.12 19.15 -40.63
N ARG D 72 20.41 19.58 -41.67
CA ARG D 72 20.68 20.89 -42.27
C ARG D 72 20.54 22.00 -41.25
N SER D 73 19.44 21.99 -40.49
CA SER D 73 19.23 23.04 -39.49
C SER D 73 20.29 23.01 -38.41
N GLU D 74 20.85 21.83 -38.13
CA GLU D 74 21.90 21.74 -37.12
C GLU D 74 23.24 22.26 -37.64
N LEU D 75 23.53 22.05 -38.94
CA LEU D 75 24.82 22.46 -39.47
C LEU D 75 25.03 23.98 -39.34
N LYS D 76 24.01 24.77 -39.68
CA LYS D 76 24.11 26.21 -39.58
C LYS D 76 23.70 26.73 -38.21
N GLU D 77 23.80 25.91 -37.18
CA GLU D 77 23.37 26.25 -35.83
C GLU D 77 24.58 26.28 -34.90
N GLU D 78 24.31 26.40 -33.59
CA GLU D 78 25.30 26.53 -32.53
C GLU D 78 26.06 27.86 -32.60
N ASN D 79 25.61 28.80 -33.44
CA ASN D 79 26.22 30.11 -33.53
C ASN D 79 25.15 31.19 -33.39
N THR D 80 23.93 30.88 -33.83
CA THR D 80 22.79 31.79 -33.74
C THR D 80 21.63 31.03 -33.09
N GLY D 81 21.59 31.08 -31.75
CA GLY D 81 20.54 30.42 -31.01
C GLY D 81 20.81 28.95 -30.77
N LYS D 82 19.96 28.35 -29.93
CA LYS D 82 20.07 26.95 -29.59
C LYS D 82 18.71 26.44 -29.11
N LYS D 83 18.39 25.21 -29.50
CA LYS D 83 17.10 24.63 -29.13
C LYS D 83 17.23 23.11 -29.13
N SER D 84 16.25 22.46 -28.52
CA SER D 84 16.23 21.01 -28.45
C SER D 84 15.87 20.41 -29.81
N LYS D 85 16.06 19.10 -29.92
CA LYS D 85 15.84 18.39 -31.17
C LYS D 85 14.38 18.02 -31.33
N ARG D 86 13.89 18.11 -32.57
CA ARG D 86 12.52 17.73 -32.88
C ARG D 86 12.37 16.21 -32.79
N LEU D 87 11.20 15.77 -32.33
CA LEU D 87 10.91 14.36 -32.11
C LEU D 87 9.98 13.85 -33.21
N LEU D 88 10.29 12.68 -33.76
CA LEU D 88 9.47 12.04 -34.77
C LEU D 88 9.09 10.64 -34.31
N TYR D 89 7.80 10.34 -34.37
CA TYR D 89 7.25 9.09 -33.84
C TYR D 89 6.67 8.24 -34.97
N TYR D 90 6.69 6.92 -34.76
CA TYR D 90 6.00 5.97 -35.62
C TYR D 90 5.22 5.02 -34.73
N VAL D 91 3.89 5.09 -34.80
CA VAL D 91 3.01 4.40 -33.86
C VAL D 91 2.07 3.50 -34.65
N THR D 92 1.97 2.24 -34.24
CA THR D 92 1.00 1.30 -34.77
C THR D 92 0.49 0.46 -33.60
N ASP D 93 -0.22 -0.63 -33.92
CA ASP D 93 -0.87 -1.46 -32.90
C ASP D 93 -0.33 -2.89 -32.88
N SER D 94 0.84 -3.14 -33.47
CA SER D 94 1.38 -4.50 -33.51
C SER D 94 2.90 -4.43 -33.57
N VAL D 95 3.55 -5.41 -32.95
CA VAL D 95 5.01 -5.42 -32.87
C VAL D 95 5.63 -5.73 -34.24
N ASP D 96 5.02 -6.66 -34.97
CA ASP D 96 5.56 -7.05 -36.27
C ASP D 96 5.62 -5.87 -37.23
N ASN D 97 4.61 -5.00 -37.19
CA ASN D 97 4.63 -3.82 -38.03
C ASN D 97 5.79 -2.91 -37.67
N VAL D 98 6.06 -2.73 -36.38
CA VAL D 98 7.20 -1.91 -35.96
C VAL D 98 8.51 -2.48 -36.47
N VAL D 99 8.69 -3.80 -36.30
CA VAL D 99 9.94 -4.43 -36.72
C VAL D 99 10.12 -4.29 -38.22
N SER D 100 9.07 -4.58 -38.99
CA SER D 100 9.15 -4.49 -40.44
C SER D 100 9.42 -3.07 -40.91
N ALA D 101 8.77 -2.08 -40.27
CA ALA D 101 9.00 -0.69 -40.64
C ALA D 101 10.44 -0.27 -40.37
N LYS D 102 10.99 -0.66 -39.22
CA LYS D 102 12.38 -0.30 -38.93
C LYS D 102 13.33 -0.95 -39.93
N ALA D 103 13.11 -2.23 -40.24
CA ALA D 103 13.97 -2.91 -41.21
C ALA D 103 13.88 -2.25 -42.58
N ASP D 104 12.66 -1.89 -43.02
CA ASP D 104 12.50 -1.25 -44.31
C ASP D 104 13.18 0.11 -44.35
N LEU D 105 13.09 0.88 -43.26
CA LEU D 105 13.76 2.18 -43.23
C LEU D 105 15.27 2.03 -43.32
N LEU D 106 15.83 1.06 -42.58
CA LEU D 106 17.27 0.85 -42.66
C LEU D 106 17.70 0.42 -44.06
N LYS D 107 16.95 -0.49 -44.67
CA LYS D 107 17.27 -0.93 -46.03
C LYS D 107 17.18 0.21 -47.03
N LEU D 108 16.16 1.07 -46.89
CA LEU D 108 16.01 2.21 -47.79
C LEU D 108 17.17 3.18 -47.63
N ILE D 109 17.60 3.42 -46.40
CA ILE D 109 18.75 4.30 -46.17
C ILE D 109 20.00 3.70 -46.81
N GLU D 110 20.19 2.39 -46.67
CA GLU D 110 21.40 1.77 -47.20
C GLU D 110 21.44 1.74 -48.72
N LYS D 111 20.30 1.42 -49.36
CA LYS D 111 20.30 1.05 -50.78
C LYS D 111 19.75 2.12 -51.70
N GLN D 112 19.67 3.38 -51.26
CA GLN D 112 19.12 4.43 -52.11
C GLN D 112 20.20 5.02 -53.02
N THR D 113 19.83 5.22 -54.28
CA THR D 113 20.73 5.80 -55.28
C THR D 113 20.00 6.87 -56.07
N VAL D 114 20.76 7.82 -56.60
CA VAL D 114 20.23 8.89 -57.44
C VAL D 114 21.14 9.06 -58.65
N LYS D 115 20.54 9.09 -59.85
CA LYS D 115 21.27 9.29 -61.10
C LYS D 115 22.42 8.29 -61.24
N GLY D 116 22.16 7.04 -60.88
CA GLY D 116 23.16 6.00 -61.00
C GLY D 116 24.32 6.11 -60.03
N GLU D 117 24.25 7.02 -59.06
CA GLU D 117 25.30 7.21 -58.08
C GLU D 117 24.73 7.13 -56.67
N PRO D 118 25.39 6.43 -55.76
CA PRO D 118 24.88 6.33 -54.39
C PRO D 118 24.74 7.71 -53.74
N ARG D 119 23.66 7.88 -52.99
CA ARG D 119 23.38 9.17 -52.36
C ARG D 119 24.24 9.42 -51.13
N PHE D 120 24.62 8.37 -50.41
CA PHE D 120 25.33 8.51 -49.15
C PHE D 120 26.66 7.75 -49.20
N THR D 121 27.54 8.11 -48.27
CA THR D 121 28.78 7.41 -48.04
C THR D 121 28.66 6.54 -46.78
N LEU D 122 29.73 5.83 -46.45
CA LEU D 122 29.69 4.89 -45.33
C LEU D 122 29.54 5.61 -44.00
N GLU D 123 30.33 6.67 -43.78
CA GLU D 123 30.27 7.39 -42.51
C GLU D 123 28.93 8.10 -42.34
N GLN D 124 28.40 8.68 -43.42
CA GLN D 124 27.09 9.32 -43.36
C GLN D 124 25.99 8.30 -43.08
N GLN D 125 26.08 7.12 -43.69
CA GLN D 125 25.12 6.06 -43.42
C GLN D 125 25.17 5.63 -41.96
N GLU D 126 26.37 5.46 -41.42
CA GLU D 126 26.51 5.04 -40.03
C GLU D 126 26.01 6.11 -39.07
N TYR D 127 26.19 7.38 -39.40
CA TYR D 127 25.63 8.44 -38.57
C TYR D 127 24.11 8.46 -38.66
N LEU D 128 23.55 8.26 -39.85
CA LEU D 128 22.10 8.30 -40.01
C LEU D 128 21.43 7.11 -39.34
N LYS D 129 22.12 5.98 -39.24
CA LYS D 129 21.54 4.78 -38.64
C LYS D 129 21.62 4.78 -37.11
N ALA D 130 22.19 5.81 -36.50
CA ALA D 130 22.36 5.86 -35.06
C ALA D 130 21.39 6.83 -34.39
N GLN D 131 20.41 7.36 -35.13
CA GLN D 131 19.44 8.29 -34.58
C GLN D 131 18.09 7.64 -34.29
N ILE D 132 18.00 6.31 -34.36
CA ILE D 132 16.74 5.59 -34.26
C ILE D 132 16.83 4.63 -33.07
N VAL D 133 15.74 4.52 -32.32
CA VAL D 133 15.66 3.62 -31.18
C VAL D 133 14.35 2.84 -31.26
N HIS D 134 14.35 1.66 -30.63
CA HIS D 134 13.19 0.79 -30.57
C HIS D 134 12.94 0.42 -29.11
N LEU D 135 11.70 0.60 -28.64
CA LEU D 135 11.35 0.45 -27.24
C LEU D 135 10.33 -0.67 -27.06
N PRO D 136 10.77 -1.88 -26.73
CA PRO D 136 9.85 -2.97 -26.43
C PRO D 136 9.40 -2.90 -24.96
N ASN D 137 8.64 -3.92 -24.57
CA ASN D 137 8.18 -4.00 -23.19
C ASN D 137 9.33 -4.37 -22.26
N GLN D 138 9.09 -4.20 -20.96
CA GLN D 138 10.15 -4.38 -19.96
C GLN D 138 10.59 -5.84 -19.83
N SER D 139 9.76 -6.79 -20.24
CA SER D 139 10.15 -8.20 -20.14
C SER D 139 11.18 -8.56 -21.21
N GLU D 140 10.97 -8.10 -22.44
CA GLU D 140 11.90 -8.43 -23.52
C GLU D 140 13.21 -7.67 -23.43
N GLN D 141 13.20 -6.45 -22.88
CA GLN D 141 14.42 -5.67 -22.76
C GLN D 141 15.43 -6.36 -21.85
N LEU D 142 14.97 -6.95 -20.75
CA LEU D 142 15.88 -7.68 -19.87
C LEU D 142 16.46 -8.90 -20.56
N LEU D 143 15.64 -9.63 -21.31
CA LEU D 143 16.11 -10.83 -22.00
C LEU D 143 17.00 -10.52 -23.19
N GLN D 144 16.96 -9.28 -23.71
CA GLN D 144 17.84 -8.90 -24.80
C GLN D 144 19.27 -8.67 -24.36
N CYS D 145 19.47 -8.11 -23.17
CA CYS D 145 20.80 -7.77 -22.70
C CYS D 145 21.58 -9.02 -22.33
N SER D 146 22.90 -8.93 -22.40
CA SER D 146 23.78 -10.04 -22.08
C SER D 146 24.22 -9.98 -20.62
N ASP D 147 24.96 -11.01 -20.19
CA ASP D 147 25.42 -11.09 -18.82
C ASP D 147 26.41 -10.00 -18.48
N ALA D 148 27.31 -9.67 -19.42
CA ALA D 148 28.35 -8.68 -19.16
C ALA D 148 27.76 -7.30 -18.87
N VAL D 149 26.73 -6.92 -19.63
CA VAL D 149 26.12 -5.61 -19.43
C VAL D 149 25.54 -5.48 -18.04
N LEU D 150 24.79 -6.49 -17.60
CA LEU D 150 24.19 -6.46 -16.27
C LEU D 150 25.27 -6.52 -15.19
N ASN D 151 26.33 -7.29 -15.40
CA ASN D 151 27.41 -7.36 -14.42
C ASN D 151 28.08 -6.01 -14.24
N ASP D 152 28.41 -5.34 -15.35
CA ASP D 152 29.02 -4.01 -15.24
C ASP D 152 28.06 -2.99 -14.62
N VAL D 153 26.77 -3.06 -14.97
CA VAL D 153 25.80 -2.13 -14.38
C VAL D 153 25.71 -2.34 -12.87
N LEU D 154 25.66 -3.59 -12.43
CA LEU D 154 25.58 -3.88 -11.00
C LEU D 154 26.85 -3.45 -10.27
N ILE D 155 28.01 -3.71 -10.87
CA ILE D 155 29.28 -3.38 -10.21
C ILE D 155 29.47 -1.87 -10.12
N GLY D 156 29.12 -1.14 -11.18
CA GLY D 156 29.36 0.29 -11.20
C GLY D 156 28.58 1.04 -10.13
N PHE D 157 27.35 0.61 -9.86
CA PHE D 157 26.50 1.26 -8.88
C PHE D 157 26.64 0.65 -7.49
N ASN D 158 27.52 -0.33 -7.31
CA ASN D 158 27.76 -0.98 -6.02
C ASN D 158 26.47 -1.59 -5.46
N LEU D 159 25.93 -2.55 -6.19
CA LEU D 159 24.71 -3.23 -5.80
C LEU D 159 24.90 -4.74 -5.61
N ASN D 160 26.10 -5.26 -5.83
CA ASN D 160 26.36 -6.68 -5.59
C ASN D 160 26.48 -7.02 -4.12
N ALA D 161 26.61 -6.02 -3.24
CA ALA D 161 26.73 -6.28 -1.82
C ALA D 161 25.41 -6.74 -1.21
N GLU D 162 24.28 -6.37 -1.83
CA GLU D 162 22.99 -6.78 -1.32
C GLU D 162 22.76 -8.27 -1.55
N ARG D 163 21.84 -8.83 -0.78
CA ARG D 163 21.56 -10.26 -0.80
C ARG D 163 20.35 -10.63 -1.65
N ASP D 164 19.26 -9.86 -1.55
CA ASP D 164 18.06 -10.17 -2.32
C ASP D 164 18.32 -10.04 -3.81
N VAL D 165 18.98 -8.95 -4.23
CA VAL D 165 19.25 -8.72 -5.64
C VAL D 165 20.13 -9.82 -6.20
N GLN D 166 21.17 -10.21 -5.46
CA GLN D 166 22.07 -11.25 -5.93
C GLN D 166 21.34 -12.58 -6.09
N ALA D 167 20.50 -12.93 -5.11
CA ALA D 167 19.77 -14.19 -5.18
C ALA D 167 18.81 -14.21 -6.36
N GLU D 168 18.07 -13.11 -6.56
CA GLU D 168 17.12 -13.05 -7.68
C GLU D 168 17.85 -13.12 -9.01
N TRP D 169 18.98 -12.41 -9.13
CA TRP D 169 19.75 -12.45 -10.38
C TRP D 169 20.32 -13.83 -10.62
N SER D 170 20.79 -14.51 -9.57
CA SER D 170 21.30 -15.87 -9.73
C SER D 170 20.20 -16.81 -10.20
N ALA D 171 19.00 -16.68 -9.62
CA ALA D 171 17.89 -17.52 -10.05
C ALA D 171 17.54 -17.28 -11.51
N ILE D 172 17.48 -16.01 -11.92
CA ILE D 172 17.14 -15.70 -13.31
C ILE D 172 18.21 -16.21 -14.26
N SER D 173 19.49 -16.03 -13.90
CA SER D 173 20.58 -16.51 -14.76
C SER D 173 20.56 -18.02 -14.88
N GLY D 174 20.27 -18.72 -13.78
CA GLY D 174 20.17 -20.17 -13.85
C GLY D 174 19.01 -20.63 -14.72
N LEU D 175 17.86 -19.96 -14.61
CA LEU D 175 16.70 -20.37 -15.40
C LEU D 175 16.85 -20.02 -16.87
N ARG D 176 17.62 -18.97 -17.19
CA ARG D 176 17.72 -18.51 -18.57
C ARG D 176 18.44 -19.53 -19.46
N ARG D 177 19.45 -20.21 -18.91
CA ARG D 177 20.32 -21.04 -19.74
C ARG D 177 19.57 -22.18 -20.41
N HIS D 178 18.58 -22.76 -19.73
CA HIS D 178 17.80 -23.86 -20.28
C HIS D 178 16.43 -23.41 -20.79
N ALA D 179 16.35 -22.23 -21.39
CA ALA D 179 15.10 -21.72 -21.93
C ALA D 179 14.83 -22.28 -23.33
N SER D 180 14.86 -23.60 -23.43
CA SER D 180 14.55 -24.31 -24.67
C SER D 180 13.23 -25.06 -24.63
N ASN D 181 12.94 -25.71 -23.50
CA ASN D 181 11.64 -26.36 -23.35
C ASN D 181 10.54 -25.32 -23.25
N PRO D 182 9.37 -25.56 -23.85
CA PRO D 182 8.27 -24.60 -23.81
C PRO D 182 7.42 -24.69 -22.53
N GLU D 183 8.09 -24.76 -21.39
CA GLU D 183 7.41 -24.81 -20.10
C GLU D 183 8.03 -23.81 -19.13
N VAL D 184 9.30 -23.47 -19.34
CA VAL D 184 10.01 -22.52 -18.47
C VAL D 184 9.92 -21.09 -18.97
N LYS D 185 9.23 -20.84 -20.09
CA LYS D 185 9.24 -19.51 -20.70
C LYS D 185 8.39 -18.53 -19.92
N ILE D 186 7.20 -18.94 -19.48
CA ILE D 186 6.25 -18.01 -18.88
C ILE D 186 6.76 -17.50 -17.53
N SER D 187 7.24 -18.43 -16.69
CA SER D 187 7.81 -18.02 -15.41
C SER D 187 9.02 -17.14 -15.61
N LEU D 188 9.84 -17.44 -16.62
CA LEU D 188 10.98 -16.60 -16.92
C LEU D 188 10.54 -15.19 -17.28
N ASN D 189 9.49 -15.06 -18.09
CA ASN D 189 9.00 -13.75 -18.46
C ASN D 189 8.50 -12.97 -17.25
N ARG D 190 7.71 -13.62 -16.40
CA ARG D 190 7.16 -12.93 -15.23
C ARG D 190 8.28 -12.49 -14.27
N GLN D 191 9.23 -13.39 -13.99
CA GLN D 191 10.33 -13.06 -13.11
C GLN D 191 11.20 -11.96 -13.70
N ALA D 192 11.41 -11.98 -15.02
CA ALA D 192 12.17 -10.93 -15.67
C ALA D 192 11.48 -9.57 -15.51
N GLY D 193 10.16 -9.55 -15.67
CA GLY D 193 9.44 -8.30 -15.49
C GLY D 193 9.59 -7.74 -14.08
N TYR D 194 9.39 -8.61 -13.08
CA TYR D 194 9.51 -8.14 -11.69
C TYR D 194 10.92 -7.68 -11.38
N PHE D 195 11.93 -8.43 -11.83
CA PHE D 195 13.32 -8.05 -11.57
C PHE D 195 13.67 -6.74 -12.24
N TYR D 196 13.20 -6.54 -13.48
CA TYR D 196 13.43 -5.27 -14.16
C TYR D 196 12.81 -4.12 -13.39
N ARG D 197 11.58 -4.30 -12.90
CA ARG D 197 10.96 -3.24 -12.10
C ARG D 197 11.81 -2.90 -10.89
N ASN D 198 12.23 -3.91 -10.13
CA ASN D 198 13.00 -3.64 -8.91
C ASN D 198 14.34 -2.99 -9.23
N LEU D 199 15.03 -3.49 -10.25
CA LEU D 199 16.34 -2.95 -10.60
C LEU D 199 16.25 -1.50 -11.04
N ILE D 200 15.25 -1.17 -11.87
CA ILE D 200 15.09 0.20 -12.33
C ILE D 200 14.70 1.11 -11.18
N ASP D 201 13.87 0.62 -10.26
CA ASP D 201 13.53 1.42 -9.09
C ASP D 201 14.75 1.75 -8.25
N ARG D 202 15.61 0.75 -8.02
CA ARG D 202 16.83 1.00 -7.25
C ARG D 202 17.75 1.99 -7.97
N LEU D 203 17.93 1.81 -9.28
CA LEU D 203 18.79 2.71 -10.04
C LEU D 203 18.28 4.15 -9.99
N GLN D 204 16.96 4.33 -10.15
CA GLN D 204 16.40 5.67 -10.11
C GLN D 204 16.50 6.28 -8.73
N LYS D 205 16.29 5.49 -7.67
CA LYS D 205 16.38 6.05 -6.33
C LYS D 205 17.81 6.34 -5.92
N LYS D 206 18.80 5.68 -6.54
CA LYS D 206 20.19 5.97 -6.19
C LYS D 206 20.66 7.30 -6.77
N GLN D 207 20.25 7.62 -7.99
CA GLN D 207 20.72 8.82 -8.68
C GLN D 207 19.89 10.07 -8.34
N LYS D 208 19.14 10.03 -7.25
CA LYS D 208 18.38 11.21 -6.80
C LYS D 208 19.29 12.09 -5.95
N GLY D 209 20.21 12.76 -6.64
CA GLY D 209 21.18 13.59 -5.94
C GLY D 209 22.20 12.74 -5.19
N ALA D 210 22.76 13.33 -4.13
CA ALA D 210 23.73 12.67 -3.26
C ALA D 210 24.93 12.17 -4.06
N ASP D 211 25.05 10.84 -4.19
CA ASP D 211 26.17 10.23 -4.89
C ASP D 211 25.79 9.93 -6.34
N ARG D 212 25.65 11.01 -7.10
CA ARG D 212 25.36 10.90 -8.53
C ARG D 212 26.58 10.34 -9.25
N VAL D 213 26.49 9.09 -9.69
CA VAL D 213 27.63 8.44 -10.35
C VAL D 213 27.75 8.97 -11.77
N LEU D 214 28.93 9.49 -12.11
CA LEU D 214 29.17 10.00 -13.44
C LEU D 214 29.18 8.87 -14.46
N LEU D 215 28.54 9.10 -15.60
CA LEU D 215 28.42 8.09 -16.66
C LEU D 215 29.36 8.47 -17.80
N SER D 216 30.28 7.56 -18.12
CA SER D 216 31.23 7.75 -19.22
C SER D 216 31.96 6.43 -19.46
N GLY D 217 32.25 6.16 -20.73
CA GLY D 217 33.02 4.97 -21.06
C GLY D 217 32.13 3.77 -21.28
N SER D 218 32.60 2.60 -20.82
CA SER D 218 31.85 1.36 -21.01
C SER D 218 30.55 1.37 -20.20
N LEU D 219 30.57 2.01 -19.03
CA LEU D 219 29.37 2.07 -18.20
C LEU D 219 28.24 2.79 -18.92
N LEU D 220 28.56 3.89 -19.60
CA LEU D 220 27.54 4.63 -20.34
C LEU D 220 26.95 3.77 -21.45
N ALA D 221 27.79 3.05 -22.19
CA ALA D 221 27.30 2.18 -23.25
C ALA D 221 26.39 1.08 -22.69
N SER D 222 26.79 0.47 -21.58
CA SER D 222 25.98 -0.57 -20.96
C SER D 222 24.64 -0.03 -20.47
N VAL D 223 24.64 1.15 -19.84
CA VAL D 223 23.39 1.73 -19.37
C VAL D 223 22.48 2.07 -20.54
N GLU D 224 23.04 2.63 -21.62
CA GLU D 224 22.23 2.95 -22.79
C GLU D 224 21.68 1.69 -23.44
N THR D 225 22.44 0.60 -23.43
CA THR D 225 21.92 -0.67 -23.92
C THR D 225 20.76 -1.15 -23.06
N LEU D 226 20.91 -1.05 -21.73
CA LEU D 226 19.84 -1.48 -20.83
C LEU D 226 18.63 -0.56 -20.89
N LEU D 227 18.84 0.75 -21.00
CA LEU D 227 17.76 1.75 -21.03
C LEU D 227 17.87 2.56 -22.32
N PRO D 228 17.14 2.18 -23.36
CA PRO D 228 17.19 2.96 -24.61
C PRO D 228 16.64 4.37 -24.47
N GLY D 229 15.85 4.65 -23.43
CA GLY D 229 15.25 5.97 -23.28
C GLY D 229 16.19 7.06 -22.81
N GLU D 230 17.38 6.71 -22.33
CA GLU D 230 18.35 7.72 -21.93
C GLU D 230 18.93 8.45 -23.13
N LYS D 231 18.95 7.78 -24.29
CA LYS D 231 19.49 8.40 -25.50
C LYS D 231 18.68 9.61 -25.92
N ILE D 232 17.35 9.56 -25.71
CA ILE D 232 16.53 10.71 -26.04
C ILE D 232 16.80 11.86 -25.09
N ARG D 233 16.95 11.56 -23.79
CA ARG D 233 17.17 12.62 -22.81
C ARG D 233 18.52 13.30 -23.02
N ASN D 234 19.59 12.52 -23.24
CA ASN D 234 20.90 13.13 -23.41
C ASN D 234 21.02 13.82 -24.77
N GLY D 235 20.46 13.22 -25.81
CA GLY D 235 20.45 13.85 -27.12
C GLY D 235 21.08 13.03 -28.22
N SER D 236 21.24 11.72 -27.98
CA SER D 236 21.88 10.87 -28.98
C SER D 236 20.96 10.59 -30.16
N ALA D 237 19.68 10.33 -29.89
CA ALA D 237 18.73 9.96 -30.93
C ALA D 237 17.43 10.73 -30.74
N HIS D 238 16.70 10.93 -31.84
CA HIS D 238 15.44 11.66 -31.79
C HIS D 238 14.35 11.02 -32.65
N VAL D 239 14.48 9.75 -33.03
CA VAL D 239 13.47 9.03 -33.76
C VAL D 239 13.15 7.74 -33.01
N ALA D 240 11.86 7.49 -32.77
CA ALA D 240 11.43 6.36 -31.96
C ALA D 240 10.40 5.53 -32.70
N PHE D 241 10.42 4.22 -32.44
CA PHE D 241 9.45 3.27 -32.98
C PHE D 241 8.82 2.53 -31.81
N LEU D 242 7.49 2.59 -31.71
CA LEU D 242 6.80 1.99 -30.58
C LEU D 242 5.33 1.80 -30.91
N THR D 243 4.66 0.99 -30.09
CA THR D 243 3.25 0.68 -30.26
C THR D 243 2.39 1.69 -29.51
N THR D 244 1.07 1.52 -29.60
CA THR D 244 0.14 2.49 -29.03
C THR D 244 0.08 2.40 -27.50
N SER D 245 0.05 1.18 -26.97
CA SER D 245 -0.06 1.01 -25.52
C SER D 245 1.16 1.58 -24.81
N LYS D 246 2.36 1.32 -25.34
CA LYS D 246 3.55 1.90 -24.75
C LYS D 246 3.57 3.41 -24.89
N PHE D 247 2.99 3.94 -25.96
CA PHE D 247 2.86 5.38 -26.11
C PHE D 247 1.97 5.97 -25.02
N LEU D 248 0.85 5.29 -24.73
CA LEU D 248 -0.05 5.79 -23.69
C LEU D 248 0.56 5.63 -22.30
N LYS D 249 1.39 4.61 -22.09
CA LYS D 249 1.97 4.38 -20.77
C LYS D 249 3.17 5.27 -20.53
N GLY D 250 4.22 5.12 -21.34
CA GLY D 250 5.45 5.88 -21.22
C GLY D 250 6.64 4.96 -21.19
N PHE D 251 7.81 5.55 -20.95
CA PHE D 251 9.05 4.78 -20.85
C PHE D 251 9.93 5.41 -19.78
N HIS D 252 11.05 4.76 -19.50
CA HIS D 252 11.89 5.08 -18.35
C HIS D 252 13.25 5.62 -18.80
N ASN D 253 13.78 6.58 -18.03
CA ASN D 253 15.18 6.96 -18.13
C ASN D 253 15.81 6.88 -16.75
N THR D 254 17.03 7.39 -16.61
CA THR D 254 17.76 7.24 -15.35
C THR D 254 17.32 8.23 -14.27
N ARG D 255 16.26 9.00 -14.50
CA ARG D 255 15.77 9.94 -13.50
C ARG D 255 14.31 9.72 -13.11
N SER D 256 13.44 9.43 -14.07
CA SER D 256 12.02 9.26 -13.80
C SER D 256 11.38 8.62 -15.02
N ARG D 257 10.05 8.52 -15.01
CA ARG D 257 9.29 7.99 -16.13
C ARG D 257 8.79 9.15 -16.99
N TYR D 258 9.04 9.06 -18.29
CA TYR D 258 8.73 10.14 -19.22
C TYR D 258 7.41 9.84 -19.93
N SER D 259 6.44 10.75 -19.80
CA SER D 259 5.15 10.59 -20.47
C SER D 259 5.15 11.43 -21.73
N PRO D 260 5.02 10.81 -22.91
CA PRO D 260 5.08 11.59 -24.16
C PRO D 260 3.88 12.50 -24.39
N LEU D 261 2.81 12.36 -23.60
CA LEU D 261 1.60 13.15 -23.80
C LEU D 261 1.60 14.45 -23.00
N ARG D 262 2.70 14.79 -22.34
CA ARG D 262 2.75 16.01 -21.54
C ARG D 262 3.41 17.17 -22.26
N ASP D 263 4.31 16.91 -23.22
CA ASP D 263 4.99 17.97 -23.96
C ASP D 263 5.00 17.59 -25.44
N LEU D 264 3.95 18.01 -26.16
CA LEU D 264 3.81 17.73 -27.58
C LEU D 264 4.20 18.90 -28.46
N SER D 265 4.61 20.03 -27.88
CA SER D 265 4.97 21.21 -28.66
C SER D 265 6.04 20.87 -29.69
N GLY D 266 5.67 20.97 -30.96
CA GLY D 266 6.49 20.43 -32.03
C GLY D 266 6.03 19.03 -32.38
N ALA D 267 6.98 18.12 -32.60
CA ALA D 267 6.71 16.70 -32.78
C ALA D 267 5.95 16.38 -34.06
N VAL D 268 6.19 15.20 -34.63
CA VAL D 268 5.47 14.71 -35.80
C VAL D 268 5.05 13.28 -35.51
N LEU D 269 3.77 12.98 -35.72
CA LEU D 269 3.20 11.68 -35.39
C LEU D 269 2.64 11.05 -36.65
N ILE D 270 3.11 9.86 -36.98
CA ILE D 270 2.64 9.09 -38.13
C ILE D 270 1.95 7.84 -37.59
N ILE D 271 0.66 7.70 -37.87
CA ILE D 271 -0.18 6.64 -37.31
C ILE D 271 -0.75 5.82 -38.45
N ASP D 272 -0.69 4.50 -38.33
CA ASP D 272 -1.26 3.57 -39.30
C ASP D 272 -2.44 2.85 -38.66
N GLU D 273 -3.50 2.66 -39.45
CA GLU D 273 -4.72 1.96 -39.02
C GLU D 273 -5.35 2.66 -37.80
N ILE D 274 -5.82 3.88 -38.06
CA ILE D 274 -6.27 4.76 -36.98
C ILE D 274 -7.55 4.26 -36.30
N ASP D 275 -8.37 3.46 -36.97
CA ASP D 275 -9.60 2.97 -36.35
C ASP D 275 -9.29 2.00 -35.20
N LYS D 276 -8.35 1.08 -35.42
CA LYS D 276 -7.92 0.23 -34.34
C LYS D 276 -7.26 1.04 -33.23
N GLN D 277 -6.66 2.19 -33.57
CA GLN D 277 -6.16 3.08 -32.54
C GLN D 277 -7.30 3.61 -31.68
N ASN D 278 -8.41 4.00 -32.31
CA ASN D 278 -9.59 4.42 -31.55
C ASN D 278 -10.04 3.33 -30.60
N GLN D 279 -10.17 2.10 -31.12
CA GLN D 279 -10.63 0.99 -30.29
C GLN D 279 -9.67 0.73 -29.13
N VAL D 280 -8.36 0.78 -29.39
CA VAL D 280 -7.36 0.55 -28.35
C VAL D 280 -7.44 1.62 -27.28
N ILE D 281 -7.60 2.89 -27.68
CA ILE D 281 -7.73 3.96 -26.71
C ILE D 281 -8.96 3.74 -25.83
N LEU D 282 -10.08 3.36 -26.45
CA LEU D 282 -11.29 3.10 -25.67
C LEU D 282 -11.06 1.95 -24.69
N SER D 283 -10.40 0.88 -25.15
CA SER D 283 -10.13 -0.26 -24.27
C SER D 283 -9.20 0.11 -23.13
N GLU D 284 -8.30 1.07 -23.36
CA GLU D 284 -7.38 1.49 -22.31
C GLU D 284 -8.09 2.38 -21.30
N LEU D 285 -9.01 3.22 -21.74
CA LEU D 285 -9.67 4.15 -20.83
C LEU D 285 -10.59 3.43 -19.83
N CYS D 286 -10.99 2.19 -20.13
CA CYS D 286 -11.96 1.50 -19.27
C CYS D 286 -11.32 0.80 -18.08
N LYS D 287 -10.00 0.76 -17.99
CA LYS D 287 -9.30 0.16 -16.85
C LYS D 287 -8.88 1.27 -15.91
N GLN D 288 -9.53 1.36 -14.75
CA GLN D 288 -9.24 2.41 -13.79
C GLN D 288 -9.82 2.02 -12.45
N GLN D 289 -9.14 2.44 -11.38
CA GLN D 289 -9.56 2.11 -10.03
C GLN D 289 -10.80 2.89 -9.64
N ALA D 290 -11.53 2.36 -8.66
CA ALA D 290 -12.71 3.01 -8.11
C ALA D 290 -12.30 3.92 -6.96
N GLN D 291 -13.29 4.45 -6.23
CA GLN D 291 -13.02 5.34 -5.11
C GLN D 291 -14.22 5.34 -4.17
N ASP D 292 -13.94 5.39 -2.87
CA ASP D 292 -14.98 5.51 -1.85
C ASP D 292 -15.22 6.99 -1.58
N LEU D 293 -16.41 7.48 -1.93
CA LEU D 293 -16.68 8.91 -1.87
C LEU D 293 -16.75 9.40 -0.43
N ILE D 294 -17.35 8.61 0.47
CA ILE D 294 -17.52 9.05 1.86
C ILE D 294 -16.17 9.24 2.53
N TRP D 295 -15.27 8.27 2.35
CA TRP D 295 -13.94 8.36 2.96
C TRP D 295 -13.18 9.57 2.43
N ALA D 296 -13.20 9.78 1.11
CA ALA D 296 -12.48 10.91 0.54
C ALA D 296 -13.04 12.23 1.02
N ILE D 297 -14.37 12.35 1.08
CA ILE D 297 -15.00 13.59 1.50
C ILE D 297 -14.68 13.88 2.97
N ARG D 298 -14.74 12.86 3.83
CA ARG D 298 -14.46 13.08 5.23
C ARG D 298 -12.98 13.33 5.49
N THR D 299 -12.08 12.82 4.64
CA THR D 299 -10.67 13.16 4.77
C THR D 299 -10.40 14.59 4.32
N LEU D 300 -10.95 15.00 3.18
CA LEU D 300 -10.74 16.37 2.70
C LEU D 300 -11.34 17.39 3.65
N ARG D 301 -12.53 17.11 4.19
CA ARG D 301 -13.14 18.03 5.15
C ARG D 301 -12.30 18.15 6.41
N ALA D 302 -11.69 17.06 6.87
CA ALA D 302 -10.90 17.09 8.09
C ALA D 302 -9.57 17.81 7.89
N ASN D 303 -8.90 17.57 6.77
CA ASN D 303 -7.54 18.08 6.58
C ASN D 303 -7.48 19.43 5.90
N PHE D 304 -8.62 20.03 5.55
CA PHE D 304 -8.65 21.36 4.96
C PHE D 304 -9.18 22.42 5.92
N ARG D 305 -9.20 22.13 7.22
CA ARG D 305 -9.79 23.05 8.18
C ARG D 305 -8.76 23.95 8.87
N ASP D 306 -7.57 23.43 9.17
CA ASP D 306 -6.62 24.19 9.96
C ASP D 306 -5.24 24.29 9.32
N HIS D 307 -4.85 23.28 8.52
CA HIS D 307 -3.52 23.26 7.94
C HIS D 307 -3.32 24.42 6.98
N GLN D 308 -2.10 24.95 6.95
CA GLN D 308 -1.78 26.17 6.23
C GLN D 308 -0.53 25.97 5.39
N LEU D 309 -0.38 26.83 4.38
CA LEU D 309 0.76 26.81 3.48
C LEU D 309 1.81 27.83 3.92
N GLU D 310 2.96 27.80 3.25
CA GLU D 310 4.07 28.68 3.56
C GLU D 310 3.99 29.95 2.73
N SER D 311 4.37 31.08 3.35
CA SER D 311 4.36 32.38 2.70
C SER D 311 5.78 32.74 2.30
N SER D 312 6.17 32.29 1.12
CA SER D 312 7.49 32.55 0.54
C SER D 312 7.31 32.97 -0.91
N PRO D 313 8.32 33.63 -1.50
CA PRO D 313 8.22 33.98 -2.92
C PRO D 313 7.99 32.78 -3.84
N ARG D 314 8.44 31.60 -3.44
CA ARG D 314 8.21 30.41 -4.26
C ARG D 314 6.73 30.05 -4.32
N TYR D 315 6.02 30.18 -3.21
CA TYR D 315 4.62 29.75 -3.09
C TYR D 315 3.64 30.90 -3.23
N ASP D 316 3.93 31.89 -4.07
CA ASP D 316 3.06 33.04 -4.21
C ASP D 316 1.97 32.77 -5.25
N LYS D 317 0.80 33.40 -5.04
CA LYS D 317 -0.34 33.27 -5.94
C LYS D 317 -0.79 31.83 -6.08
N ILE D 318 -0.72 31.08 -4.99
CA ILE D 318 -1.19 29.70 -4.94
C ILE D 318 -2.26 29.49 -3.87
N GLU D 319 -2.06 30.06 -2.68
CA GLU D 319 -3.02 29.89 -1.60
C GLU D 319 -4.39 30.46 -1.96
N ASP D 320 -4.43 31.48 -2.81
CA ASP D 320 -5.71 32.07 -3.20
C ASP D 320 -6.50 31.20 -4.18
N LEU D 321 -6.00 30.00 -4.49
CA LEU D 321 -6.70 29.09 -5.39
C LEU D 321 -7.54 28.06 -4.66
N PHE D 322 -7.58 28.09 -3.33
CA PHE D 322 -8.21 27.03 -2.56
C PHE D 322 -9.34 27.50 -1.64
N GLU D 323 -9.64 28.81 -1.60
CA GLU D 323 -10.68 29.28 -0.69
C GLU D 323 -12.06 28.75 -1.07
N PRO D 324 -12.52 28.82 -2.33
CA PRO D 324 -13.87 28.29 -2.63
C PRO D 324 -14.03 26.82 -2.29
N LEU D 325 -13.00 26.01 -2.51
CA LEU D 325 -13.08 24.60 -2.16
C LEU D 325 -13.26 24.42 -0.66
N ARG D 326 -12.55 25.21 0.15
CA ARG D 326 -12.69 25.14 1.60
C ARG D 326 -14.10 25.52 2.02
N GLU D 327 -14.63 26.61 1.45
CA GLU D 327 -15.98 27.03 1.81
C GLU D 327 -17.02 25.98 1.43
N ARG D 328 -16.90 25.42 0.23
CA ARG D 328 -17.84 24.40 -0.21
C ARG D 328 -17.75 23.15 0.66
N LEU D 329 -16.53 22.76 1.04
CA LEU D 329 -16.37 21.59 1.91
C LEU D 329 -17.00 21.83 3.28
N GLU D 330 -16.82 23.03 3.82
CA GLU D 330 -17.45 23.35 5.11
C GLU D 330 -18.96 23.28 5.01
N GLU D 331 -19.54 23.86 3.95
CA GLU D 331 -20.98 23.83 3.78
C GLU D 331 -21.49 22.40 3.60
N PHE D 332 -20.80 21.60 2.80
CA PHE D 332 -21.19 20.21 2.58
C PHE D 332 -21.13 19.42 3.88
N GLY D 333 -20.09 19.66 4.68
CA GLY D 333 -19.99 18.97 5.96
C GLY D 333 -21.10 19.32 6.92
N THR D 334 -21.43 20.62 7.02
CA THR D 334 -22.46 21.01 7.98
C THR D 334 -23.86 20.68 7.48
N ASN D 335 -24.07 20.51 6.18
CA ASN D 335 -25.42 20.29 5.67
C ASN D 335 -25.90 18.86 5.91
N TRP D 336 -25.02 17.87 5.78
CA TRP D 336 -25.43 16.47 5.82
C TRP D 336 -24.93 15.73 7.06
N ASN D 337 -24.41 16.45 8.06
CA ASN D 337 -24.00 15.86 9.34
C ASN D 337 -22.98 14.74 9.13
N LEU D 338 -21.82 15.14 8.62
CA LEU D 338 -20.74 14.21 8.31
C LEU D 338 -19.97 13.74 9.53
N ALA D 339 -20.49 13.98 10.73
CA ALA D 339 -19.89 13.47 11.95
C ALA D 339 -20.39 12.07 12.32
N PHE D 340 -21.34 11.53 11.57
CA PHE D 340 -21.88 10.21 11.82
C PHE D 340 -21.64 9.31 10.61
N ALA D 341 -21.68 8.00 10.85
CA ALA D 341 -21.54 7.03 9.77
C ALA D 341 -22.89 6.83 9.07
N PHE D 342 -22.92 5.91 8.11
CA PHE D 342 -24.11 5.63 7.32
C PHE D 342 -24.48 4.16 7.43
N ASN D 343 -25.80 3.91 7.43
CA ASN D 343 -26.30 2.55 7.55
C ASN D 343 -27.66 2.45 6.87
N THR D 344 -28.04 1.24 6.48
CA THR D 344 -29.34 0.97 5.90
C THR D 344 -30.37 0.67 6.99
N GLU D 345 -31.62 0.51 6.57
CA GLU D 345 -32.71 0.24 7.49
C GLU D 345 -33.86 -0.40 6.74
N GLY D 346 -34.50 -1.37 7.38
CA GLY D 346 -35.67 -2.02 6.82
C GLY D 346 -35.31 -3.21 5.93
N ALA D 347 -36.36 -3.94 5.55
CA ALA D 347 -36.22 -5.10 4.69
C ALA D 347 -36.20 -4.66 3.22
N ASN D 348 -35.97 -5.63 2.33
CA ASN D 348 -35.91 -5.47 0.88
C ASN D 348 -34.73 -4.62 0.43
N LEU D 349 -33.90 -4.12 1.35
CA LEU D 349 -32.72 -3.35 0.99
C LEU D 349 -31.43 -4.16 1.12
N ASN D 350 -31.35 -5.06 2.10
CA ASN D 350 -30.20 -5.93 2.23
C ASN D 350 -30.23 -7.10 1.24
N GLU D 351 -31.39 -7.38 0.66
CA GLU D 351 -31.49 -8.47 -0.31
C GLU D 351 -30.67 -8.18 -1.56
N ARG D 352 -30.77 -6.97 -2.09
CA ARG D 352 -30.05 -6.58 -3.29
C ARG D 352 -29.40 -5.22 -3.10
N PRO D 353 -28.24 -5.00 -3.72
CA PRO D 353 -27.59 -3.69 -3.63
C PRO D 353 -28.35 -2.64 -4.43
N VAL D 354 -27.95 -1.39 -4.23
CA VAL D 354 -28.54 -0.24 -4.90
C VAL D 354 -27.52 0.30 -5.90
N ARG D 355 -27.96 0.50 -7.14
CA ARG D 355 -27.10 0.97 -8.21
C ARG D 355 -27.69 2.24 -8.83
N LEU D 356 -26.81 3.17 -9.20
CA LEU D 356 -27.21 4.44 -9.78
C LEU D 356 -26.32 4.76 -10.97
N PHE D 357 -26.93 5.32 -12.01
CA PHE D 357 -26.22 5.69 -13.24
C PHE D 357 -26.62 7.08 -13.66
N SER D 358 -25.66 7.82 -14.23
CA SER D 358 -25.92 9.20 -14.65
C SER D 358 -24.95 9.58 -15.75
N ASP D 359 -25.44 10.37 -16.71
CA ASP D 359 -24.62 10.94 -17.76
C ASP D 359 -24.21 12.39 -17.47
N ARG D 360 -24.49 12.87 -16.26
CA ARG D 360 -24.06 14.17 -15.75
C ARG D 360 -24.78 15.36 -16.38
N SER D 361 -25.60 15.13 -17.41
CA SER D 361 -26.32 16.25 -18.02
C SER D 361 -27.83 16.13 -17.88
N PHE D 362 -28.45 15.11 -18.45
CA PHE D 362 -29.90 15.00 -18.37
C PHE D 362 -30.45 13.58 -18.27
N THR D 363 -29.61 12.55 -18.20
CA THR D 363 -30.09 11.17 -18.18
C THR D 363 -29.75 10.55 -16.83
N HIS D 364 -30.76 10.04 -16.13
CA HIS D 364 -30.58 9.42 -14.83
C HIS D 364 -31.50 8.21 -14.71
N VAL D 365 -30.95 7.10 -14.19
CA VAL D 365 -31.71 5.89 -13.93
C VAL D 365 -31.31 5.36 -12.55
N SER D 366 -32.17 4.50 -12.00
CA SER D 366 -31.92 3.92 -10.69
C SER D 366 -32.60 2.56 -10.61
N SER D 367 -31.90 1.59 -10.02
CA SER D 367 -32.43 0.24 -9.87
C SER D 367 -33.14 0.06 -8.52
N ALA D 368 -34.09 0.94 -8.25
CA ALA D 368 -34.88 0.89 -7.01
C ALA D 368 -36.35 0.99 -7.36
N THR D 369 -37.17 0.17 -6.72
CA THR D 369 -38.61 0.20 -6.95
C THR D 369 -39.20 1.54 -6.53
N HIS D 370 -38.77 2.06 -5.39
CA HIS D 370 -39.19 3.36 -4.89
C HIS D 370 -37.98 4.23 -4.60
N LYS D 371 -38.21 5.53 -4.59
CA LYS D 371 -37.13 6.48 -4.29
C LYS D 371 -36.63 6.29 -2.87
N LEU D 372 -35.31 6.35 -2.70
CA LEU D 372 -34.67 6.14 -1.42
C LEU D 372 -34.24 7.48 -0.83
N SER D 373 -34.40 7.63 0.48
CA SER D 373 -34.15 8.89 1.17
C SER D 373 -32.97 8.74 2.12
N LEU D 374 -32.68 9.82 2.85
CA LEU D 374 -31.60 9.86 3.82
C LEU D 374 -32.06 10.63 5.04
N LYS D 375 -31.91 10.03 6.22
CA LYS D 375 -32.38 10.63 7.47
C LYS D 375 -31.27 10.58 8.51
N SER D 376 -31.26 11.58 9.40
CA SER D 376 -30.28 11.69 10.46
C SER D 376 -30.98 11.63 11.81
N ASP D 377 -30.52 10.72 12.67
CA ASP D 377 -31.09 10.54 13.99
C ASP D 377 -30.09 11.05 15.04
N PHE D 378 -30.58 11.89 15.95
CA PHE D 378 -29.73 12.49 16.98
C PHE D 378 -29.70 11.68 18.27
N LEU D 379 -30.38 10.53 18.32
CA LEU D 379 -30.34 9.66 19.48
C LEU D 379 -29.53 8.39 19.27
N ARG D 380 -29.31 7.98 18.01
CA ARG D 380 -28.49 6.82 17.70
C ARG D 380 -27.14 7.19 17.10
N ARG D 381 -26.94 8.45 16.72
CA ARG D 381 -25.70 8.93 16.10
C ARG D 381 -25.43 8.17 14.80
N LYS D 382 -26.38 8.24 13.88
CA LYS D 382 -26.28 7.54 12.61
C LYS D 382 -27.07 8.26 11.55
N ASN D 383 -26.74 7.98 10.30
CA ASN D 383 -27.51 8.40 9.13
C ASN D 383 -28.10 7.16 8.48
N LEU D 384 -29.41 7.18 8.27
CA LEU D 384 -30.15 5.99 7.87
C LEU D 384 -30.64 6.10 6.43
N ILE D 385 -30.68 4.95 5.76
CA ILE D 385 -31.24 4.83 4.42
C ILE D 385 -32.52 4.00 4.53
N PHE D 386 -33.63 4.56 4.08
CA PHE D 386 -34.93 3.93 4.23
C PHE D 386 -35.79 4.20 3.00
N SER D 387 -36.76 3.33 2.77
CA SER D 387 -37.61 3.39 1.59
C SER D 387 -38.89 4.19 1.79
N ASP D 388 -39.09 4.78 2.97
CA ASP D 388 -40.27 5.59 3.28
C ASP D 388 -41.49 4.69 3.17
N GLU D 389 -42.42 4.96 2.24
CA GLU D 389 -43.61 4.15 2.09
C GLU D 389 -43.79 3.76 0.63
N LYS D 390 -44.39 2.58 0.42
CA LYS D 390 -44.55 2.07 -0.95
C LYS D 390 -45.48 2.95 -1.76
N VAL D 391 -46.57 3.45 -1.16
CA VAL D 391 -47.58 4.20 -1.89
C VAL D 391 -47.12 5.66 -1.89
N GLU D 392 -46.25 5.98 -2.85
CA GLU D 392 -45.75 7.34 -3.08
C GLU D 392 -45.10 7.97 -1.86
N GLY D 393 -44.74 7.16 -0.86
CA GLY D 393 -44.13 7.66 0.35
C GLY D 393 -45.09 8.18 1.39
N SER D 394 -46.37 8.31 1.06
CA SER D 394 -47.43 8.78 1.95
C SER D 394 -47.20 10.20 2.48
N LEU D 395 -46.21 10.91 1.94
CA LEU D 395 -45.89 12.26 2.38
C LEU D 395 -45.15 12.97 1.25
N ILE D 396 -44.54 14.10 1.57
CA ILE D 396 -43.74 14.88 0.62
C ILE D 396 -42.28 14.77 1.03
N GLU D 397 -41.41 14.57 0.04
CA GLU D 397 -39.99 14.38 0.30
C GLU D 397 -39.36 15.63 0.89
N LYS D 398 -39.03 15.58 2.19
CA LYS D 398 -38.38 16.68 2.88
C LYS D 398 -37.17 16.24 3.69
N HIS D 399 -36.68 15.02 3.47
CA HIS D 399 -35.53 14.50 4.22
C HIS D 399 -34.24 14.45 3.41
N GLY D 400 -34.33 14.42 2.10
CA GLY D 400 -33.14 14.35 1.25
C GLY D 400 -33.17 13.15 0.32
N LEU D 401 -32.25 13.18 -0.63
CA LEU D 401 -32.12 12.13 -1.64
C LEU D 401 -30.67 11.71 -1.79
N LEU D 402 -30.48 10.43 -2.09
CA LEU D 402 -29.14 9.87 -2.26
C LEU D 402 -28.43 10.45 -3.49
N THR D 403 -29.18 10.68 -4.56
CA THR D 403 -28.59 11.10 -5.82
C THR D 403 -27.89 12.45 -5.68
N ARG D 404 -28.51 13.38 -4.97
CA ARG D 404 -27.89 14.68 -4.75
C ARG D 404 -26.57 14.54 -4.00
N PHE D 405 -26.56 13.70 -2.97
CA PHE D 405 -25.33 13.43 -2.22
C PHE D 405 -24.22 12.94 -3.15
N VAL D 406 -24.54 11.95 -3.99
CA VAL D 406 -23.52 11.39 -4.88
C VAL D 406 -23.02 12.45 -5.85
N ASN D 407 -23.94 13.25 -6.41
CA ASN D 407 -23.56 14.24 -7.41
C ASN D 407 -22.62 15.29 -6.82
N GLU D 408 -22.97 15.84 -5.65
CA GLU D 408 -22.10 16.84 -5.05
C GLU D 408 -20.75 16.25 -4.65
N ALA D 409 -20.73 15.00 -4.17
CA ALA D 409 -19.45 14.37 -3.85
C ALA D 409 -18.55 14.28 -5.07
N ASP D 410 -19.11 13.83 -6.20
CA ASP D 410 -18.32 13.73 -7.42
C ASP D 410 -17.81 15.09 -7.87
N VAL D 411 -18.67 16.11 -7.80
CA VAL D 411 -18.28 17.46 -8.21
C VAL D 411 -17.11 17.95 -7.39
N ILE D 412 -17.18 17.76 -6.07
CA ILE D 412 -16.11 18.22 -5.18
C ILE D 412 -14.80 17.50 -5.50
N TYR D 413 -14.88 16.19 -5.74
CA TYR D 413 -13.67 15.42 -6.04
C TYR D 413 -12.98 15.94 -7.31
N GLN D 414 -13.76 16.14 -8.37
CA GLN D 414 -13.18 16.64 -9.62
C GLN D 414 -12.62 18.04 -9.45
N TRP D 415 -13.33 18.89 -8.69
CA TRP D 415 -12.84 20.23 -8.40
C TRP D 415 -11.48 20.19 -7.72
N PHE D 416 -11.32 19.29 -6.73
CA PHE D 416 -10.04 19.17 -6.04
C PHE D 416 -8.92 18.82 -7.02
N LEU D 417 -9.17 17.84 -7.90
CA LEU D 417 -8.12 17.44 -8.84
C LEU D 417 -7.73 18.60 -9.78
N GLY D 418 -8.72 19.31 -10.30
CA GLY D 418 -8.41 20.44 -11.18
C GLY D 418 -7.63 21.53 -10.49
N THR D 419 -8.02 21.86 -9.24
CA THR D 419 -7.31 22.88 -8.50
C THR D 419 -5.86 22.46 -8.24
N MET D 420 -5.63 21.18 -7.97
CA MET D 420 -4.26 20.69 -7.84
C MET D 420 -3.46 20.90 -9.11
N ARG D 421 -4.06 20.58 -10.27
CA ARG D 421 -3.31 20.72 -11.52
C ARG D 421 -2.91 22.16 -11.76
N LYS D 422 -3.86 23.08 -11.54
CA LYS D 422 -3.57 24.49 -11.73
C LYS D 422 -2.47 24.97 -10.79
N ALA D 423 -2.54 24.53 -9.52
CA ALA D 423 -1.53 24.94 -8.56
C ALA D 423 -0.14 24.49 -8.98
N VAL D 424 -0.01 23.26 -9.49
CA VAL D 424 1.31 22.77 -9.90
C VAL D 424 1.85 23.56 -11.08
N PHE D 425 0.98 23.89 -12.04
CA PHE D 425 1.42 24.72 -13.15
C PHE D 425 1.94 26.07 -12.67
N GLN D 426 1.21 26.70 -11.73
CA GLN D 426 1.68 27.97 -11.19
C GLN D 426 3.01 27.81 -10.47
N TYR D 427 3.19 26.69 -9.77
CA TYR D 427 4.46 26.44 -9.09
C TYR D 427 5.62 26.38 -10.07
N TRP D 428 5.44 25.67 -11.19
CA TRP D 428 6.50 25.62 -12.18
C TRP D 428 6.79 26.99 -12.76
N GLU D 429 5.74 27.75 -13.05
CA GLU D 429 5.93 29.10 -13.59
C GLU D 429 6.74 29.95 -12.62
N ASN D 430 6.44 29.86 -11.33
CA ASN D 430 7.17 30.66 -10.34
C ASN D 430 8.61 30.19 -10.19
N VAL D 431 8.82 28.87 -10.17
CA VAL D 431 10.16 28.36 -9.88
C VAL D 431 11.12 28.62 -11.03
N ARG D 432 10.67 28.42 -12.28
CA ARG D 432 11.62 28.38 -13.40
C ARG D 432 12.35 29.71 -13.57
N GLY D 433 11.64 30.83 -13.50
CA GLY D 433 12.25 32.10 -13.83
C GLY D 433 13.25 32.64 -12.82
N LEU D 434 12.77 33.03 -11.65
CA LEU D 434 13.58 33.70 -10.64
C LEU D 434 14.27 32.66 -9.75
N GLU D 435 14.80 33.10 -8.61
CA GLU D 435 15.42 32.22 -7.61
C GLU D 435 16.63 31.48 -8.20
N ILE D 436 17.65 32.28 -8.50
CA ILE D 436 18.90 31.73 -9.03
C ILE D 436 19.45 30.69 -8.05
N GLU D 437 19.52 29.44 -8.50
CA GLU D 437 19.97 28.33 -7.68
C GLU D 437 20.42 27.22 -8.62
N VAL D 438 20.58 26.01 -8.07
CA VAL D 438 21.01 24.86 -8.85
C VAL D 438 19.90 24.52 -9.84
N ARG D 439 20.15 24.78 -11.13
CA ARG D 439 19.19 24.49 -12.19
C ARG D 439 19.77 23.41 -13.10
N GLU D 440 19.03 22.31 -13.26
CA GLU D 440 19.45 21.21 -14.11
C GLU D 440 18.53 21.01 -15.31
N ASN D 441 17.23 20.87 -15.07
CA ASN D 441 16.25 20.63 -16.14
C ASN D 441 15.07 21.55 -15.89
N ARG D 442 15.05 22.70 -16.58
CA ARG D 442 13.97 23.67 -16.45
C ARG D 442 12.86 23.27 -17.42
N SER D 443 12.07 22.30 -17.00
CA SER D 443 10.98 21.78 -17.83
C SER D 443 9.85 21.35 -16.90
N LEU D 444 8.91 20.55 -17.42
CA LEU D 444 7.68 20.24 -16.72
C LEU D 444 7.66 18.86 -16.08
N GLU D 445 8.79 18.14 -16.03
CA GLU D 445 8.77 16.80 -15.46
C GLU D 445 9.24 16.80 -14.00
N GLY D 446 10.49 17.19 -13.77
CA GLY D 446 11.00 17.23 -12.41
C GLY D 446 10.27 18.25 -11.56
N THR D 447 9.98 19.42 -12.14
CA THR D 447 9.15 20.40 -11.45
C THR D 447 7.77 19.82 -11.16
N PHE D 448 7.25 19.00 -12.07
CA PHE D 448 5.97 18.32 -11.84
C PHE D 448 6.03 17.48 -10.57
N GLN D 449 7.01 16.58 -10.48
CA GLN D 449 7.07 15.68 -9.32
C GLN D 449 7.33 16.45 -8.03
N GLU D 450 8.28 17.39 -8.07
CA GLU D 450 8.62 18.16 -6.88
C GLU D 450 7.43 18.99 -6.40
N ALA D 451 6.71 19.63 -7.33
CA ALA D 451 5.54 20.42 -6.97
C ALA D 451 4.46 19.55 -6.36
N VAL D 452 4.21 18.37 -6.94
CA VAL D 452 3.18 17.50 -6.40
C VAL D 452 3.52 17.10 -4.97
N GLN D 453 4.76 16.66 -4.75
CA GLN D 453 5.15 16.23 -3.41
C GLN D 453 5.10 17.39 -2.42
N SER D 454 5.62 18.56 -2.81
CA SER D 454 5.67 19.70 -1.91
C SER D 454 4.27 20.19 -1.54
N LEU D 455 3.35 20.20 -2.51
CA LEU D 455 1.99 20.64 -2.23
C LEU D 455 1.24 19.62 -1.38
N LEU D 456 1.50 18.33 -1.61
CA LEU D 456 0.77 17.31 -0.85
C LEU D 456 1.26 17.22 0.58
N THR D 457 2.57 17.39 0.80
CA THR D 457 3.11 17.25 2.15
C THR D 457 2.58 18.34 3.09
N HIS D 458 2.47 19.57 2.58
CA HIS D 458 2.04 20.69 3.43
C HIS D 458 0.61 20.50 3.93
N PHE D 459 -0.28 20.00 3.09
CA PHE D 459 -1.69 19.81 3.43
C PHE D 459 -1.98 18.45 4.03
N ASN D 460 -0.99 17.82 4.67
CA ASN D 460 -1.10 16.45 5.18
C ASN D 460 -1.40 15.51 4.04
N LEU D 461 -2.65 15.07 3.92
CA LEU D 461 -3.10 14.25 2.80
C LEU D 461 -2.19 13.05 2.57
N GLN D 462 -1.42 13.08 1.47
CA GLN D 462 -0.44 12.09 1.05
C GLN D 462 -1.06 10.77 0.64
N GLU D 463 -2.39 10.63 0.73
CA GLU D 463 -3.07 9.43 0.26
C GLU D 463 -3.62 9.58 -1.15
N PHE D 464 -3.44 10.75 -1.77
CA PHE D 464 -3.96 11.02 -3.11
C PHE D 464 -2.86 11.07 -4.16
N GLU D 465 -1.68 10.55 -3.85
CA GLU D 465 -0.57 10.60 -4.81
C GLU D 465 -0.88 9.81 -6.07
N SER D 466 -1.41 8.59 -5.92
CA SER D 466 -1.75 7.79 -7.08
C SER D 466 -2.89 8.41 -7.87
N ALA D 467 -3.86 8.99 -7.17
CA ALA D 467 -5.00 9.62 -7.85
C ALA D 467 -4.59 10.86 -8.63
N VAL D 468 -3.48 11.51 -8.26
CA VAL D 468 -3.03 12.68 -9.01
C VAL D 468 -2.05 12.29 -10.12
N TYR D 469 -1.16 11.34 -9.87
CA TYR D 469 -0.19 10.94 -10.89
C TYR D 469 -0.87 10.28 -12.08
N GLU D 470 -1.87 9.44 -11.84
CA GLU D 470 -2.56 8.72 -12.90
C GLU D 470 -3.69 9.53 -13.53
N SER D 471 -3.93 10.76 -13.05
CA SER D 471 -4.97 11.61 -13.63
C SER D 471 -4.42 12.76 -14.46
N PHE D 472 -3.11 12.98 -14.47
CA PHE D 472 -2.58 14.04 -15.33
C PHE D 472 -2.69 13.69 -16.80
N ASP D 473 -2.42 12.43 -17.17
CA ASP D 473 -2.25 12.07 -18.58
C ASP D 473 -3.51 12.36 -19.39
N THR D 474 -4.68 12.24 -18.76
CA THR D 474 -5.96 12.52 -19.41
C THR D 474 -6.51 13.90 -19.07
N ARG D 475 -6.48 14.29 -17.80
CA ARG D 475 -7.18 15.49 -17.36
C ARG D 475 -6.32 16.74 -17.34
N GLY D 476 -5.04 16.66 -17.72
CA GLY D 476 -4.18 17.84 -17.71
C GLY D 476 -4.31 18.71 -18.94
N LEU D 477 -4.97 18.24 -19.98
CA LEU D 477 -5.19 19.00 -21.20
C LEU D 477 -6.55 19.66 -21.24
N ARG D 478 -7.32 19.57 -20.17
CA ARG D 478 -8.65 20.16 -20.11
C ARG D 478 -8.55 21.60 -19.61
N GLN D 479 -9.69 22.20 -19.29
CA GLN D 479 -9.78 23.58 -18.81
C GLN D 479 -9.19 24.56 -19.84
N SER D 480 -9.80 24.55 -21.02
CA SER D 480 -9.38 25.39 -22.13
C SER D 480 -10.26 26.63 -22.29
N ALA D 481 -11.00 27.00 -21.25
CA ALA D 481 -11.91 28.15 -21.26
C ALA D 481 -12.94 28.01 -22.38
N GLY D 482 -13.75 26.96 -22.26
CA GLY D 482 -14.76 26.66 -23.25
C GLY D 482 -14.67 25.25 -23.77
N GLY D 483 -13.47 24.67 -23.73
CA GLY D 483 -13.29 23.30 -24.18
C GLY D 483 -14.02 22.29 -23.32
N LYS D 484 -14.06 22.53 -22.01
CA LYS D 484 -14.72 21.63 -21.07
C LYS D 484 -15.39 22.45 -19.99
N ALA D 485 -16.71 22.61 -20.09
CA ALA D 485 -17.48 23.35 -19.11
C ALA D 485 -18.94 22.90 -19.20
N ASN D 486 -19.50 22.48 -18.07
CA ASN D 486 -20.88 21.98 -18.02
C ASN D 486 -21.79 23.12 -17.56
N LYS D 487 -22.15 23.98 -18.50
CA LYS D 487 -23.03 25.11 -18.23
C LYS D 487 -23.75 25.49 -19.50
N LEU D 488 -24.86 26.21 -19.35
CA LEU D 488 -25.62 26.68 -20.50
C LEU D 488 -24.93 27.81 -21.25
N SER D 489 -23.86 28.37 -20.69
CA SER D 489 -23.11 29.45 -21.33
C SER D 489 -21.78 28.97 -21.91
N SER D 490 -21.70 27.69 -22.26
CA SER D 490 -20.48 27.11 -22.80
C SER D 490 -20.83 25.93 -23.68
N SER D 491 -19.86 25.49 -24.48
CA SER D 491 -20.05 24.35 -25.35
C SER D 491 -20.26 23.08 -24.55
N LYS D 492 -21.21 22.26 -24.98
CA LYS D 492 -21.55 21.02 -24.29
C LYS D 492 -21.49 19.86 -25.27
N SER D 493 -20.83 18.78 -24.88
CA SER D 493 -20.79 17.56 -25.67
C SER D 493 -20.46 16.40 -24.74
N TYR D 494 -20.81 15.20 -25.19
CA TYR D 494 -20.52 14.01 -24.41
C TYR D 494 -19.03 13.69 -24.42
N HIS D 495 -18.32 14.08 -25.48
CA HIS D 495 -16.93 13.69 -25.65
C HIS D 495 -15.98 14.33 -24.66
N HIS D 496 -16.44 15.32 -23.90
CA HIS D 496 -15.64 15.87 -22.79
C HIS D 496 -16.48 16.03 -21.53
N THR D 497 -17.50 15.20 -21.36
CA THR D 497 -18.29 15.18 -20.13
C THR D 497 -18.20 13.85 -19.40
N GLY D 498 -18.48 12.74 -20.08
CA GLY D 498 -18.31 11.43 -19.48
C GLY D 498 -19.57 10.91 -18.80
N LEU D 499 -19.37 9.87 -17.98
CA LEU D 499 -20.45 9.21 -17.27
C LEU D 499 -19.96 8.78 -15.89
N LYS D 500 -20.82 8.09 -15.15
CA LYS D 500 -20.53 7.74 -13.77
C LYS D 500 -21.32 6.49 -13.39
N LEU D 501 -20.77 5.72 -12.44
CA LEU D 501 -21.41 4.51 -11.95
C LEU D 501 -21.14 4.40 -10.46
N VAL D 502 -22.17 4.06 -9.67
CA VAL D 502 -22.08 4.00 -8.21
C VAL D 502 -22.75 2.73 -7.73
N GLU D 503 -22.15 2.10 -6.71
CA GLU D 503 -22.72 0.93 -6.08
C GLU D 503 -22.64 1.09 -4.56
N VAL D 504 -23.72 0.76 -3.87
CA VAL D 504 -23.81 0.88 -2.42
C VAL D 504 -24.08 -0.48 -1.83
N ALA D 505 -23.26 -0.89 -0.86
CA ALA D 505 -23.39 -2.20 -0.23
C ALA D 505 -22.72 -2.14 1.14
N HIS D 506 -22.64 -3.30 1.79
CA HIS D 506 -22.04 -3.41 3.11
C HIS D 506 -20.51 -3.43 3.01
N ASN D 507 -19.87 -3.20 4.15
CA ASN D 507 -18.41 -3.24 4.24
C ASN D 507 -17.95 -4.68 4.43
N GLN D 508 -16.66 -4.85 4.71
CA GLN D 508 -16.09 -6.17 4.94
C GLN D 508 -15.95 -6.40 6.45
N GLY D 509 -16.58 -7.45 6.94
CA GLY D 509 -16.51 -7.78 8.35
C GLY D 509 -17.58 -7.09 9.17
N THR D 510 -17.63 -5.76 9.11
CA THR D 510 -18.61 -5.01 9.86
C THR D 510 -20.01 -5.25 9.30
N ARG D 511 -21.01 -5.12 10.17
CA ARG D 511 -22.41 -5.29 9.81
C ARG D 511 -23.23 -4.05 10.16
N ASP D 512 -22.56 -2.92 10.35
CA ASP D 512 -23.22 -1.68 10.73
C ASP D 512 -22.99 -0.52 9.76
N THR D 513 -22.07 -0.64 8.81
CA THR D 513 -21.69 0.48 7.96
C THR D 513 -21.81 0.10 6.49
N VAL D 514 -21.94 1.13 5.65
CA VAL D 514 -22.02 0.96 4.20
C VAL D 514 -21.04 1.92 3.54
N ASN D 515 -20.68 1.59 2.30
CA ASN D 515 -19.77 2.40 1.50
C ASN D 515 -20.44 2.75 0.17
N CYS D 516 -19.73 3.58 -0.61
CA CYS D 516 -20.22 4.01 -1.93
C CYS D 516 -19.04 4.01 -2.90
N LYS D 517 -18.89 2.93 -3.65
CA LYS D 517 -17.88 2.87 -4.68
C LYS D 517 -18.32 3.69 -5.90
N ALA D 518 -17.34 4.07 -6.72
CA ALA D 518 -17.63 4.91 -7.88
C ALA D 518 -16.60 4.67 -8.96
N SER D 519 -17.07 4.42 -10.19
CA SER D 519 -16.22 4.24 -11.36
C SER D 519 -16.53 5.34 -12.35
N PHE D 520 -15.50 6.00 -12.85
CA PHE D 520 -15.65 7.19 -13.68
C PHE D 520 -15.11 6.96 -15.09
N LEU D 521 -15.45 7.90 -15.97
CA LEU D 521 -14.91 7.95 -17.32
C LEU D 521 -15.01 9.42 -17.75
N ASN D 522 -13.88 10.10 -17.83
CA ASN D 522 -13.88 11.55 -17.95
C ASN D 522 -13.83 12.06 -19.38
N THR D 523 -13.64 11.20 -20.38
CA THR D 523 -13.52 11.66 -21.76
C THR D 523 -13.72 10.47 -22.69
N SER D 524 -13.50 10.70 -23.98
CA SER D 524 -13.61 9.71 -25.04
C SER D 524 -12.40 9.83 -25.95
N PRO D 525 -12.11 8.82 -26.76
CA PRO D 525 -10.95 8.90 -27.67
C PRO D 525 -10.96 10.11 -28.59
N SER D 526 -12.14 10.56 -29.03
CA SER D 526 -12.20 11.76 -29.86
C SER D 526 -11.68 12.97 -29.11
N GLY D 527 -12.04 13.10 -27.82
CA GLY D 527 -11.49 14.16 -27.01
C GLY D 527 -9.98 14.08 -26.87
N VAL D 528 -9.45 12.86 -26.74
CA VAL D 528 -8.01 12.67 -26.64
C VAL D 528 -7.32 13.14 -27.91
N LEU D 529 -7.86 12.76 -29.08
CA LEU D 529 -7.27 13.20 -30.33
C LEU D 529 -7.36 14.71 -30.50
N ALA D 530 -8.50 15.31 -30.14
CA ALA D 530 -8.65 16.75 -30.26
C ALA D 530 -7.68 17.48 -29.34
N ASP D 531 -7.45 16.97 -28.13
CA ASP D 531 -6.48 17.58 -27.24
C ASP D 531 -5.05 17.38 -27.71
N MET D 532 -4.76 16.25 -28.36
CA MET D 532 -3.45 16.05 -28.98
C MET D 532 -3.20 17.10 -30.05
N VAL D 533 -4.20 17.36 -30.89
CA VAL D 533 -4.04 18.35 -31.96
C VAL D 533 -4.04 19.77 -31.40
N ASP D 534 -4.73 20.01 -30.28
CA ASP D 534 -4.84 21.36 -29.74
C ASP D 534 -3.55 21.82 -29.09
N ALA D 535 -2.86 20.92 -28.39
CA ALA D 535 -1.59 21.27 -27.75
C ALA D 535 -0.49 21.58 -28.75
N GLY D 536 -0.70 21.28 -30.03
CA GLY D 536 0.28 21.54 -31.06
C GLY D 536 1.04 20.29 -31.46
N ALA D 537 0.62 19.66 -32.55
CA ALA D 537 1.24 18.43 -33.02
C ALA D 537 0.71 18.12 -34.41
N VAL D 538 1.58 17.60 -35.27
CA VAL D 538 1.22 17.26 -36.63
C VAL D 538 1.00 15.75 -36.70
N ILE D 539 -0.23 15.35 -37.04
CA ILE D 539 -0.63 13.95 -37.05
C ILE D 539 -0.97 13.54 -38.47
N LEU D 540 -0.34 12.47 -38.94
CA LEU D 540 -0.59 11.91 -40.26
C LEU D 540 -1.18 10.52 -40.10
N GLY D 541 -2.36 10.30 -40.67
CA GLY D 541 -3.02 9.02 -40.58
C GLY D 541 -3.26 8.39 -41.93
N ILE D 542 -2.80 7.17 -42.12
CA ILE D 542 -2.91 6.46 -43.39
C ILE D 542 -3.88 5.31 -43.21
N SER D 543 -4.97 5.33 -44.00
CA SER D 543 -5.98 4.30 -43.94
C SER D 543 -6.86 4.41 -45.17
N ALA D 544 -7.29 3.27 -45.71
CA ALA D 544 -8.17 3.24 -46.87
C ALA D 544 -9.61 3.61 -46.53
N THR D 545 -9.99 3.58 -45.26
CA THR D 545 -11.34 3.86 -44.80
C THR D 545 -11.32 4.83 -43.63
N ALA D 546 -10.55 5.91 -43.77
CA ALA D 546 -10.39 6.86 -42.68
C ALA D 546 -11.68 7.62 -42.40
N ARG D 547 -12.31 8.15 -43.44
CA ARG D 547 -13.51 8.96 -43.29
C ARG D 547 -14.75 8.10 -43.54
N ALA D 548 -15.01 7.21 -42.59
CA ALA D 548 -16.21 6.39 -42.61
C ALA D 548 -17.29 7.04 -41.73
N ASP D 549 -18.51 6.52 -41.85
CA ASP D 549 -19.67 7.08 -41.15
C ASP D 549 -20.11 6.21 -39.98
N THR D 550 -19.17 5.59 -39.29
CA THR D 550 -19.46 4.79 -38.09
C THR D 550 -18.85 5.48 -36.88
N VAL D 551 -19.69 5.74 -35.87
CA VAL D 551 -19.19 6.27 -34.61
C VAL D 551 -18.73 5.17 -33.67
N ILE D 552 -19.10 3.92 -33.96
CA ILE D 552 -18.72 2.80 -33.10
C ILE D 552 -17.38 2.19 -33.52
N HIS D 553 -17.14 2.11 -34.83
CA HIS D 553 -15.92 1.50 -35.36
C HIS D 553 -14.94 2.53 -35.89
N ASN D 554 -15.11 3.80 -35.54
CA ASN D 554 -14.24 4.88 -35.99
C ASN D 554 -14.44 6.06 -35.05
N PHE D 555 -13.79 7.18 -35.37
CA PHE D 555 -13.93 8.39 -34.57
C PHE D 555 -15.22 9.11 -34.96
N ASP D 556 -15.41 10.31 -34.44
CA ASP D 556 -16.57 11.14 -34.75
C ASP D 556 -16.06 12.40 -35.47
N PHE D 557 -16.11 12.37 -36.80
CA PHE D 557 -15.57 13.48 -37.59
C PHE D 557 -16.46 14.71 -37.59
N LYS D 558 -17.76 14.56 -37.28
CA LYS D 558 -18.62 15.73 -37.14
C LYS D 558 -18.21 16.58 -35.93
N TYR D 559 -17.77 15.94 -34.85
CA TYR D 559 -17.29 16.66 -33.69
C TYR D 559 -15.93 17.30 -33.93
N LEU D 560 -15.03 16.56 -34.58
CA LEU D 560 -13.70 17.09 -34.88
C LEU D 560 -13.76 18.25 -35.86
N ASN D 561 -14.62 18.17 -36.87
CA ASN D 561 -14.77 19.27 -37.83
C ASN D 561 -15.39 20.50 -37.18
N GLU D 562 -16.11 20.33 -36.07
CA GLU D 562 -16.71 21.47 -35.37
C GLU D 562 -15.82 22.04 -34.30
N ARG D 563 -14.87 21.26 -33.77
CA ARG D 563 -13.96 21.76 -32.75
C ARG D 563 -12.65 22.31 -33.33
N LEU D 564 -11.99 21.54 -34.19
CA LEU D 564 -10.71 21.97 -34.73
C LEU D 564 -10.87 23.19 -35.64
N GLY D 565 -11.82 23.14 -36.54
CA GLY D 565 -12.09 24.29 -37.43
C GLY D 565 -11.31 24.18 -38.74
N ASN D 566 -10.35 25.08 -38.93
CA ASN D 566 -9.57 25.16 -40.15
C ASN D 566 -8.32 24.26 -40.08
N LYS D 567 -8.11 23.59 -38.96
CA LYS D 567 -6.92 22.76 -38.78
C LYS D 567 -7.10 21.34 -39.31
N LEU D 568 -8.27 21.00 -39.83
CA LEU D 568 -8.53 19.67 -40.40
C LEU D 568 -8.35 19.79 -41.91
N LEU D 569 -7.13 19.51 -42.37
CA LEU D 569 -6.81 19.64 -43.78
C LEU D 569 -7.42 18.51 -44.59
N SER D 570 -7.84 18.82 -45.81
CA SER D 570 -8.44 17.86 -46.71
C SER D 570 -7.91 18.10 -48.12
N LEU D 571 -7.99 17.05 -48.94
CA LEU D 571 -7.51 17.13 -50.31
C LEU D 571 -8.51 17.90 -51.18
N SER D 572 -8.09 18.16 -52.41
CA SER D 572 -8.92 18.78 -53.43
C SER D 572 -9.31 17.75 -54.47
N ARG D 573 -10.07 18.20 -55.48
CA ARG D 573 -10.55 17.27 -56.50
C ARG D 573 -9.44 16.88 -57.47
N GLU D 574 -8.58 17.83 -57.84
CA GLU D 574 -7.52 17.53 -58.80
C GLU D 574 -6.50 16.55 -58.23
N GLN D 575 -6.19 16.67 -56.93
CA GLN D 575 -5.28 15.71 -56.31
C GLN D 575 -5.87 14.31 -56.30
N LYS D 576 -7.18 14.20 -56.02
CA LYS D 576 -7.83 12.90 -56.09
C LYS D 576 -7.82 12.34 -57.51
N GLN D 577 -8.00 13.22 -58.50
CA GLN D 577 -7.93 12.78 -59.90
C GLN D 577 -6.54 12.26 -60.23
N ARG D 578 -5.50 12.95 -59.76
CA ARG D 578 -4.13 12.49 -60.00
C ARG D 578 -3.88 11.14 -59.35
N VAL D 579 -4.35 10.96 -58.11
CA VAL D 579 -4.18 9.68 -57.43
C VAL D 579 -4.91 8.57 -58.18
N ASN D 580 -6.12 8.87 -58.65
CA ASN D 580 -6.90 7.89 -59.41
C ASN D 580 -6.18 7.50 -60.70
N ASN D 581 -5.61 8.49 -61.40
CA ASN D 581 -4.87 8.19 -62.62
C ASN D 581 -3.63 7.34 -62.33
N TYR D 582 -2.91 7.65 -61.25
CA TYR D 582 -1.73 6.86 -60.90
C TYR D 582 -2.12 5.42 -60.57
N TYR D 583 -3.22 5.23 -59.84
CA TYR D 583 -3.68 3.88 -59.56
C TYR D 583 -4.13 3.15 -60.83
N HIS D 584 -4.82 3.86 -61.71
CA HIS D 584 -5.28 3.26 -62.96
C HIS D 584 -4.13 2.81 -63.84
N SER D 585 -3.06 3.60 -63.88
CA SER D 585 -1.91 3.26 -64.72
C SER D 585 -1.30 1.92 -64.32
N ARG D 586 -1.14 1.70 -63.01
CA ARG D 586 -0.53 0.46 -62.54
C ARG D 586 -1.54 -0.66 -62.31
N ARG D 587 -2.83 -0.38 -62.44
CA ARG D 587 -3.87 -1.41 -62.31
C ARG D 587 -4.86 -1.28 -63.47
N ASN D 588 -4.36 -1.16 -64.69
CA ASN D 588 -5.18 -0.97 -65.89
C ASN D 588 -5.82 -2.30 -66.27
N TYR D 589 -6.90 -2.63 -65.56
CA TYR D 589 -7.60 -3.88 -65.83
C TYR D 589 -8.15 -3.93 -67.25
N LYS D 590 -8.73 -2.83 -67.72
CA LYS D 590 -9.21 -2.77 -69.09
C LYS D 590 -8.03 -2.73 -70.06
N ASP D 591 -8.35 -2.69 -71.36
CA ASP D 591 -7.37 -2.63 -72.44
C ASP D 591 -6.52 -3.89 -72.49
N ASN D 592 -6.84 -4.88 -71.65
CA ASN D 592 -6.08 -6.12 -71.60
C ASN D 592 -6.93 -7.37 -71.67
N GLY D 593 -8.18 -7.35 -71.24
CA GLY D 593 -9.02 -8.52 -71.30
C GLY D 593 -9.14 -9.28 -70.00
N VAL D 594 -9.38 -8.56 -68.91
CA VAL D 594 -9.62 -9.15 -67.60
C VAL D 594 -11.06 -8.89 -67.20
N VAL D 595 -11.77 -9.93 -66.79
CA VAL D 595 -13.19 -9.84 -66.49
C VAL D 595 -13.42 -10.21 -65.03
N LEU D 596 -14.52 -9.70 -64.48
CA LEU D 596 -14.95 -9.98 -63.12
C LEU D 596 -16.37 -10.50 -63.14
N THR D 597 -16.60 -11.66 -62.53
CA THR D 597 -17.90 -12.31 -62.51
C THR D 597 -18.42 -12.34 -61.08
N VAL D 598 -19.67 -11.91 -60.89
CA VAL D 598 -20.29 -11.79 -59.57
C VAL D 598 -21.58 -12.61 -59.56
N LYS D 599 -21.78 -13.37 -58.49
CA LYS D 599 -22.99 -14.15 -58.30
C LYS D 599 -23.44 -14.05 -56.85
N TYR D 600 -24.73 -14.29 -56.64
CA TYR D 600 -25.32 -14.33 -55.30
C TYR D 600 -25.99 -15.67 -55.09
N LEU D 601 -25.78 -16.25 -53.91
CA LEU D 601 -26.19 -17.62 -53.62
C LEU D 601 -27.26 -17.65 -52.54
N ASN D 602 -28.27 -18.49 -52.73
CA ASN D 602 -29.29 -18.77 -51.74
C ASN D 602 -29.15 -20.20 -51.24
N SER D 603 -30.09 -20.63 -50.41
CA SER D 603 -30.06 -21.97 -49.85
C SER D 603 -31.00 -22.90 -50.62
N ARG D 604 -30.72 -24.21 -50.52
CA ARG D 604 -31.52 -25.21 -51.19
C ARG D 604 -31.43 -26.51 -50.38
N ASP D 605 -32.58 -26.98 -49.90
CA ASP D 605 -32.60 -28.18 -49.06
C ASP D 605 -32.41 -29.46 -49.86
N ALA D 606 -32.93 -29.51 -51.08
CA ALA D 606 -32.83 -30.73 -51.89
C ALA D 606 -31.37 -31.09 -52.15
N PHE D 607 -30.55 -30.08 -52.48
CA PHE D 607 -29.12 -30.30 -52.61
C PHE D 607 -28.56 -31.06 -51.41
N LEU D 608 -28.73 -30.49 -50.22
CA LEU D 608 -28.13 -31.07 -49.03
C LEU D 608 -28.66 -32.47 -48.73
N ASP D 609 -29.99 -32.64 -48.75
CA ASP D 609 -30.51 -33.95 -48.35
C ASP D 609 -30.16 -35.01 -49.37
N ALA D 610 -30.08 -34.65 -50.65
CA ALA D 610 -29.55 -35.59 -51.64
C ALA D 610 -28.11 -35.98 -51.31
N LEU D 611 -27.30 -35.01 -50.90
CA LEU D 611 -25.92 -35.33 -50.53
C LEU D 611 -25.85 -36.31 -49.35
N LEU D 612 -26.60 -36.04 -48.28
CA LEU D 612 -26.51 -36.95 -47.13
C LEU D 612 -27.10 -38.33 -47.45
N GLU D 613 -28.20 -38.37 -48.22
CA GLU D 613 -28.75 -39.67 -48.58
C GLU D 613 -27.83 -40.43 -49.52
N GLU D 614 -26.99 -39.72 -50.27
CA GLU D 614 -26.01 -40.38 -51.13
C GLU D 614 -24.78 -40.84 -50.37
N TYR D 615 -24.41 -40.17 -49.28
CA TYR D 615 -23.23 -40.56 -48.54
C TYR D 615 -23.51 -41.33 -47.26
N LYS D 616 -24.77 -41.44 -46.84
CA LYS D 616 -25.17 -42.27 -45.71
C LYS D 616 -26.38 -43.12 -46.12
N PRO D 617 -26.17 -44.10 -47.01
CA PRO D 617 -27.32 -44.90 -47.48
C PRO D 617 -27.93 -45.78 -46.41
N GLU D 618 -27.15 -46.20 -45.42
CA GLU D 618 -27.66 -47.10 -44.39
C GLU D 618 -28.69 -46.45 -43.48
N ALA D 619 -28.80 -45.12 -43.48
CA ALA D 619 -29.75 -44.43 -42.64
C ALA D 619 -31.04 -44.16 -43.41
N ARG D 620 -32.07 -43.73 -42.67
CA ARG D 620 -33.41 -43.53 -43.23
C ARG D 620 -33.65 -42.08 -43.64
N SER D 621 -33.52 -41.14 -42.71
CA SER D 621 -33.84 -39.74 -42.96
C SER D 621 -32.63 -38.85 -42.69
N SER D 622 -32.67 -37.66 -43.28
CA SER D 622 -31.54 -36.72 -43.14
C SER D 622 -31.39 -36.25 -41.71
N HIS D 623 -32.52 -36.07 -41.00
CA HIS D 623 -32.45 -35.58 -39.62
C HIS D 623 -31.66 -36.55 -38.75
N PHE D 624 -31.95 -37.84 -38.84
CA PHE D 624 -31.25 -38.83 -38.04
C PHE D 624 -29.77 -38.84 -38.37
N ILE D 625 -29.43 -38.73 -39.66
CA ILE D 625 -28.03 -38.62 -40.05
C ILE D 625 -27.38 -37.45 -39.34
N LEU D 626 -28.05 -36.29 -39.35
CA LEU D 626 -27.54 -35.12 -38.65
C LEU D 626 -27.25 -35.44 -37.19
N ASN D 627 -28.29 -35.82 -36.43
CA ASN D 627 -28.10 -35.95 -34.98
C ASN D 627 -27.06 -37.00 -34.65
N HIS D 628 -27.06 -38.14 -35.36
CA HIS D 628 -26.14 -39.20 -34.99
C HIS D 628 -24.72 -38.92 -35.49
N TYR D 629 -24.54 -38.83 -36.81
CA TYR D 629 -23.20 -38.75 -37.35
C TYR D 629 -22.57 -37.38 -37.19
N LEU D 630 -23.35 -36.30 -37.30
CA LEU D 630 -22.76 -34.97 -37.34
C LEU D 630 -22.78 -34.23 -36.01
N GLY D 631 -23.78 -34.48 -35.16
CA GLY D 631 -23.78 -33.96 -33.81
C GLY D 631 -24.67 -32.75 -33.55
N ILE D 632 -25.22 -32.12 -34.58
CA ILE D 632 -26.13 -31.00 -34.36
C ILE D 632 -27.42 -31.50 -33.72
N ALA D 633 -27.84 -30.84 -32.65
CA ALA D 633 -29.08 -31.17 -31.97
C ALA D 633 -30.27 -30.66 -32.78
N GLU D 634 -31.48 -30.87 -32.25
CA GLU D 634 -32.70 -30.48 -32.93
C GLU D 634 -33.03 -29.00 -32.81
N SER D 635 -32.37 -28.28 -31.89
CA SER D 635 -32.71 -26.88 -31.66
C SER D 635 -32.17 -25.94 -32.72
N GLU D 636 -30.98 -26.21 -33.26
CA GLU D 636 -30.27 -25.27 -34.13
C GLU D 636 -29.86 -25.94 -35.43
N GLN D 637 -30.81 -26.63 -36.08
CA GLN D 637 -30.53 -27.34 -37.32
C GLN D 637 -30.60 -26.44 -38.55
N ALA D 638 -31.57 -25.52 -38.60
CA ALA D 638 -31.78 -24.74 -39.82
C ALA D 638 -30.58 -23.87 -40.15
N PHE D 639 -29.97 -23.25 -39.13
CA PHE D 639 -28.79 -22.41 -39.34
C PHE D 639 -27.67 -23.21 -39.99
N VAL D 640 -27.38 -24.38 -39.44
CA VAL D 640 -26.32 -25.24 -39.97
C VAL D 640 -26.66 -25.66 -41.40
N ARG D 641 -27.90 -26.05 -41.64
CA ARG D 641 -28.30 -26.50 -42.98
C ARG D 641 -28.10 -25.40 -44.01
N SER D 642 -28.57 -24.18 -43.69
CA SER D 642 -28.45 -23.08 -44.63
C SER D 642 -27.00 -22.73 -44.91
N TRP D 643 -26.19 -22.59 -43.85
CA TRP D 643 -24.79 -22.21 -44.03
C TRP D 643 -24.04 -23.28 -44.83
N LEU D 644 -24.26 -24.56 -44.51
CA LEU D 644 -23.59 -25.63 -45.22
C LEU D 644 -23.99 -25.69 -46.68
N SER D 645 -25.28 -25.49 -46.98
CA SER D 645 -25.72 -25.49 -48.37
C SER D 645 -25.06 -24.34 -49.14
N LYS D 646 -25.02 -23.15 -48.55
CA LYS D 646 -24.41 -22.01 -49.22
C LYS D 646 -22.93 -22.21 -49.45
N LEU D 647 -22.24 -22.87 -48.52
CA LEU D 647 -20.82 -23.14 -48.70
C LEU D 647 -20.59 -24.19 -49.79
N LEU D 648 -21.35 -25.28 -49.76
CA LEU D 648 -21.16 -26.36 -50.72
C LEU D 648 -21.48 -25.91 -52.14
N ALA D 649 -22.48 -25.03 -52.30
CA ALA D 649 -22.79 -24.54 -53.64
C ALA D 649 -21.57 -23.82 -54.24
N SER D 650 -20.94 -22.95 -53.45
CA SER D 650 -19.77 -22.22 -53.93
C SER D 650 -18.62 -23.17 -54.23
N ILE D 651 -18.40 -24.16 -53.35
CA ILE D 651 -17.28 -25.08 -53.56
C ILE D 651 -17.49 -25.87 -54.85
N LYS D 652 -18.70 -26.39 -55.06
CA LYS D 652 -18.98 -27.17 -56.26
C LYS D 652 -18.90 -26.31 -57.51
N ALA D 653 -19.33 -25.04 -57.42
CA ALA D 653 -19.21 -24.15 -58.56
C ALA D 653 -17.76 -23.83 -58.89
N PHE D 654 -16.90 -23.77 -57.86
CA PHE D 654 -15.50 -23.48 -58.10
C PHE D 654 -14.75 -24.67 -58.71
N ILE D 655 -15.05 -25.89 -58.25
CA ILE D 655 -14.29 -27.04 -58.71
C ILE D 655 -14.45 -27.23 -60.21
N SER D 656 -15.66 -27.04 -60.74
CA SER D 656 -15.93 -27.24 -62.16
C SER D 656 -15.50 -26.01 -62.98
N SER D 657 -14.20 -25.71 -62.89
CA SER D 657 -13.59 -24.63 -63.66
C SER D 657 -12.28 -25.12 -64.24
N PRO D 658 -12.00 -24.81 -65.50
CA PRO D 658 -10.80 -25.36 -66.15
C PRO D 658 -9.50 -24.65 -65.79
N ASP D 659 -9.56 -23.34 -65.58
CA ASP D 659 -8.35 -22.51 -65.46
C ASP D 659 -8.37 -21.69 -64.17
N ASN D 660 -8.69 -22.34 -63.05
CA ASN D 660 -8.59 -21.72 -61.74
C ASN D 660 -8.02 -22.72 -60.74
N ARG D 661 -7.08 -22.26 -59.91
CA ARG D 661 -6.40 -23.17 -58.99
C ARG D 661 -6.18 -22.55 -57.62
N TYR D 662 -7.06 -21.67 -57.18
CA TYR D 662 -6.88 -21.03 -55.87
C TYR D 662 -8.20 -20.42 -55.42
N MET D 663 -8.54 -20.63 -54.14
CA MET D 663 -9.77 -20.09 -53.58
C MET D 663 -9.66 -20.10 -52.06
N LEU D 664 -10.09 -19.01 -51.43
CA LEU D 664 -10.16 -18.92 -49.99
C LEU D 664 -11.57 -18.56 -49.55
N SER D 665 -11.95 -19.06 -48.38
CA SER D 665 -13.28 -18.84 -47.83
C SER D 665 -13.17 -18.01 -46.55
N LEU D 666 -13.96 -16.95 -46.47
CA LEU D 666 -13.98 -16.05 -45.32
C LEU D 666 -15.27 -16.32 -44.53
N LEU D 667 -15.14 -16.98 -43.39
CA LEU D 667 -16.26 -17.33 -42.53
C LEU D 667 -16.16 -16.55 -41.22
N ASN D 668 -17.12 -16.83 -40.33
CA ASN D 668 -17.13 -16.25 -39.00
C ASN D 668 -16.74 -17.23 -37.90
N ARG D 669 -16.52 -18.50 -38.24
CA ARG D 669 -16.19 -19.53 -37.26
C ARG D 669 -14.96 -20.29 -37.72
N THR D 670 -14.28 -20.91 -36.77
CA THR D 670 -13.09 -21.70 -37.04
C THR D 670 -13.47 -23.17 -37.13
N LEU D 671 -13.08 -23.81 -38.23
CA LEU D 671 -13.36 -25.24 -38.45
C LEU D 671 -12.21 -26.08 -37.90
N ASP D 672 -12.03 -26.00 -36.59
CA ASP D 672 -10.97 -26.72 -35.91
C ASP D 672 -11.41 -28.17 -35.67
N THR D 673 -10.67 -28.88 -34.82
CA THR D 673 -10.98 -30.28 -34.54
C THR D 673 -12.34 -30.47 -33.87
N THR D 674 -12.93 -29.40 -33.33
CA THR D 674 -14.24 -29.51 -32.67
C THR D 674 -15.36 -29.80 -33.66
N ARG D 675 -15.13 -29.57 -34.95
CA ARG D 675 -16.13 -29.78 -35.99
C ARG D 675 -15.61 -30.77 -37.03
N GLN D 676 -15.03 -31.86 -36.53
CA GLN D 676 -14.43 -32.86 -37.39
C GLN D 676 -15.45 -33.55 -38.27
N ASN D 677 -16.69 -33.74 -37.78
CA ASN D 677 -17.71 -34.37 -38.59
C ASN D 677 -18.05 -33.52 -39.81
N ILE D 678 -18.23 -32.20 -39.62
CA ILE D 678 -18.49 -31.31 -40.74
C ILE D 678 -17.27 -31.25 -41.65
N ASN D 679 -16.06 -31.30 -41.07
CA ASN D 679 -14.85 -31.32 -41.88
C ASN D 679 -14.84 -32.54 -42.80
N ASP D 680 -15.16 -33.71 -42.27
CA ASP D 680 -15.21 -34.92 -43.09
C ASP D 680 -16.31 -34.84 -44.14
N PHE D 681 -17.46 -34.27 -43.77
CA PHE D 681 -18.54 -34.10 -44.74
C PHE D 681 -18.07 -33.29 -45.94
N ILE D 682 -17.50 -32.11 -45.68
CA ILE D 682 -17.02 -31.27 -46.76
C ILE D 682 -15.89 -31.97 -47.52
N GLN D 683 -15.05 -32.72 -46.79
CA GLN D 683 -13.91 -33.39 -47.42
C GLN D 683 -14.38 -34.40 -48.46
N PHE D 684 -15.29 -35.30 -48.09
CA PHE D 684 -15.65 -36.29 -49.11
C PHE D 684 -16.63 -35.72 -50.13
N CYS D 685 -17.37 -34.66 -49.82
CA CYS D 685 -18.13 -33.99 -50.87
C CYS D 685 -17.19 -33.43 -51.94
N CYS D 686 -16.11 -32.77 -51.50
CA CYS D 686 -15.13 -32.25 -52.45
C CYS D 686 -14.43 -33.39 -53.18
N ASP D 687 -14.17 -34.50 -52.50
CA ASP D 687 -13.54 -35.64 -53.14
C ASP D 687 -14.42 -36.19 -54.26
N LYS D 688 -15.72 -36.35 -54.00
CA LYS D 688 -16.63 -36.82 -55.04
C LYS D 688 -16.71 -35.84 -56.20
N TRP D 689 -16.81 -34.54 -55.89
CA TRP D 689 -16.91 -33.55 -56.96
C TRP D 689 -15.62 -33.48 -57.78
N ALA D 690 -14.48 -33.77 -57.17
CA ALA D 690 -13.23 -33.84 -57.91
C ALA D 690 -13.11 -35.12 -58.73
N LYS D 691 -13.71 -36.21 -58.26
CA LYS D 691 -13.76 -37.41 -59.07
C LYS D 691 -14.70 -37.26 -60.26
N GLU D 692 -15.72 -36.41 -60.16
CA GLU D 692 -16.63 -36.23 -61.28
C GLU D 692 -15.92 -35.65 -62.49
N PHE D 693 -15.36 -34.45 -62.35
CA PHE D 693 -14.57 -33.82 -63.40
C PHE D 693 -13.09 -33.99 -63.06
N ASN D 694 -12.33 -34.58 -63.97
CA ASN D 694 -10.97 -35.01 -63.68
C ASN D 694 -10.06 -33.83 -63.35
N VAL D 695 -9.73 -33.68 -62.06
CA VAL D 695 -8.82 -32.66 -61.58
C VAL D 695 -8.41 -33.02 -60.16
N LYS D 696 -7.24 -32.56 -59.73
CA LYS D 696 -6.74 -32.85 -58.40
C LYS D 696 -7.02 -31.67 -57.47
N THR D 697 -7.55 -31.97 -56.29
CA THR D 697 -7.92 -30.94 -55.32
C THR D 697 -7.29 -31.24 -53.97
N LYS D 698 -6.79 -30.20 -53.30
CA LYS D 698 -6.25 -30.29 -51.96
C LYS D 698 -7.00 -29.34 -51.05
N THR D 699 -7.32 -29.80 -49.85
CA THR D 699 -8.09 -29.03 -48.88
C THR D 699 -7.25 -28.76 -47.64
N PHE D 700 -7.23 -27.51 -47.21
CA PHE D 700 -6.52 -27.10 -46.00
C PHE D 700 -7.53 -26.79 -44.90
N PHE D 701 -7.34 -27.37 -43.73
CA PHE D 701 -8.26 -27.22 -42.62
C PHE D 701 -7.55 -26.58 -41.43
N GLY D 702 -8.24 -25.66 -40.76
CA GLY D 702 -7.72 -25.06 -39.55
C GLY D 702 -6.65 -24.03 -39.76
N VAL D 703 -7.00 -22.91 -40.40
CA VAL D 703 -6.08 -21.80 -40.62
C VAL D 703 -6.34 -20.82 -39.48
N ASN D 704 -5.50 -20.89 -38.45
CA ASN D 704 -5.60 -20.03 -37.28
C ASN D 704 -4.26 -19.34 -37.04
N ALA D 705 -4.26 -18.39 -36.10
CA ALA D 705 -3.02 -17.75 -35.68
C ALA D 705 -2.08 -18.77 -35.04
N ASP D 706 -2.62 -19.71 -34.28
CA ASP D 706 -1.80 -20.77 -33.71
C ASP D 706 -1.25 -21.71 -34.77
N TRP D 707 -1.85 -21.73 -35.96
CA TRP D 707 -1.35 -22.53 -37.06
C TRP D 707 -0.43 -21.75 -38.00
N MET D 708 -0.57 -20.43 -38.03
CA MET D 708 0.32 -19.58 -38.84
C MET D 708 1.60 -19.20 -38.11
N ARG D 709 1.70 -19.49 -36.81
CA ARG D 709 2.92 -19.25 -36.04
C ARG D 709 3.56 -20.54 -35.56
N LEU D 710 3.09 -21.69 -36.03
CA LEU D 710 3.70 -22.98 -35.71
C LEU D 710 3.98 -23.83 -36.94
N VAL D 711 3.22 -23.68 -38.03
CA VAL D 711 3.46 -24.39 -39.27
C VAL D 711 3.94 -23.45 -40.37
N GLY D 712 3.33 -22.28 -40.49
CA GLY D 712 3.75 -21.28 -41.45
C GLY D 712 2.81 -21.20 -42.64
N TYR D 713 2.69 -19.99 -43.19
CA TYR D 713 1.85 -19.75 -44.36
C TYR D 713 2.61 -19.92 -45.67
N ASP D 714 3.92 -20.14 -45.61
CA ASP D 714 4.70 -20.37 -46.83
C ASP D 714 4.47 -21.75 -47.43
N GLU D 715 3.87 -22.67 -46.67
CA GLU D 715 3.60 -24.00 -47.20
C GLU D 715 2.62 -23.97 -48.37
N ILE D 716 1.58 -23.13 -48.27
CA ILE D 716 0.61 -23.03 -49.35
C ILE D 716 1.27 -22.48 -50.61
N SER D 717 2.12 -21.46 -50.46
CA SER D 717 2.83 -20.91 -51.61
C SER D 717 3.79 -21.93 -52.22
N LYS D 718 4.48 -22.70 -51.37
CA LYS D 718 5.40 -23.71 -51.85
C LYS D 718 4.70 -24.83 -52.60
N HIS D 719 3.54 -25.27 -52.12
CA HIS D 719 2.80 -26.35 -52.77
C HIS D 719 2.26 -25.96 -54.14
N LEU D 720 2.03 -24.67 -54.38
CA LEU D 720 1.44 -24.23 -55.64
C LEU D 720 2.41 -24.28 -56.81
N ASN D 721 3.66 -23.87 -56.60
CA ASN D 721 4.65 -23.77 -57.67
C ASN D 721 5.52 -25.02 -57.79
N THR D 722 5.09 -26.14 -57.22
CA THR D 722 5.85 -27.38 -57.33
C THR D 722 4.98 -28.53 -57.80
N GLU D 723 3.69 -28.48 -57.47
CA GLU D 723 2.77 -29.56 -57.79
C GLU D 723 1.59 -29.03 -58.61
N LEU D 724 0.82 -29.96 -59.17
CA LEU D 724 -0.34 -29.64 -59.99
C LEU D 724 -1.63 -29.98 -59.23
N GLY D 725 -2.65 -29.16 -59.45
CA GLY D 725 -3.95 -29.40 -58.86
C GLY D 725 -4.55 -28.10 -58.35
N LYS D 726 -5.59 -28.24 -57.52
CA LYS D 726 -6.30 -27.12 -56.94
C LYS D 726 -6.21 -27.18 -55.42
N VAL D 727 -6.22 -26.01 -54.80
CA VAL D 727 -6.15 -25.89 -53.35
C VAL D 727 -7.30 -25.01 -52.86
N VAL D 728 -7.97 -25.45 -51.80
CA VAL D 728 -9.04 -24.70 -51.16
C VAL D 728 -8.71 -24.56 -49.69
N VAL D 729 -8.69 -23.32 -49.20
CA VAL D 729 -8.35 -23.05 -47.80
C VAL D 729 -9.55 -22.40 -47.12
N PHE D 730 -9.62 -22.60 -45.80
CA PHE D 730 -10.71 -22.07 -44.99
C PHE D 730 -10.14 -21.19 -43.89
N SER D 731 -10.61 -19.94 -43.81
CA SER D 731 -10.12 -18.99 -42.83
C SER D 731 -11.29 -18.16 -42.32
N THR D 732 -10.97 -17.14 -41.52
CA THR D 732 -11.97 -16.27 -40.91
C THR D 732 -11.62 -14.82 -41.20
N TYR D 733 -12.57 -13.93 -40.89
CA TYR D 733 -12.36 -12.51 -41.12
C TYR D 733 -11.24 -11.95 -40.25
N ALA D 734 -11.21 -12.33 -38.98
CA ALA D 734 -10.23 -11.76 -38.05
C ALA D 734 -8.84 -12.35 -38.26
N SER D 735 -8.75 -13.65 -38.56
CA SER D 735 -7.45 -14.31 -38.68
C SER D 735 -6.64 -13.74 -39.85
N MET D 736 -7.31 -13.46 -40.98
CA MET D 736 -6.60 -12.97 -42.15
C MET D 736 -6.06 -11.56 -41.98
N GLY D 737 -6.46 -10.85 -40.93
CA GLY D 737 -5.95 -9.51 -40.68
C GLY D 737 -4.56 -9.45 -40.11
N ALA D 738 -3.98 -10.60 -39.75
CA ALA D 738 -2.63 -10.68 -39.21
C ALA D 738 -1.79 -11.61 -40.08
N GLY D 739 -0.54 -11.23 -40.29
CA GLY D 739 0.34 -12.00 -41.15
C GLY D 739 0.34 -11.49 -42.57
N LYS D 740 -0.84 -11.56 -43.21
CA LYS D 740 -1.05 -10.99 -44.54
C LYS D 740 -0.17 -11.62 -45.60
N ASN D 741 -0.18 -11.04 -46.81
CA ASN D 741 0.66 -11.42 -47.93
C ASN D 741 0.45 -12.88 -48.35
N PRO D 742 -0.72 -13.22 -48.92
CA PRO D 742 -0.93 -14.58 -49.46
C PRO D 742 -0.50 -14.72 -50.91
N ASP D 743 0.81 -14.89 -51.12
CA ASP D 743 1.39 -14.86 -52.46
C ASP D 743 2.20 -16.12 -52.74
N TYR D 744 2.06 -16.64 -53.95
CA TYR D 744 2.93 -17.68 -54.50
C TYR D 744 3.60 -17.12 -55.74
N ALA D 745 4.87 -17.48 -55.96
CA ALA D 745 5.69 -16.66 -56.85
C ALA D 745 5.48 -16.98 -58.33
N VAL D 746 5.95 -18.14 -58.79
CA VAL D 746 6.04 -18.44 -60.22
C VAL D 746 6.17 -19.95 -60.39
N ASN D 747 5.44 -20.48 -61.37
CA ASN D 747 5.83 -21.73 -62.03
C ASN D 747 5.15 -21.76 -63.39
N LEU D 748 5.89 -21.42 -64.45
CA LEU D 748 5.30 -21.37 -65.78
C LEU D 748 5.03 -22.75 -66.35
N ALA D 749 5.76 -23.77 -65.89
CA ALA D 749 5.55 -25.12 -66.42
C ALA D 749 4.17 -25.65 -66.06
N LEU D 750 3.71 -25.40 -64.84
CA LEU D 750 2.43 -25.88 -64.36
C LEU D 750 1.29 -24.88 -64.58
N GLU D 751 1.59 -23.71 -65.14
CA GLU D 751 0.54 -22.73 -65.41
C GLU D 751 -0.36 -23.21 -66.55
N GLY D 752 -1.61 -22.76 -66.52
CA GLY D 752 -2.57 -23.15 -67.53
C GLY D 752 -2.56 -22.25 -68.75
N GLU D 753 -1.39 -21.70 -69.08
CA GLU D 753 -1.15 -20.84 -70.23
C GLU D 753 -1.96 -19.55 -70.18
N SER D 754 -2.57 -19.23 -69.04
CA SER D 754 -3.40 -18.03 -68.90
C SER D 754 -2.87 -17.18 -67.75
N LEU D 755 -2.01 -16.22 -68.08
CA LEU D 755 -1.51 -15.25 -67.12
C LEU D 755 -1.10 -14.01 -67.89
N ILE D 756 -1.71 -12.87 -67.56
CA ILE D 756 -1.57 -11.65 -68.35
C ILE D 756 -1.15 -10.51 -67.44
N SER D 757 -0.10 -9.78 -67.85
CA SER D 757 0.34 -8.61 -67.11
C SER D 757 -0.64 -7.46 -67.31
N VAL D 758 -0.67 -6.54 -66.34
CA VAL D 758 -1.69 -5.51 -66.29
C VAL D 758 -1.06 -4.12 -66.34
N ALA D 759 0.21 -4.02 -65.95
CA ALA D 759 0.86 -2.73 -65.89
C ALA D 759 1.20 -2.24 -67.30
N ASP D 760 1.75 -1.02 -67.38
CA ASP D 760 2.10 -0.40 -68.64
C ASP D 760 3.59 -0.44 -68.92
N VAL D 761 4.41 0.08 -68.01
CA VAL D 761 5.87 -0.02 -68.10
C VAL D 761 6.39 -0.48 -66.73
N THR D 762 6.79 -1.74 -66.64
CA THR D 762 7.29 -2.33 -65.41
C THR D 762 8.29 -3.42 -65.74
N TYR D 763 9.35 -3.53 -64.95
CA TYR D 763 10.28 -4.64 -65.02
C TYR D 763 10.67 -5.03 -63.61
N SER D 764 10.62 -6.32 -63.31
CA SER D 764 10.91 -6.82 -61.97
C SER D 764 11.81 -8.05 -62.06
N THR D 765 12.68 -8.18 -61.04
CA THR D 765 13.54 -9.36 -60.97
C THR D 765 12.73 -10.63 -60.72
N GLN D 766 11.70 -10.54 -59.88
CA GLN D 766 10.86 -11.66 -59.55
C GLN D 766 9.40 -11.32 -59.81
N LEU D 767 8.59 -12.35 -60.03
CA LEU D 767 7.18 -12.20 -60.31
C LEU D 767 6.36 -12.99 -59.29
N ARG D 768 5.18 -12.46 -58.96
CA ARG D 768 4.28 -13.13 -58.02
C ARG D 768 2.86 -13.18 -58.59
N SER D 769 1.91 -13.62 -57.77
CA SER D 769 0.51 -13.70 -58.18
C SER D 769 -0.36 -13.58 -56.94
N ASP D 770 -1.65 -13.80 -57.09
CA ASP D 770 -2.60 -13.61 -56.00
C ASP D 770 -3.76 -14.59 -56.16
N ILE D 771 -4.86 -14.36 -55.44
CA ILE D 771 -6.02 -15.22 -55.43
C ILE D 771 -6.91 -14.88 -56.62
N ASP D 772 -7.75 -15.85 -57.02
CA ASP D 772 -8.67 -15.66 -58.13
C ASP D 772 -10.07 -16.18 -57.85
N SER D 773 -10.40 -16.45 -56.58
CA SER D 773 -11.75 -16.91 -56.23
C SER D 773 -11.96 -16.66 -54.74
N ILE D 774 -12.98 -15.88 -54.39
CA ILE D 774 -13.29 -15.53 -53.01
C ILE D 774 -14.76 -15.75 -52.76
N TYR D 775 -15.08 -16.36 -51.61
CA TYR D 775 -16.44 -16.47 -51.11
C TYR D 775 -16.56 -15.69 -49.83
N LEU D 776 -17.57 -14.81 -49.75
CA LEU D 776 -17.74 -13.89 -48.63
C LEU D 776 -19.01 -14.22 -47.87
N GLU D 777 -18.88 -14.36 -46.56
CA GLU D 777 -20.00 -14.59 -45.66
C GLU D 777 -20.36 -13.30 -44.93
N LYS D 778 -21.61 -13.22 -44.49
CA LYS D 778 -22.08 -12.04 -43.77
C LYS D 778 -21.41 -11.95 -42.40
N PRO D 779 -20.89 -10.78 -42.02
CA PRO D 779 -20.25 -10.65 -40.71
C PRO D 779 -21.26 -10.74 -39.57
N THR D 780 -20.78 -11.20 -38.42
CA THR D 780 -21.60 -11.37 -37.23
C THR D 780 -20.89 -10.78 -36.03
N GLN D 781 -21.66 -10.57 -34.96
CA GLN D 781 -21.16 -10.04 -33.69
C GLN D 781 -20.48 -8.68 -33.88
N LEU D 782 -21.26 -7.72 -34.36
CA LEU D 782 -20.78 -6.36 -34.61
C LEU D 782 -21.12 -5.44 -33.44
N LEU D 783 -20.53 -5.75 -32.29
CA LEU D 783 -20.70 -4.93 -31.10
C LEU D 783 -19.52 -5.17 -30.17
N LEU D 784 -18.97 -4.10 -29.62
CA LEU D 784 -17.75 -4.21 -28.83
C LEU D 784 -18.02 -4.82 -27.47
N SER D 785 -17.03 -5.53 -26.95
CA SER D 785 -17.10 -6.12 -25.61
C SER D 785 -15.70 -6.21 -25.04
N ASP D 786 -15.61 -6.20 -23.72
CA ASP D 786 -14.35 -6.24 -23.00
C ASP D 786 -14.32 -7.44 -22.06
N ASP D 787 -13.17 -8.12 -22.01
CA ASP D 787 -13.00 -9.29 -21.15
C ASP D 787 -12.30 -8.97 -19.83
N TYR D 788 -11.63 -7.84 -19.72
CA TYR D 788 -10.98 -7.45 -18.48
C TYR D 788 -12.04 -7.08 -17.45
N SER D 789 -12.16 -7.91 -16.40
CA SER D 789 -13.04 -7.64 -15.27
C SER D 789 -14.50 -7.53 -15.71
N HIS D 790 -15.35 -7.02 -14.82
CA HIS D 790 -16.78 -6.91 -15.06
C HIS D 790 -17.28 -5.49 -15.25
N THR D 791 -16.64 -4.50 -14.61
CA THR D 791 -17.10 -3.13 -14.74
C THR D 791 -16.75 -2.53 -16.10
N ALA D 792 -15.63 -2.96 -16.69
CA ALA D 792 -15.21 -2.41 -17.98
C ALA D 792 -16.23 -2.70 -19.07
N ASN D 793 -16.83 -3.89 -19.05
CA ASN D 793 -17.88 -4.22 -20.01
C ASN D 793 -19.05 -3.25 -19.90
N GLN D 794 -19.51 -2.98 -18.68
CA GLN D 794 -20.61 -2.05 -18.48
C GLN D 794 -20.24 -0.65 -18.95
N LEU D 795 -19.03 -0.22 -18.64
CA LEU D 795 -18.58 1.11 -19.09
C LEU D 795 -18.59 1.20 -20.61
N CYS D 796 -18.10 0.14 -21.28
CA CYS D 796 -18.06 0.15 -22.74
C CYS D 796 -19.47 0.20 -23.32
N GLN D 797 -20.40 -0.59 -22.76
CA GLN D 797 -21.76 -0.60 -23.28
C GLN D 797 -22.42 0.77 -23.10
N PHE D 798 -22.27 1.38 -21.92
CA PHE D 798 -22.87 2.69 -21.71
C PHE D 798 -22.24 3.74 -22.61
N HIS D 799 -20.92 3.65 -22.84
CA HIS D 799 -20.27 4.58 -23.76
C HIS D 799 -20.83 4.44 -25.17
N GLN D 800 -21.01 3.21 -25.64
CA GLN D 800 -21.56 3.01 -26.98
C GLN D 800 -22.97 3.57 -27.08
N ILE D 801 -23.81 3.32 -26.07
CA ILE D 801 -25.18 3.81 -26.10
C ILE D 801 -25.20 5.34 -26.12
N LEU D 802 -24.39 5.98 -25.26
CA LEU D 802 -24.39 7.43 -25.20
C LEU D 802 -23.83 8.05 -26.49
N SER D 803 -22.81 7.42 -27.08
CA SER D 803 -22.28 7.91 -28.35
C SER D 803 -23.33 7.84 -29.45
N LEU D 804 -24.05 6.71 -29.52
CA LEU D 804 -25.10 6.58 -30.52
C LEU D 804 -26.20 7.61 -30.30
N GLN D 805 -26.56 7.87 -29.05
CA GLN D 805 -27.57 8.89 -28.77
C GLN D 805 -27.10 10.28 -29.17
N GLU D 806 -25.83 10.62 -28.89
CA GLU D 806 -25.33 11.95 -29.21
C GLU D 806 -25.19 12.14 -30.72
N ASN D 807 -24.82 11.09 -31.45
CA ASN D 807 -24.62 11.24 -32.88
C ASN D 807 -25.90 11.66 -33.59
N GLY D 808 -27.02 11.06 -33.21
CA GLY D 808 -28.30 11.43 -33.79
C GLY D 808 -29.08 10.24 -34.33
N GLU D 809 -28.57 9.03 -34.09
CA GLU D 809 -29.21 7.83 -34.61
C GLU D 809 -30.30 7.27 -33.71
N LEU D 810 -30.44 7.79 -32.49
CA LEU D 810 -31.42 7.28 -31.53
C LEU D 810 -32.18 8.43 -30.89
N SER D 811 -33.45 8.20 -30.60
CA SER D 811 -34.26 9.15 -29.85
C SER D 811 -34.04 8.97 -28.36
N PRO D 812 -34.29 10.02 -27.57
CA PRO D 812 -34.08 9.90 -26.11
C PRO D 812 -34.91 8.81 -25.46
N LYS D 813 -36.12 8.54 -25.95
CA LYS D 813 -36.94 7.48 -25.37
C LYS D 813 -36.25 6.13 -25.46
N SER D 814 -35.78 5.77 -26.65
CA SER D 814 -35.09 4.50 -26.84
C SER D 814 -33.79 4.46 -26.04
N ALA D 815 -33.09 5.59 -25.95
CA ALA D 815 -31.85 5.64 -25.18
C ALA D 815 -32.12 5.35 -23.70
N GLU D 816 -33.15 5.96 -23.13
CA GLU D 816 -33.47 5.72 -21.72
C GLU D 816 -33.93 4.27 -21.52
N ASN D 817 -34.75 3.74 -22.43
CA ASN D 817 -35.20 2.36 -22.29
C ASN D 817 -34.02 1.40 -22.34
N TRP D 818 -33.10 1.61 -23.29
CA TRP D 818 -31.92 0.76 -23.40
C TRP D 818 -31.04 0.85 -22.16
N CYS D 819 -30.83 2.07 -21.65
CA CYS D 819 -30.01 2.24 -20.45
C CYS D 819 -30.62 1.52 -19.26
N ARG D 820 -31.94 1.65 -19.07
CA ARG D 820 -32.59 0.97 -17.95
C ARG D 820 -32.52 -0.54 -18.09
N GLN D 821 -32.78 -1.07 -19.29
CA GLN D 821 -32.71 -2.51 -19.49
C GLN D 821 -31.31 -3.04 -19.30
N GLN D 822 -30.29 -2.25 -19.66
CA GLN D 822 -28.91 -2.67 -19.43
C GLN D 822 -28.55 -2.64 -17.96
N LEU D 823 -29.00 -1.62 -17.24
CA LEU D 823 -28.71 -1.54 -15.80
C LEU D 823 -29.35 -2.71 -15.06
N MET D 824 -30.61 -3.02 -15.39
CA MET D 824 -31.27 -4.16 -14.76
C MET D 824 -30.62 -5.48 -15.18
N GLY D 825 -30.27 -5.61 -16.45
CA GLY D 825 -29.64 -6.82 -16.94
C GLY D 825 -30.19 -7.28 -18.27
N MET D 826 -29.31 -7.53 -19.24
CA MET D 826 -29.72 -7.93 -20.58
C MET D 826 -28.81 -9.03 -21.10
N SER D 827 -29.30 -9.75 -22.10
CA SER D 827 -28.52 -10.75 -22.79
C SER D 827 -27.89 -10.15 -24.05
N ARG D 828 -26.91 -10.86 -24.60
CA ARG D 828 -26.18 -10.37 -25.76
C ARG D 828 -27.08 -10.26 -26.98
N GLU D 829 -27.96 -11.26 -27.18
CA GLU D 829 -28.85 -11.25 -28.33
C GLU D 829 -29.81 -10.07 -28.31
N ARG D 830 -30.40 -9.78 -27.15
CA ARG D 830 -31.25 -8.62 -27.01
C ARG D 830 -30.48 -7.31 -27.17
N SER D 831 -29.18 -7.32 -26.92
CA SER D 831 -28.37 -6.13 -27.17
C SER D 831 -28.13 -5.94 -28.66
N LEU D 832 -27.86 -7.02 -29.39
CA LEU D 832 -27.66 -6.94 -30.83
C LEU D 832 -28.95 -6.61 -31.57
N GLN D 833 -30.09 -7.07 -31.06
CA GLN D 833 -31.36 -6.81 -31.74
C GLN D 833 -31.64 -5.31 -31.84
N GLN D 834 -31.38 -4.56 -30.78
CA GLN D 834 -31.61 -3.13 -30.79
C GLN D 834 -30.58 -2.38 -31.62
N TYR D 835 -29.37 -2.92 -31.76
CA TYR D 835 -28.39 -2.30 -32.65
C TYR D 835 -28.71 -2.56 -34.11
N HIS D 836 -29.38 -3.67 -34.42
CA HIS D 836 -29.69 -3.99 -35.81
C HIS D 836 -30.83 -3.14 -36.39
N GLN D 837 -31.22 -2.06 -35.72
CA GLN D 837 -32.27 -1.18 -36.22
C GLN D 837 -31.77 0.23 -36.54
N THR D 838 -30.45 0.41 -36.62
CA THR D 838 -29.86 1.73 -36.87
C THR D 838 -29.21 1.77 -38.24
N SER D 839 -28.56 2.89 -38.54
CA SER D 839 -27.88 3.09 -39.81
C SER D 839 -26.39 2.83 -39.76
N ASP D 840 -25.81 2.69 -38.55
CA ASP D 840 -24.39 2.40 -38.43
C ASP D 840 -24.07 0.94 -38.77
N TYR D 841 -25.03 0.04 -38.59
CA TYR D 841 -24.80 -1.37 -38.84
C TYR D 841 -24.47 -1.63 -40.30
N GLN D 842 -25.23 -1.02 -41.21
CA GLN D 842 -24.97 -1.20 -42.64
C GLN D 842 -23.62 -0.64 -43.03
N SER D 843 -23.26 0.52 -42.48
CA SER D 843 -21.95 1.11 -42.77
C SER D 843 -20.82 0.22 -42.28
N ALA D 844 -20.96 -0.35 -41.10
CA ALA D 844 -19.93 -1.26 -40.57
C ALA D 844 -19.78 -2.49 -41.45
N VAL D 845 -20.92 -3.08 -41.85
CA VAL D 845 -20.87 -4.26 -42.72
C VAL D 845 -20.19 -3.93 -44.04
N ARG D 846 -20.55 -2.77 -44.61
CA ARG D 846 -20.00 -2.37 -45.89
C ARG D 846 -18.49 -2.12 -45.80
N LYS D 847 -18.05 -1.46 -44.72
CA LYS D 847 -16.63 -1.23 -44.53
C LYS D 847 -15.87 -2.54 -44.35
N TYR D 848 -16.44 -3.49 -43.62
CA TYR D 848 -15.79 -4.79 -43.46
C TYR D 848 -15.66 -5.50 -44.81
N ILE D 849 -16.71 -5.46 -45.63
CA ILE D 849 -16.65 -6.09 -46.95
C ILE D 849 -15.58 -5.42 -47.81
N GLU D 850 -15.52 -4.08 -47.78
CA GLU D 850 -14.53 -3.37 -48.57
C GLU D 850 -13.11 -3.73 -48.14
N GLN D 851 -12.87 -3.78 -46.83
CA GLN D 851 -11.53 -4.14 -46.36
C GLN D 851 -11.20 -5.60 -46.70
N ALA D 852 -12.18 -6.49 -46.61
CA ALA D 852 -11.93 -7.90 -46.92
C ALA D 852 -11.57 -8.08 -48.39
N VAL D 853 -12.26 -7.37 -49.29
CA VAL D 853 -11.95 -7.50 -50.71
C VAL D 853 -10.72 -6.69 -51.12
N GLY D 854 -10.31 -5.71 -50.31
CA GLY D 854 -9.16 -4.90 -50.66
C GLY D 854 -7.82 -5.58 -50.47
N ARG D 855 -7.75 -6.60 -49.62
CA ARG D 855 -6.50 -7.27 -49.28
C ARG D 855 -6.37 -8.63 -49.96
N ALA D 856 -6.84 -8.76 -51.19
CA ALA D 856 -6.73 -9.99 -51.95
C ALA D 856 -5.78 -9.91 -53.14
N GLY D 857 -5.61 -8.72 -53.72
CA GLY D 857 -4.71 -8.57 -54.84
C GLY D 857 -3.61 -7.56 -54.58
N ARG D 858 -2.36 -8.03 -54.52
CA ARG D 858 -1.22 -7.18 -54.26
C ARG D 858 -0.20 -7.14 -55.39
N THR D 859 -0.34 -8.00 -56.40
CA THR D 859 0.61 -8.08 -57.49
C THR D 859 -0.01 -7.52 -58.77
N SER D 860 0.77 -7.55 -59.85
CA SER D 860 0.32 -7.07 -61.15
C SER D 860 0.18 -8.19 -62.18
N LEU D 861 0.34 -9.44 -61.76
CA LEU D 861 0.16 -10.59 -62.64
C LEU D 861 -1.12 -11.31 -62.20
N LYS D 862 -2.20 -11.09 -62.94
CA LYS D 862 -3.52 -11.62 -62.59
C LYS D 862 -3.96 -12.65 -63.62
N ARG D 863 -5.12 -13.25 -63.37
CA ARG D 863 -5.73 -14.22 -64.27
C ARG D 863 -6.89 -13.57 -65.02
N LYS D 864 -7.19 -14.15 -66.19
CA LYS D 864 -8.21 -13.55 -67.06
C LYS D 864 -9.58 -13.56 -66.41
N GLN D 865 -9.95 -14.64 -65.74
CA GLN D 865 -11.27 -14.79 -65.14
C GLN D 865 -11.14 -14.82 -63.62
N ILE D 866 -11.92 -13.98 -62.95
CA ILE D 866 -11.95 -13.91 -61.49
C ILE D 866 -13.36 -14.17 -61.03
N LEU D 867 -13.52 -15.06 -60.05
CA LEU D 867 -14.83 -15.46 -59.54
C LEU D 867 -15.05 -14.86 -58.16
N LEU D 868 -16.23 -14.27 -57.94
CA LEU D 868 -16.62 -13.73 -56.65
C LEU D 868 -17.98 -14.28 -56.27
N PHE D 869 -18.08 -14.84 -55.07
CA PHE D 869 -19.31 -15.44 -54.57
C PHE D 869 -19.72 -14.74 -53.29
N VAL D 870 -20.97 -14.29 -53.24
CA VAL D 870 -21.49 -13.48 -52.13
C VAL D 870 -22.81 -14.06 -51.65
N ASP D 871 -23.16 -13.74 -50.41
CA ASP D 871 -24.44 -14.15 -49.83
C ASP D 871 -25.55 -13.20 -50.28
N SER D 872 -26.78 -13.51 -49.87
CA SER D 872 -27.94 -12.71 -50.24
C SER D 872 -28.29 -11.65 -49.19
N GLY D 873 -28.06 -11.97 -47.91
CA GLY D 873 -28.21 -10.95 -46.88
C GLY D 873 -27.31 -9.76 -47.14
N LEU D 874 -26.14 -9.99 -47.69
CA LEU D 874 -25.28 -8.89 -48.13
C LEU D 874 -25.89 -8.18 -49.34
N LYS D 875 -26.53 -8.93 -50.24
CA LYS D 875 -27.18 -8.32 -51.38
C LYS D 875 -28.27 -7.34 -50.96
N GLU D 876 -28.89 -7.60 -49.81
CA GLU D 876 -29.89 -6.67 -49.29
C GLU D 876 -29.28 -5.30 -48.98
N ILE D 877 -28.00 -5.26 -48.63
CA ILE D 877 -27.36 -4.06 -48.11
C ILE D 877 -26.52 -3.35 -49.18
N LEU D 878 -25.76 -4.13 -49.97
CA LEU D 878 -24.80 -3.54 -50.90
C LEU D 878 -25.46 -2.69 -51.97
N ALA D 879 -26.76 -2.88 -52.21
CA ALA D 879 -27.47 -2.08 -53.21
C ALA D 879 -27.67 -0.63 -52.78
N GLU D 880 -27.38 -0.30 -51.52
CA GLU D 880 -27.64 1.02 -50.97
C GLU D 880 -26.31 1.70 -50.66
N GLU D 881 -25.78 2.42 -51.63
CA GLU D 881 -24.58 3.22 -51.44
C GLU D 881 -24.61 4.40 -52.40
N SER D 882 -24.30 5.59 -51.89
CA SER D 882 -24.29 6.81 -52.68
C SER D 882 -23.11 7.66 -52.23
N ARG D 883 -21.99 7.53 -52.94
CA ARG D 883 -20.78 8.28 -52.64
C ARG D 883 -19.99 8.48 -53.92
N ASP D 884 -18.83 9.11 -53.80
CA ASP D 884 -17.96 9.30 -54.94
C ASP D 884 -17.27 7.98 -55.27
N PRO D 885 -17.46 7.42 -56.46
CA PRO D 885 -16.93 6.08 -56.75
C PRO D 885 -15.51 6.08 -57.28
N SER D 886 -14.79 7.19 -57.11
CA SER D 886 -13.45 7.31 -57.69
C SER D 886 -12.51 6.25 -57.12
N LEU D 887 -12.24 6.30 -55.82
CA LEU D 887 -11.31 5.37 -55.19
C LEU D 887 -12.06 4.19 -54.56
N PHE D 888 -12.75 3.43 -55.41
CA PHE D 888 -13.54 2.30 -54.97
C PHE D 888 -13.03 0.97 -55.53
N SER D 889 -11.72 0.89 -55.76
CA SER D 889 -11.06 -0.34 -56.21
C SER D 889 -11.69 -0.78 -57.54
N HIS D 890 -11.69 -2.08 -57.81
CA HIS D 890 -12.27 -2.59 -59.04
C HIS D 890 -13.27 -3.72 -58.75
N GLU D 891 -13.04 -4.47 -57.68
CA GLU D 891 -14.00 -5.49 -57.27
C GLU D 891 -15.22 -4.88 -56.57
N TYR D 892 -14.99 -3.83 -55.79
CA TYR D 892 -16.07 -3.19 -55.05
C TYR D 892 -17.11 -2.60 -55.99
N VAL D 893 -16.66 -1.93 -57.05
CA VAL D 893 -17.61 -1.35 -57.99
C VAL D 893 -18.40 -2.44 -58.70
N ALA D 894 -17.74 -3.56 -59.02
CA ALA D 894 -18.45 -4.68 -59.62
C ALA D 894 -19.53 -5.22 -58.70
N LEU D 895 -19.20 -5.39 -57.42
CA LEU D 895 -20.18 -5.88 -56.46
C LEU D 895 -21.36 -4.93 -56.35
N VAL D 896 -21.07 -3.63 -56.21
CA VAL D 896 -22.14 -2.65 -56.05
C VAL D 896 -23.02 -2.61 -57.30
N ASN D 897 -22.40 -2.63 -58.48
CA ASN D 897 -23.17 -2.57 -59.72
C ASN D 897 -24.05 -3.81 -59.89
N LYS D 898 -23.52 -4.99 -59.58
CA LYS D 898 -24.33 -6.21 -59.69
C LYS D 898 -25.49 -6.19 -58.71
N ALA D 899 -25.25 -5.72 -57.48
CA ALA D 899 -26.34 -5.65 -56.50
C ALA D 899 -27.36 -4.59 -56.87
N LYS D 900 -26.94 -3.51 -57.54
CA LYS D 900 -27.84 -2.41 -57.84
C LYS D 900 -28.80 -2.71 -58.98
N SER D 901 -28.42 -3.57 -59.92
CA SER D 901 -29.24 -3.83 -61.09
C SER D 901 -30.34 -4.84 -60.77
N ALA D 902 -31.15 -4.56 -59.74
CA ALA D 902 -32.25 -5.43 -59.38
C ALA D 902 -33.52 -4.70 -58.98
N GLY D 903 -33.54 -3.37 -59.06
CA GLY D 903 -34.73 -2.62 -58.68
C GLY D 903 -34.75 -2.24 -57.21
N LYS D 904 -35.46 -3.03 -56.41
CA LYS D 904 -35.57 -2.85 -54.96
C LYS D 904 -36.30 -1.55 -54.62
N SER D 905 -36.46 -1.28 -53.32
CA SER D 905 -37.26 -0.15 -52.85
C SER D 905 -36.35 1.05 -52.59
N ILE D 906 -36.92 2.09 -51.98
CA ILE D 906 -36.20 3.31 -51.67
C ILE D 906 -35.93 3.36 -50.17
N VAL D 907 -34.99 4.21 -49.78
CA VAL D 907 -34.54 4.33 -48.40
C VAL D 907 -34.74 5.77 -47.93
N GLU D 908 -35.31 5.92 -46.74
CA GLU D 908 -35.46 7.25 -46.15
C GLU D 908 -34.10 7.84 -45.82
N ASP D 909 -33.94 9.14 -46.10
CA ASP D 909 -32.67 9.80 -45.86
C ASP D 909 -32.38 9.91 -44.37
N ARG D 910 -31.08 9.92 -44.04
CA ARG D 910 -30.65 9.99 -42.65
C ARG D 910 -30.84 11.39 -42.07
N ALA D 911 -30.74 12.42 -42.91
CA ALA D 911 -30.74 13.79 -42.42
C ALA D 911 -32.04 14.15 -41.71
N VAL D 912 -33.18 13.71 -42.25
CA VAL D 912 -34.47 14.05 -41.65
C VAL D 912 -34.57 13.48 -40.24
N ARG D 913 -34.26 12.20 -40.10
CA ARG D 913 -34.31 11.55 -38.79
C ARG D 913 -33.33 12.20 -37.81
N ARG D 914 -32.13 12.53 -38.29
CA ARG D 914 -31.13 13.14 -37.42
C ARG D 914 -31.60 14.51 -36.94
N LEU D 915 -32.21 15.30 -37.83
CA LEU D 915 -32.74 16.60 -37.42
C LEU D 915 -33.82 16.45 -36.35
N PHE D 916 -34.76 15.51 -36.56
CA PHE D 916 -35.81 15.30 -35.58
C PHE D 916 -35.23 14.93 -34.21
N ASN D 917 -34.32 13.95 -34.20
CA ASN D 917 -33.75 13.49 -32.94
C ASN D 917 -32.95 14.58 -32.25
N LEU D 918 -32.18 15.36 -33.02
CA LEU D 918 -31.39 16.44 -32.41
C LEU D 918 -32.29 17.51 -31.81
N ALA D 919 -33.38 17.84 -32.48
CA ALA D 919 -34.32 18.81 -31.91
C ALA D 919 -34.90 18.30 -30.60
N GLN D 920 -35.31 17.03 -30.56
CA GLN D 920 -35.85 16.47 -29.32
C GLN D 920 -34.82 16.52 -28.19
N ARG D 921 -33.57 16.14 -28.50
CA ARG D 921 -32.53 16.14 -27.49
C ARG D 921 -32.25 17.54 -26.95
N ASN D 922 -32.20 18.53 -27.85
CA ASN D 922 -31.96 19.90 -27.41
C ASN D 922 -33.08 20.40 -26.52
N ASN D 923 -34.34 20.12 -26.88
CA ASN D 923 -35.46 20.52 -26.06
C ASN D 923 -35.36 19.91 -24.66
N LYS D 924 -35.07 18.60 -24.59
CA LYS D 924 -35.00 17.93 -23.31
C LYS D 924 -33.89 18.52 -22.43
N ASP D 925 -32.70 18.71 -23.02
CA ASP D 925 -31.58 19.26 -22.25
C ASP D 925 -31.90 20.66 -21.74
N GLY D 926 -32.48 21.51 -22.60
CA GLY D 926 -32.85 22.84 -22.16
C GLY D 926 -33.83 22.83 -21.01
N MET D 927 -34.86 21.97 -21.11
CA MET D 927 -35.86 21.89 -20.03
C MET D 927 -35.21 21.52 -18.71
N LEU D 928 -34.42 20.44 -18.70
CA LEU D 928 -33.84 19.99 -17.44
C LEU D 928 -32.85 21.01 -16.88
N SER D 929 -32.03 21.62 -17.73
CA SER D 929 -31.07 22.60 -17.25
C SER D 929 -31.77 23.82 -16.65
N ILE D 930 -32.83 24.30 -17.31
CA ILE D 930 -33.54 25.47 -16.80
C ILE D 930 -34.18 25.15 -15.46
N LYS D 931 -34.80 23.97 -15.33
CA LYS D 931 -35.42 23.62 -14.06
C LYS D 931 -34.39 23.54 -12.94
N ALA D 932 -33.25 22.91 -13.21
CA ALA D 932 -32.22 22.80 -12.18
C ALA D 932 -31.69 24.17 -11.78
N LEU D 933 -31.45 25.04 -12.76
CA LEU D 933 -30.93 26.37 -12.45
C LEU D 933 -31.93 27.18 -11.61
N VAL D 934 -33.21 27.10 -11.96
CA VAL D 934 -34.23 27.83 -11.20
C VAL D 934 -34.30 27.31 -9.77
N HIS D 935 -34.28 25.98 -9.60
CA HIS D 935 -34.33 25.41 -8.25
C HIS D 935 -33.12 25.85 -7.43
N ARG D 936 -31.94 25.87 -8.04
CA ARG D 936 -30.76 26.35 -7.31
C ARG D 936 -30.88 27.83 -6.96
N LEU D 937 -31.42 28.63 -7.88
CA LEU D 937 -31.52 30.07 -7.65
C LEU D 937 -32.47 30.38 -6.49
N HIS D 938 -33.61 29.69 -6.41
CA HIS D 938 -34.56 30.00 -5.34
C HIS D 938 -34.03 29.63 -3.96
N ASN D 939 -32.96 28.85 -3.87
CA ASN D 939 -32.28 28.60 -2.59
C ASN D 939 -31.35 29.77 -2.28
N GLN D 940 -30.43 29.57 -1.34
CA GLN D 940 -29.43 30.60 -1.06
C GLN D 940 -28.70 30.94 -2.35
N PRO D 941 -28.60 32.22 -2.72
CA PRO D 941 -28.14 32.58 -4.08
C PRO D 941 -26.70 32.22 -4.36
N ALA D 942 -25.79 32.61 -3.46
CA ALA D 942 -24.34 32.49 -3.57
C ALA D 942 -23.78 33.40 -4.66
N SER D 943 -24.63 34.12 -5.40
CA SER D 943 -24.21 35.12 -6.38
C SER D 943 -23.22 34.58 -7.40
N LYS D 944 -22.45 35.49 -7.99
CA LYS D 944 -21.37 35.16 -8.93
C LYS D 944 -21.88 34.40 -10.15
N SER D 945 -21.78 33.07 -10.12
CA SER D 945 -21.98 32.28 -11.33
C SER D 945 -23.44 32.26 -11.78
N ASP D 946 -24.36 32.03 -10.85
CA ASP D 946 -25.75 31.79 -11.22
C ASP D 946 -26.42 33.05 -11.77
N ILE D 947 -26.25 34.17 -11.07
CA ILE D 947 -26.86 35.43 -11.52
C ILE D 947 -26.28 35.84 -12.86
N GLN D 948 -24.96 35.72 -13.01
CA GLN D 948 -24.32 36.08 -14.27
C GLN D 948 -24.81 35.19 -15.40
N GLU D 949 -24.96 33.89 -15.15
CA GLU D 949 -25.46 32.99 -16.20
C GLU D 949 -26.89 33.34 -16.59
N TRP D 950 -27.74 33.62 -15.60
CA TRP D 950 -29.12 34.02 -15.89
C TRP D 950 -29.15 35.25 -16.78
N GLN D 951 -28.42 36.29 -16.37
CA GLN D 951 -28.42 37.54 -17.13
C GLN D 951 -27.81 37.36 -18.52
N ASP D 952 -26.75 36.55 -18.63
CA ASP D 952 -26.13 36.32 -19.92
C ASP D 952 -27.07 35.59 -20.87
N ILE D 953 -27.77 34.57 -20.39
CA ILE D 953 -28.73 33.87 -21.23
C ILE D 953 -29.83 34.82 -21.67
N ARG D 954 -30.35 35.63 -20.74
CA ARG D 954 -31.41 36.58 -21.10
C ARG D 954 -30.94 37.55 -22.18
N THR D 955 -29.75 38.12 -21.99
CA THR D 955 -29.23 39.10 -22.95
C THR D 955 -28.96 38.46 -24.31
N GLN D 956 -28.36 37.28 -24.33
CA GLN D 956 -28.08 36.62 -25.60
C GLN D 956 -29.36 36.29 -26.35
N LEU D 957 -30.36 35.76 -25.64
CA LEU D 957 -31.62 35.46 -26.31
C LEU D 957 -32.32 36.73 -26.78
N LEU D 958 -32.16 37.83 -26.05
CA LEU D 958 -32.74 39.10 -26.49
C LEU D 958 -32.06 39.60 -27.77
N ARG D 959 -30.74 39.45 -27.85
CA ARG D 959 -29.99 40.01 -28.98
C ARG D 959 -30.17 39.19 -30.25
N TYR D 960 -29.97 37.86 -30.17
CA TYR D 960 -29.99 36.99 -31.34
C TYR D 960 -31.17 36.02 -31.23
N PRO D 961 -32.30 36.33 -31.87
CA PRO D 961 -33.38 35.34 -31.95
C PRO D 961 -32.99 34.17 -32.84
N THR D 962 -32.51 34.48 -34.04
CA THR D 962 -32.06 33.48 -35.00
C THR D 962 -30.64 33.78 -35.43
N VAL D 963 -29.84 32.75 -35.64
CA VAL D 963 -28.45 32.89 -36.04
C VAL D 963 -28.25 32.23 -37.40
N ALA D 964 -27.27 32.74 -38.15
CA ALA D 964 -27.04 32.26 -39.50
C ALA D 964 -26.19 31.00 -39.51
N PHE D 965 -25.05 31.02 -38.84
CA PHE D 965 -24.14 29.88 -38.77
C PHE D 965 -24.41 29.06 -37.51
N GLN D 966 -23.87 27.85 -37.49
CA GLN D 966 -24.01 26.99 -36.32
C GLN D 966 -23.24 27.60 -35.15
N PRO D 967 -23.88 27.85 -34.02
CA PRO D 967 -23.18 28.49 -32.90
C PRO D 967 -22.17 27.55 -32.26
N GLU D 968 -21.16 28.16 -31.62
CA GLU D 968 -20.15 27.40 -30.90
C GLU D 968 -20.22 27.58 -29.39
N ARG D 969 -20.72 28.73 -28.92
CA ARG D 969 -20.77 29.00 -27.48
C ARG D 969 -22.04 28.43 -26.86
N PHE D 970 -23.21 28.90 -27.31
CA PHE D 970 -24.49 28.47 -26.76
C PHE D 970 -25.19 27.64 -27.83
N ASN D 971 -24.89 26.35 -27.85
CA ASN D 971 -25.39 25.45 -28.88
C ASN D 971 -26.61 24.64 -28.44
N ARG D 972 -27.03 24.76 -27.19
CA ARG D 972 -28.19 24.04 -26.67
C ARG D 972 -29.44 24.91 -26.61
N LEU D 973 -29.41 26.10 -27.21
CA LEU D 973 -30.55 27.00 -27.22
C LEU D 973 -31.22 27.11 -28.59
N TYR D 974 -30.59 26.59 -29.65
CA TYR D 974 -31.11 26.69 -31.00
C TYR D 974 -31.27 25.30 -31.60
N LEU D 975 -32.18 25.20 -32.57
CA LEU D 975 -32.40 23.96 -33.31
C LEU D 975 -32.48 24.27 -34.79
N GLN D 976 -32.15 23.26 -35.60
CA GLN D 976 -32.19 23.38 -37.04
C GLN D 976 -33.59 23.02 -37.55
N SER D 977 -34.13 23.87 -38.43
CA SER D 977 -35.49 23.73 -38.91
C SER D 977 -35.50 23.55 -40.42
N MET D 978 -36.44 22.74 -40.91
CA MET D 978 -36.56 22.53 -42.35
C MET D 978 -36.97 23.82 -43.06
N THR D 979 -37.90 24.56 -42.49
CA THR D 979 -38.31 25.85 -43.00
C THR D 979 -37.52 26.96 -42.31
N LYS D 980 -37.22 28.01 -43.05
CA LYS D 980 -36.37 29.10 -42.57
C LYS D 980 -37.23 30.18 -41.94
N GLY D 981 -37.12 30.34 -40.63
CA GLY D 981 -37.78 31.40 -39.89
C GLY D 981 -38.87 30.94 -38.94
N TYR D 982 -39.44 29.76 -39.15
CA TYR D 982 -40.55 29.31 -38.33
C TYR D 982 -40.68 27.79 -38.43
N TYR D 983 -41.31 27.21 -37.41
CA TYR D 983 -41.52 25.76 -37.36
C TYR D 983 -42.75 25.45 -36.51
N ARG D 984 -43.25 24.24 -36.66
CA ARG D 984 -44.44 23.77 -35.96
C ARG D 984 -44.07 22.72 -34.92
N TYR D 985 -44.88 22.64 -33.86
CA TYR D 985 -44.63 21.70 -32.79
C TYR D 985 -45.91 21.49 -31.98
N GLN D 986 -45.88 20.48 -31.11
CA GLN D 986 -46.95 20.27 -30.14
C GLN D 986 -46.38 19.47 -28.98
N GLY D 987 -46.95 19.67 -27.81
CA GLY D 987 -46.50 18.97 -26.62
C GLY D 987 -46.87 19.73 -25.36
N ASN D 988 -46.50 19.13 -24.23
CA ASN D 988 -46.76 19.69 -22.91
C ASN D 988 -45.46 20.20 -22.30
N LEU D 989 -45.51 21.41 -21.75
CA LEU D 989 -44.33 22.06 -21.19
C LEU D 989 -44.19 21.83 -19.68
N ASP D 990 -44.99 20.94 -19.09
CA ASP D 990 -44.89 20.64 -17.68
C ASP D 990 -45.00 19.14 -17.42
N GLY D 991 -44.65 18.32 -18.40
CA GLY D 991 -44.76 16.88 -18.26
C GLY D 991 -43.56 16.12 -18.76
N ASP D 992 -43.80 15.08 -19.56
CA ASP D 992 -42.73 14.22 -20.03
C ASP D 992 -42.03 14.86 -21.23
N PRO D 993 -40.72 15.11 -21.16
CA PRO D 993 -40.02 15.68 -22.33
C PRO D 993 -39.87 14.71 -23.49
N ASN D 994 -40.14 13.42 -23.28
CA ASN D 994 -40.01 12.42 -24.34
C ASN D 994 -41.29 12.26 -25.15
N SER D 995 -42.15 13.26 -25.17
CA SER D 995 -43.44 13.19 -25.86
C SER D 995 -43.67 14.44 -26.70
N PHE D 996 -42.66 14.82 -27.48
CA PHE D 996 -42.76 15.97 -28.37
C PHE D 996 -42.66 15.53 -29.82
N GLU D 997 -43.29 16.30 -30.70
CA GLU D 997 -43.25 16.06 -32.14
C GLU D 997 -43.02 17.38 -32.85
N PHE D 998 -42.40 17.31 -34.03
CA PHE D 998 -41.96 18.50 -34.74
C PHE D 998 -42.26 18.38 -36.23
N PHE D 999 -42.35 19.53 -36.89
CA PHE D 999 -42.28 19.69 -38.34
C PHE D 999 -43.47 18.99 -38.99
N ASP D 1000 -43.26 18.09 -39.97
CA ASP D 1000 -44.34 17.58 -40.80
C ASP D 1000 -45.36 16.79 -39.98
N ARG D 1001 -44.90 15.95 -39.06
CA ARG D 1001 -45.81 15.06 -38.34
C ARG D 1001 -46.85 15.82 -37.52
N VAL D 1002 -46.64 17.10 -37.25
CA VAL D 1002 -47.64 17.93 -36.57
C VAL D 1002 -47.97 19.14 -37.44
N PRO D 1003 -49.00 19.04 -38.29
CA PRO D 1003 -49.38 20.18 -39.13
C PRO D 1003 -50.43 21.10 -38.51
N TYR D 1004 -51.03 20.71 -37.38
CA TYR D 1004 -52.04 21.52 -36.73
C TYR D 1004 -51.61 21.97 -35.33
N GLY D 1005 -50.31 21.88 -35.03
CA GLY D 1005 -49.82 22.23 -33.71
C GLY D 1005 -49.55 23.72 -33.56
N ASP D 1006 -49.01 24.08 -32.40
CA ASP D 1006 -48.68 25.45 -32.12
C ASP D 1006 -47.51 25.90 -32.98
N MET D 1007 -47.29 27.22 -33.02
CA MET D 1007 -46.36 27.83 -33.95
C MET D 1007 -45.43 28.78 -33.22
N VAL D 1008 -44.15 28.74 -33.59
CA VAL D 1008 -43.15 29.67 -33.07
C VAL D 1008 -42.62 30.47 -34.25
N SER D 1009 -42.88 31.78 -34.25
CA SER D 1009 -42.51 32.63 -35.38
C SER D 1009 -42.44 34.08 -34.89
N GLU D 1010 -42.30 35.00 -35.84
CA GLU D 1010 -42.17 36.42 -35.50
C GLU D 1010 -43.51 37.06 -35.13
N GLU D 1011 -44.61 36.58 -35.72
CA GLU D 1011 -45.90 37.23 -35.52
C GLU D 1011 -46.51 36.91 -34.15
N ASP D 1012 -46.26 35.71 -33.62
CA ASP D 1012 -46.89 35.31 -32.37
C ASP D 1012 -46.46 36.19 -31.20
N CYS D 1013 -45.18 36.53 -31.13
CA CYS D 1013 -44.70 37.42 -30.08
C CYS D 1013 -45.16 38.85 -30.27
N SER D 1014 -45.67 39.20 -31.45
CA SER D 1014 -46.19 40.53 -31.74
C SER D 1014 -45.17 41.62 -31.47
N LEU D 1015 -43.92 41.37 -31.89
CA LEU D 1015 -42.86 42.36 -31.72
C LEU D 1015 -43.08 43.58 -32.61
N ALA D 1016 -43.85 43.44 -33.69
CA ALA D 1016 -44.09 44.57 -34.58
C ALA D 1016 -44.84 45.70 -33.87
N THR D 1017 -45.84 45.34 -33.06
CA THR D 1017 -46.64 46.34 -32.37
C THR D 1017 -45.98 46.87 -31.10
N LEU D 1018 -44.87 46.27 -30.67
CA LEU D 1018 -44.16 46.72 -29.48
C LEU D 1018 -43.11 47.77 -29.79
N VAL D 1019 -42.68 47.89 -31.05
CA VAL D 1019 -41.67 48.86 -31.44
C VAL D 1019 -42.27 50.16 -31.97
N GLN D 1020 -43.59 50.23 -32.13
CA GLN D 1020 -44.23 51.43 -32.67
C GLN D 1020 -44.41 52.52 -31.61
N ASN D 1021 -44.26 52.21 -30.34
CA ASN D 1021 -44.38 53.22 -29.29
C ASN D 1021 -43.17 54.14 -29.37
N GLN D 1022 -43.39 55.41 -29.03
CA GLN D 1022 -42.33 56.40 -29.13
C GLN D 1022 -41.31 56.28 -28.01
N TYR D 1023 -41.71 55.80 -26.84
CA TYR D 1023 -40.80 55.70 -25.70
C TYR D 1023 -40.06 54.37 -25.64
N VAL D 1024 -40.38 53.44 -26.54
CA VAL D 1024 -39.75 52.12 -26.53
C VAL D 1024 -38.79 51.93 -27.70
N ARG D 1025 -39.03 52.58 -28.83
CA ARG D 1025 -38.17 52.38 -30.00
C ARG D 1025 -36.72 52.77 -29.75
N PRO D 1026 -36.39 53.97 -29.25
CA PRO D 1026 -34.98 54.33 -29.08
C PRO D 1026 -34.25 53.42 -28.10
N TRP D 1027 -34.96 52.83 -27.14
CA TRP D 1027 -34.33 51.93 -26.18
C TRP D 1027 -33.71 50.72 -26.89
N PHE D 1028 -34.41 50.20 -27.90
CA PHE D 1028 -33.92 49.02 -28.61
C PHE D 1028 -32.60 49.31 -29.31
N GLU D 1029 -32.50 50.47 -29.98
CA GLU D 1029 -31.23 50.82 -30.64
C GLU D 1029 -30.16 51.18 -29.63
N ARG D 1030 -30.54 51.77 -28.49
CA ARG D 1030 -29.55 52.07 -27.46
C ARG D 1030 -28.93 50.80 -26.89
N LYS D 1031 -29.76 49.77 -26.66
CA LYS D 1031 -29.29 48.54 -26.06
C LYS D 1031 -28.87 47.49 -27.09
N GLY D 1032 -29.02 47.79 -28.39
CA GLY D 1032 -28.59 46.87 -29.41
C GLY D 1032 -29.50 45.68 -29.63
N PHE D 1033 -30.76 45.76 -29.22
CA PHE D 1033 -31.69 44.66 -29.39
C PHE D 1033 -32.13 44.55 -30.85
N ALA D 1034 -32.76 43.42 -31.16
CA ALA D 1034 -33.18 43.10 -32.52
C ALA D 1034 -34.65 43.46 -32.69
N CYS D 1035 -34.93 44.30 -33.68
CA CYS D 1035 -36.30 44.73 -33.97
C CYS D 1035 -36.99 43.85 -35.00
N SER D 1036 -36.30 42.85 -35.54
CA SER D 1036 -36.89 41.95 -36.51
C SER D 1036 -36.13 40.64 -36.49
N TRP D 1037 -36.80 39.57 -36.89
CA TRP D 1037 -36.23 38.22 -36.91
C TRP D 1037 -35.70 37.93 -38.30
N GLN D 1038 -34.37 37.87 -38.41
CA GLN D 1038 -33.75 37.54 -39.69
C GLN D 1038 -34.07 36.11 -40.09
N LYS D 1039 -34.20 35.89 -41.39
CA LYS D 1039 -34.57 34.57 -41.91
C LYS D 1039 -33.32 33.69 -41.97
N GLU D 1040 -33.15 32.84 -40.95
CA GLU D 1040 -32.05 31.90 -40.91
C GLU D 1040 -32.57 30.57 -40.39
N ALA D 1041 -31.86 29.50 -40.73
CA ALA D 1041 -32.29 28.14 -40.39
C ALA D 1041 -31.79 27.70 -39.02
N ASN D 1042 -32.02 28.54 -38.01
CA ASN D 1042 -31.67 28.19 -36.63
C ASN D 1042 -32.53 29.08 -35.72
N VAL D 1043 -33.48 28.49 -35.02
CA VAL D 1043 -34.48 29.24 -34.26
C VAL D 1043 -34.47 28.74 -32.83
N MET D 1044 -35.06 29.54 -31.94
CA MET D 1044 -35.14 29.20 -30.53
C MET D 1044 -35.94 27.92 -30.32
N THR D 1045 -35.55 27.15 -29.31
CA THR D 1045 -36.28 25.95 -28.94
C THR D 1045 -37.62 26.33 -28.30
N PRO D 1046 -38.60 25.42 -28.32
CA PRO D 1046 -39.91 25.75 -27.72
C PRO D 1046 -39.84 26.13 -26.26
N ILE D 1047 -38.92 25.54 -25.49
CA ILE D 1047 -38.81 25.86 -24.07
C ILE D 1047 -38.29 27.27 -23.86
N MET D 1048 -37.38 27.73 -24.72
CA MET D 1048 -36.78 29.04 -24.57
C MET D 1048 -37.62 30.16 -25.21
N PHE D 1049 -38.73 29.82 -25.86
CA PHE D 1049 -39.58 30.83 -26.48
C PHE D 1049 -40.71 31.28 -25.58
N THR D 1050 -41.05 30.51 -24.56
CA THR D 1050 -42.18 30.82 -23.67
C THR D 1050 -41.75 31.28 -22.29
N ASN D 1051 -40.74 30.64 -21.69
CA ASN D 1051 -40.39 30.89 -20.30
C ASN D 1051 -39.31 31.95 -20.12
N ILE D 1052 -38.68 32.43 -21.20
CA ILE D 1052 -37.54 33.33 -21.10
C ILE D 1052 -37.76 34.61 -21.92
N TYR D 1053 -38.07 34.46 -23.21
CA TYR D 1053 -38.11 35.61 -24.11
C TYR D 1053 -39.22 36.58 -23.73
N LYS D 1054 -40.41 36.06 -23.42
CA LYS D 1054 -41.55 36.93 -23.15
C LYS D 1054 -41.32 37.77 -21.90
N GLY D 1055 -40.78 37.18 -20.85
CA GLY D 1055 -40.51 37.95 -19.64
C GLY D 1055 -39.50 39.05 -19.86
N ALA D 1056 -38.44 38.76 -20.62
CA ALA D 1056 -37.45 39.78 -20.92
C ALA D 1056 -38.05 40.91 -21.73
N LEU D 1057 -38.86 40.59 -22.74
CA LEU D 1057 -39.50 41.63 -23.54
C LEU D 1057 -40.42 42.50 -22.68
N GLY D 1058 -41.23 41.86 -21.83
CA GLY D 1058 -42.12 42.62 -20.97
C GLY D 1058 -41.38 43.52 -20.00
N GLU D 1059 -40.33 42.99 -19.38
CA GLU D 1059 -39.54 43.80 -18.44
C GLU D 1059 -38.89 44.98 -19.15
N GLN D 1060 -38.32 44.75 -20.33
CA GLN D 1060 -37.70 45.84 -21.07
C GLN D 1060 -38.72 46.90 -21.46
N ALA D 1061 -39.89 46.48 -21.92
CA ALA D 1061 -40.92 47.44 -22.32
C ALA D 1061 -41.39 48.27 -21.13
N VAL D 1062 -41.64 47.62 -20.00
CA VAL D 1062 -42.12 48.35 -18.83
C VAL D 1062 -41.03 49.27 -18.29
N GLU D 1063 -39.78 48.83 -18.33
CA GLU D 1063 -38.68 49.68 -17.89
C GLU D 1063 -38.57 50.91 -18.79
N ALA D 1064 -38.69 50.73 -20.10
CA ALA D 1064 -38.60 51.86 -21.02
C ALA D 1064 -39.74 52.85 -20.77
N VAL D 1065 -40.96 52.35 -20.66
CA VAL D 1065 -42.10 53.27 -20.53
C VAL D 1065 -42.06 53.99 -19.20
N LEU D 1066 -41.61 53.33 -18.13
CA LEU D 1066 -41.56 54.00 -16.84
C LEU D 1066 -40.36 54.94 -16.73
N THR D 1067 -39.22 54.58 -17.32
CA THR D 1067 -38.05 55.45 -17.30
C THR D 1067 -38.23 56.67 -18.19
N ALA D 1068 -39.10 56.57 -19.20
CA ALA D 1068 -39.43 57.74 -19.99
C ALA D 1068 -40.03 58.84 -19.13
N PHE D 1069 -40.92 58.46 -18.21
CA PHE D 1069 -41.44 59.40 -17.23
C PHE D 1069 -40.44 59.59 -16.09
N ASP D 1070 -40.84 60.38 -15.10
CA ASP D 1070 -39.99 60.67 -13.95
C ASP D 1070 -40.08 59.49 -12.97
N PHE D 1071 -39.19 58.52 -13.16
CA PHE D 1071 -39.16 57.33 -12.31
C PHE D 1071 -37.73 56.81 -12.25
N THR D 1072 -37.45 56.04 -11.19
CA THR D 1072 -36.13 55.47 -10.97
C THR D 1072 -36.26 53.97 -10.73
N PHE D 1073 -35.17 53.24 -11.01
CA PHE D 1073 -35.14 51.79 -10.82
C PHE D 1073 -33.79 51.39 -10.26
N GLU D 1074 -33.77 50.23 -9.61
CA GLU D 1074 -32.55 49.70 -8.99
C GLU D 1074 -32.64 48.18 -9.04
N GLU D 1075 -31.77 47.51 -8.27
CA GLU D 1075 -31.71 46.06 -8.22
C GLU D 1075 -32.07 45.57 -6.83
N VAL D 1076 -32.74 44.41 -6.79
CA VAL D 1076 -33.23 43.83 -5.54
C VAL D 1076 -32.10 43.13 -4.81
N PRO D 1077 -32.21 42.91 -3.49
CA PRO D 1077 -31.16 42.19 -2.76
C PRO D 1077 -31.13 40.69 -3.08
N ASN D 1078 -30.23 39.96 -2.42
CA ASN D 1078 -30.02 38.56 -2.76
C ASN D 1078 -31.17 37.68 -2.28
N SER D 1079 -31.66 37.90 -1.06
CA SER D 1079 -32.65 37.01 -0.47
C SER D 1079 -33.99 37.06 -1.19
N ILE D 1080 -34.28 38.13 -1.91
CA ILE D 1080 -35.55 38.28 -2.60
C ILE D 1080 -35.40 38.10 -4.11
N TYR D 1081 -34.25 37.57 -4.55
CA TYR D 1081 -34.02 37.38 -5.97
C TYR D 1081 -35.03 36.40 -6.57
N GLU D 1082 -35.44 36.69 -7.81
CA GLU D 1082 -36.41 35.94 -8.61
C GLU D 1082 -37.82 36.00 -8.06
N ARG D 1083 -38.04 36.66 -6.91
CA ARG D 1083 -39.38 36.85 -6.38
C ARG D 1083 -39.98 38.21 -6.77
N PHE D 1084 -39.21 39.07 -7.43
CA PHE D 1084 -39.68 40.37 -7.85
C PHE D 1084 -38.86 40.81 -9.05
N ASP D 1085 -39.23 41.96 -9.62
CA ASP D 1085 -38.54 42.48 -10.80
C ASP D 1085 -37.44 43.46 -10.43
N ASN D 1086 -37.80 44.55 -9.77
CA ASN D 1086 -36.85 45.61 -9.45
C ASN D 1086 -37.32 46.33 -8.19
N ARG D 1087 -36.67 47.46 -7.89
CA ARG D 1087 -37.04 48.33 -6.77
C ARG D 1087 -37.14 49.76 -7.27
N VAL D 1088 -38.16 50.47 -6.82
CA VAL D 1088 -38.43 51.83 -7.25
C VAL D 1088 -38.44 52.75 -6.04
N ILE D 1089 -37.73 53.87 -6.13
CA ILE D 1089 -37.69 54.89 -5.08
C ILE D 1089 -37.88 56.26 -5.73
N PHE D 1090 -38.75 57.07 -5.16
CA PHE D 1090 -39.03 58.38 -5.72
C PHE D 1090 -39.74 59.23 -4.68
N ALA D 1091 -39.55 60.55 -4.79
CA ALA D 1091 -40.20 61.57 -3.98
C ALA D 1091 -39.80 61.52 -2.50
N GLY D 1092 -38.81 60.72 -2.14
CA GLY D 1092 -38.34 60.65 -0.77
C GLY D 1092 -39.14 59.74 0.14
N ILE D 1093 -40.22 59.15 -0.34
CA ILE D 1093 -40.99 58.18 0.44
C ILE D 1093 -40.27 56.83 0.32
N GLU D 1094 -39.61 56.42 1.41
CA GLU D 1094 -38.74 55.24 1.32
C GLU D 1094 -39.56 53.98 1.15
N GLN D 1095 -40.32 53.59 2.20
CA GLN D 1095 -41.39 52.59 2.18
C GLN D 1095 -41.13 51.50 1.14
N PRO D 1096 -40.07 50.69 1.29
CA PRO D 1096 -39.54 49.88 0.18
C PRO D 1096 -40.58 49.26 -0.74
N ILE D 1097 -40.42 49.47 -2.06
CA ILE D 1097 -41.40 49.10 -3.06
C ILE D 1097 -40.76 48.13 -4.05
N TRP D 1098 -41.54 47.13 -4.47
CA TRP D 1098 -41.15 46.22 -5.54
C TRP D 1098 -42.33 46.02 -6.48
N LEU D 1099 -42.04 45.64 -7.72
CA LEU D 1099 -43.05 45.48 -8.74
C LEU D 1099 -42.84 44.17 -9.49
N ASP D 1100 -43.89 43.75 -10.20
CA ASP D 1100 -43.85 42.58 -11.06
C ASP D 1100 -44.45 42.94 -12.41
N SER D 1101 -44.06 42.21 -13.44
CA SER D 1101 -44.48 42.52 -14.80
C SER D 1101 -44.93 41.24 -15.50
N LYS D 1102 -45.79 41.42 -16.50
CA LYS D 1102 -46.28 40.34 -17.34
C LYS D 1102 -46.34 40.84 -18.78
N TYR D 1103 -45.85 40.02 -19.72
CA TYR D 1103 -45.84 40.42 -21.12
C TYR D 1103 -47.26 40.58 -21.65
N TRP D 1104 -48.14 39.64 -21.34
CA TRP D 1104 -49.53 39.66 -21.75
C TRP D 1104 -50.42 39.55 -20.53
N LYS D 1105 -51.73 39.35 -20.77
CA LYS D 1105 -52.68 39.08 -19.69
C LYS D 1105 -52.59 37.61 -19.30
N HIS D 1106 -51.41 37.25 -18.81
CA HIS D 1106 -51.12 35.85 -18.48
C HIS D 1106 -51.87 35.45 -17.21
N GLU D 1107 -52.59 34.33 -17.29
CA GLU D 1107 -53.30 33.78 -16.14
C GLU D 1107 -52.48 32.62 -15.61
N GLY D 1108 -51.55 32.92 -14.72
CA GLY D 1108 -50.69 31.90 -14.16
C GLY D 1108 -51.41 30.91 -13.27
N ASN D 1109 -52.62 31.25 -12.83
CA ASN D 1109 -53.47 30.39 -11.99
C ASN D 1109 -52.79 30.03 -10.67
N GLU D 1110 -51.82 30.83 -10.24
CA GLU D 1110 -51.17 30.60 -8.96
C GLU D 1110 -52.14 30.93 -7.82
N SER D 1111 -52.17 30.05 -6.82
CA SER D 1111 -53.08 30.25 -5.70
C SER D 1111 -52.69 31.49 -4.92
N SER D 1112 -53.71 32.16 -4.36
CA SER D 1112 -53.46 33.34 -3.55
C SER D 1112 -52.66 33.04 -2.30
N GLU D 1113 -52.60 31.77 -1.89
CA GLU D 1113 -51.79 31.40 -0.74
C GLU D 1113 -50.31 31.66 -0.99
N GLY D 1114 -49.82 31.35 -2.18
CA GLY D 1114 -48.43 31.60 -2.49
C GLY D 1114 -48.09 33.08 -2.52
N TYR D 1115 -48.97 33.89 -3.13
CA TYR D 1115 -48.75 35.33 -3.15
C TYR D 1115 -48.78 35.91 -1.74
N SER D 1116 -49.72 35.44 -0.91
CA SER D 1116 -49.78 35.90 0.48
C SER D 1116 -48.52 35.50 1.25
N SER D 1117 -48.03 34.28 1.01
CA SER D 1117 -46.80 33.86 1.68
C SER D 1117 -45.61 34.71 1.25
N LYS D 1118 -45.51 35.02 -0.04
CA LYS D 1118 -44.44 35.89 -0.51
C LYS D 1118 -44.53 37.28 0.11
N ILE D 1119 -45.75 37.83 0.18
CA ILE D 1119 -45.93 39.16 0.76
C ILE D 1119 -45.57 39.14 2.24
N ALA D 1120 -45.97 38.09 2.95
CA ALA D 1120 -45.64 37.98 4.37
C ALA D 1120 -44.14 37.84 4.58
N LEU D 1121 -43.47 37.05 3.74
CA LEU D 1121 -42.02 36.93 3.84
C LEU D 1121 -41.34 38.26 3.61
N VAL D 1122 -41.81 39.02 2.61
CA VAL D 1122 -41.25 40.34 2.35
C VAL D 1122 -41.48 41.26 3.55
N GLU D 1123 -42.68 41.23 4.12
CA GLU D 1123 -43.00 42.10 5.24
C GLU D 1123 -42.13 41.80 6.45
N GLU D 1124 -42.08 40.53 6.86
CA GLU D 1124 -41.21 40.16 7.97
C GLU D 1124 -39.74 40.37 7.66
N GLU D 1125 -39.37 40.45 6.37
CA GLU D 1125 -38.00 40.80 6.04
C GLU D 1125 -37.70 42.26 6.35
N PHE D 1126 -38.60 43.16 5.93
CA PHE D 1126 -38.39 44.60 6.12
C PHE D 1126 -39.46 45.25 6.98
N GLY D 1127 -40.74 45.09 6.63
CA GLY D 1127 -41.82 45.73 7.33
C GLY D 1127 -42.88 46.27 6.40
N PRO D 1128 -43.36 47.49 6.66
CA PRO D 1128 -44.34 48.11 5.77
C PRO D 1128 -43.78 48.29 4.37
N SER D 1129 -44.63 48.11 3.37
CA SER D 1129 -44.18 48.14 1.98
C SER D 1129 -45.38 48.38 1.08
N LYS D 1130 -45.09 48.55 -0.21
CA LYS D 1130 -46.11 48.69 -1.25
C LYS D 1130 -45.74 47.78 -2.42
N PHE D 1131 -46.75 47.18 -3.04
CA PHE D 1131 -46.55 46.26 -4.14
C PHE D 1131 -47.39 46.68 -5.34
N ILE D 1132 -46.83 46.53 -6.53
CA ILE D 1132 -47.48 46.93 -7.77
C ILE D 1132 -47.38 45.78 -8.77
N TYR D 1133 -48.50 45.45 -9.41
CA TYR D 1133 -48.54 44.44 -10.46
C TYR D 1133 -48.94 45.12 -11.76
N VAL D 1134 -48.15 44.91 -12.82
CA VAL D 1134 -48.31 45.63 -14.07
C VAL D 1134 -48.39 44.65 -15.22
N ASN D 1135 -49.32 44.91 -16.14
CA ASN D 1135 -49.39 44.22 -17.42
C ASN D 1135 -48.79 45.14 -18.48
N ALA D 1136 -48.17 44.53 -19.50
CA ALA D 1136 -47.48 45.32 -20.52
C ALA D 1136 -48.40 45.63 -21.69
N LEU D 1137 -48.92 44.59 -22.35
CA LEU D 1137 -49.74 44.76 -23.54
C LEU D 1137 -51.15 44.23 -23.28
N GLY D 1138 -52.14 44.97 -23.75
CA GLY D 1138 -53.52 44.56 -23.54
C GLY D 1138 -54.47 45.65 -24.01
N ASP D 1139 -55.69 45.61 -23.48
CA ASP D 1139 -56.74 46.57 -23.81
C ASP D 1139 -56.86 47.58 -22.68
N THR D 1140 -56.76 48.86 -23.03
CA THR D 1140 -56.81 49.94 -22.04
C THR D 1140 -58.22 50.51 -21.94
N SER D 1141 -59.16 49.65 -21.53
CA SER D 1141 -60.54 50.07 -21.35
C SER D 1141 -61.17 49.44 -20.11
N LYS D 1142 -60.35 49.19 -19.08
CA LYS D 1142 -60.82 48.55 -17.86
C LYS D 1142 -60.44 49.39 -16.65
N PRO D 1143 -61.21 49.28 -15.57
CA PRO D 1143 -60.88 50.08 -14.37
C PRO D 1143 -59.65 49.55 -13.64
N ILE D 1144 -59.20 50.29 -12.63
CA ILE D 1144 -58.00 49.94 -11.86
C ILE D 1144 -58.46 49.15 -10.64
N ARG D 1145 -58.00 47.91 -10.54
CA ARG D 1145 -58.39 47.04 -9.43
C ARG D 1145 -57.42 47.19 -8.27
N TYR D 1146 -57.97 47.14 -7.05
CA TYR D 1146 -57.19 47.27 -5.83
C TYR D 1146 -57.36 46.02 -4.99
N LEU D 1147 -56.34 45.70 -4.20
CA LEU D 1147 -56.36 44.52 -3.34
C LEU D 1147 -55.79 44.90 -1.97
N ASN D 1148 -56.10 44.06 -0.98
CA ASN D 1148 -55.61 44.28 0.38
C ASN D 1148 -54.65 43.18 0.83
N SER D 1149 -55.06 41.93 0.77
CA SER D 1149 -54.21 40.80 1.13
C SER D 1149 -54.16 39.72 0.06
N CYS D 1150 -55.27 39.49 -0.64
CA CYS D 1150 -55.34 38.50 -1.71
C CYS D 1150 -56.23 39.07 -2.81
N PHE D 1151 -56.64 38.21 -3.73
CA PHE D 1151 -57.54 38.61 -4.82
C PHE D 1151 -58.99 38.68 -4.31
N VAL D 1152 -59.20 39.54 -3.32
CA VAL D 1152 -60.50 39.67 -2.68
C VAL D 1152 -60.92 41.14 -2.63
N GLU D 1153 -60.12 42.02 -3.25
CA GLU D 1153 -60.40 43.44 -3.34
C GLU D 1153 -60.47 44.12 -1.98
N THR D 1154 -60.74 45.41 -1.96
CA THR D 1154 -60.80 46.19 -0.73
C THR D 1154 -61.43 47.55 -1.04
N SER D 1155 -61.63 48.33 0.01
CA SER D 1155 -62.15 49.68 -0.12
C SER D 1155 -61.05 50.63 -0.61
N PRO D 1156 -61.42 51.73 -1.26
CA PRO D 1156 -60.41 52.67 -1.75
C PRO D 1156 -59.53 53.20 -0.64
N GLN D 1157 -58.24 53.34 -0.95
CA GLN D 1157 -57.20 53.90 -0.09
C GLN D 1157 -56.85 52.94 1.06
N LEU D 1158 -57.64 51.89 1.22
CA LEU D 1158 -57.27 50.79 2.12
C LEU D 1158 -56.74 49.61 1.31
N ALA D 1159 -55.70 49.87 0.52
CA ALA D 1159 -55.21 48.91 -0.46
C ALA D 1159 -53.70 48.77 -0.37
N LYS D 1160 -53.21 47.63 -0.85
CA LYS D 1160 -51.79 47.33 -0.86
C LYS D 1160 -51.25 46.91 -2.22
N VAL D 1161 -52.10 46.49 -3.15
CA VAL D 1161 -51.68 46.00 -4.47
C VAL D 1161 -52.58 46.63 -5.52
N ILE D 1162 -51.96 47.08 -6.63
CA ILE D 1162 -52.68 47.69 -7.73
C ILE D 1162 -52.54 46.80 -8.96
N GLU D 1163 -53.61 46.70 -9.73
CA GLU D 1163 -53.61 45.97 -10.99
C GLU D 1163 -54.00 46.91 -12.12
N ILE D 1164 -53.11 47.06 -13.08
CA ILE D 1164 -53.35 47.87 -14.27
C ILE D 1164 -53.56 46.93 -15.45
N PRO D 1165 -54.75 46.91 -16.07
CA PRO D 1165 -54.99 45.96 -17.16
C PRO D 1165 -54.01 46.07 -18.32
N ALA D 1166 -53.60 47.27 -18.69
CA ALA D 1166 -52.69 47.43 -19.81
C ALA D 1166 -52.02 48.80 -19.74
N LEU D 1167 -50.88 48.90 -20.40
CA LEU D 1167 -50.13 50.15 -20.50
C LEU D 1167 -49.98 50.64 -21.93
N ILE D 1168 -49.91 49.74 -22.90
CA ILE D 1168 -49.79 50.08 -24.31
C ILE D 1168 -50.95 49.42 -25.05
N ASP D 1169 -51.60 50.17 -25.94
CA ASP D 1169 -52.74 49.66 -26.67
C ASP D 1169 -52.33 48.50 -27.58
N ASP D 1170 -53.20 47.51 -27.70
CA ASP D 1170 -52.92 46.33 -28.51
C ASP D 1170 -53.18 46.54 -29.99
N SER D 1171 -53.77 47.68 -30.38
CA SER D 1171 -54.10 47.95 -31.77
C SER D 1171 -53.39 49.18 -32.31
N ASN D 1172 -53.41 50.29 -31.57
CA ASN D 1172 -52.79 51.53 -32.00
C ASN D 1172 -51.48 51.82 -31.29
N ALA D 1173 -51.08 50.96 -30.35
CA ALA D 1173 -49.82 51.12 -29.60
C ALA D 1173 -49.75 52.49 -28.93
N ASP D 1174 -50.87 52.93 -28.36
CA ASP D 1174 -50.93 54.22 -27.68
C ASP D 1174 -50.38 54.07 -26.26
N THR D 1175 -50.55 55.10 -25.44
CA THR D 1175 -50.06 55.11 -24.07
C THR D 1175 -51.19 55.50 -23.13
N ASN D 1176 -51.21 54.90 -21.95
CA ASN D 1176 -52.23 55.15 -20.94
C ASN D 1176 -51.63 56.00 -19.83
N ARG D 1177 -51.66 57.32 -20.06
CA ARG D 1177 -51.12 58.25 -19.07
C ARG D 1177 -51.98 58.26 -17.80
N THR D 1178 -53.30 58.09 -17.96
CA THR D 1178 -54.21 58.15 -16.81
C THR D 1178 -53.83 57.13 -15.76
N ALA D 1179 -53.39 55.94 -16.18
CA ALA D 1179 -52.92 54.93 -15.24
C ALA D 1179 -51.70 55.42 -14.47
N VAL D 1180 -50.79 56.10 -15.15
CA VAL D 1180 -49.59 56.61 -14.49
C VAL D 1180 -49.97 57.65 -13.44
N GLN D 1181 -50.86 58.57 -13.79
CA GLN D 1181 -51.29 59.57 -12.82
C GLN D 1181 -52.04 58.94 -11.64
N GLU D 1182 -52.86 57.92 -11.91
CA GLU D 1182 -53.55 57.23 -10.82
C GLU D 1182 -52.56 56.54 -9.88
N LEU D 1183 -51.54 55.89 -10.44
CA LEU D 1183 -50.53 55.26 -9.61
C LEU D 1183 -49.75 56.28 -8.79
N ILE D 1184 -49.43 57.43 -9.41
CA ILE D 1184 -48.75 58.50 -8.69
C ILE D 1184 -49.63 59.02 -7.56
N LYS D 1185 -50.94 59.17 -7.83
CA LYS D 1185 -51.87 59.63 -6.81
C LYS D 1185 -51.94 58.65 -5.64
N TRP D 1186 -51.94 57.35 -5.92
CA TRP D 1186 -51.88 56.39 -4.82
C TRP D 1186 -50.57 56.55 -4.05
N LEU D 1187 -49.45 56.69 -4.77
CA LEU D 1187 -48.15 56.76 -4.11
C LEU D 1187 -48.08 57.96 -3.18
N HIS D 1188 -48.63 59.11 -3.59
CA HIS D 1188 -48.60 60.30 -2.75
C HIS D 1188 -49.42 60.12 -1.49
N HIS D 1189 -50.60 59.49 -1.60
CA HIS D 1189 -51.51 59.33 -0.47
C HIS D 1189 -51.25 57.98 0.20
N SER D 1190 -50.62 58.01 1.37
CA SER D 1190 -50.34 56.80 2.11
C SER D 1190 -50.46 57.02 3.61
#